data_4Z0C
#
_entry.id   4Z0C
#
_cell.length_a   112.549
_cell.length_b   115.209
_cell.length_c   167.611
_cell.angle_alpha   90.00
_cell.angle_beta   90.00
_cell.angle_gamma   90.00
#
_symmetry.space_group_name_H-M   'P 21 21 21'
#
loop_
_entity.id
_entity.type
_entity.pdbx_description
1 polymer 'Toll-like receptor 13'
2 polymer "DNA (5'-R(P*AP*CP*GP*GP*AP*AP*AP*GP*AP*CP*CP*CP*C)-3')"
3 branched 2-acetamido-2-deoxy-beta-D-glucopyranose-(1-4)-2-acetamido-2-deoxy-beta-D-glucopyranose
4 non-polymer 2-acetamido-2-deoxy-beta-D-glucopyranose
5 water water
#
loop_
_entity_poly.entity_id
_entity_poly.type
_entity_poly.pdbx_seq_one_letter_code
_entity_poly.pdbx_strand_id
1 'polypeptide(L)'
;YGFNKCTQYEFDIHHVLCIRKKITNLTEAISDIPRYTTHLNLTHNEIQVLPPWSFTNLSALVDLRLEWNSIWKIDEGAFR
GLENLTLLNLVENKIQSVNNSFEGLSSLKTLLLSHNQITHIHKDAFTPLIKLKYLSLSRNNISDFSGILEAVQHLPCLER
LDLTNNSIMYLDHSPRSLVSLTHLSFEGNKLRELNFSALSLPNLTNLSASRNGNKVIQNVYLKTLPQLKSLNLSGTVIKL
ENLSAKHLQNLRAMDLSNWELRHGHLDMKTVCHLLGNLPKLETLVFQKNVTNAEGIKQLAKCTRLLFLDLGQNSDLIYLN
DSEFNALPSLQKLNLNKCQLSFINNRTWSSLQNLTSLDLSHNKFKSFPDFAFSPLKHLEFLSLSRNPITELNNLAFSGLF
ALKELNLAACWIVTIDRYSFTQFPNLEVLDLGDNNIRTLNHGTFRPLKKLQSLILSHNCLKILEPNSFSGLTNLRSLDLM
YNSLSYFHEHLFSGLEKLLILKLGFNKITYETTRTLQYPPFIKLKSLKQLNLEGQRHGIQVVPSNFFQGLGSLQELLLGK
NPSVFLDHHQFDPLINLTKLDISGTKDGDRSLYLNASLFQNLKRLKILRLENNNLESLVPDMFSSLQSLQVFSLRFNNLK
VINQSHLKNLKSLMFFDVYGNKLQCTCDNLWFKNWSMNTEEVHIPFLRSYPCQQPGSQSLLIDFDDAMC
;
A,D
2 'polyribonucleotide' ACGGAAAGACCCC B,C
#
loop_
_chem_comp.id
_chem_comp.type
_chem_comp.name
_chem_comp.formula
A RNA linking ADENOSINE-5'-MONOPHOSPHATE 'C10 H14 N5 O7 P'
C RNA linking CYTIDINE-5'-MONOPHOSPHATE 'C9 H14 N3 O8 P'
G RNA linking GUANOSINE-5'-MONOPHOSPHATE 'C10 H14 N5 O8 P'
NAG D-saccharide, beta linking 2-acetamido-2-deoxy-beta-D-glucopyranose 'C8 H15 N O6'
#
# COMPACT_ATOMS: atom_id res chain seq x y z
N TYR A 1 33.83 -3.43 -25.16
CA TYR A 1 32.83 -4.47 -25.06
C TYR A 1 31.60 -3.91 -24.36
N GLY A 2 30.87 -3.16 -25.15
CA GLY A 2 29.60 -2.57 -24.78
C GLY A 2 29.20 -1.97 -26.09
N PHE A 3 27.90 -1.94 -26.36
CA PHE A 3 27.41 -1.44 -27.63
C PHE A 3 26.76 -0.09 -27.40
N ASN A 4 26.14 0.45 -28.44
CA ASN A 4 25.53 1.77 -28.36
C ASN A 4 24.04 1.70 -27.99
N LYS A 5 23.24 1.11 -28.86
CA LYS A 5 21.78 1.08 -28.70
C LYS A 5 21.27 -0.20 -28.03
N CYS A 6 22.08 -1.25 -28.05
CA CYS A 6 21.67 -2.59 -27.63
C CYS A 6 22.48 -3.07 -26.43
N THR A 7 21.97 -4.06 -25.71
CA THR A 7 22.77 -4.68 -24.66
C THR A 7 22.67 -6.19 -24.72
N GLN A 8 23.69 -6.86 -24.22
CA GLN A 8 23.57 -8.30 -24.02
C GLN A 8 22.75 -8.60 -22.77
N TYR A 9 22.12 -9.76 -22.79
CA TYR A 9 21.41 -10.31 -21.64
C TYR A 9 22.42 -10.82 -20.62
N GLU A 10 22.20 -10.50 -19.36
CA GLU A 10 23.17 -10.75 -18.31
C GLU A 10 23.54 -12.23 -18.15
N PHE A 11 22.61 -13.13 -18.46
CA PHE A 11 22.84 -14.56 -18.21
C PHE A 11 22.97 -15.39 -19.50
N ASP A 12 23.04 -14.71 -20.65
CA ASP A 12 23.42 -15.36 -21.91
C ASP A 12 23.90 -14.34 -22.95
N ILE A 13 25.23 -14.26 -23.16
CA ILE A 13 25.84 -13.31 -24.13
C ILE A 13 25.26 -13.40 -25.56
N HIS A 14 24.65 -14.52 -25.92
CA HIS A 14 24.07 -14.69 -27.27
C HIS A 14 22.70 -13.99 -27.44
N HIS A 15 22.17 -13.43 -26.36
CA HIS A 15 20.89 -12.73 -26.43
C HIS A 15 21.11 -11.23 -26.40
N VAL A 16 20.55 -10.51 -27.37
CA VAL A 16 20.76 -9.06 -27.44
C VAL A 16 19.44 -8.30 -27.41
N LEU A 17 19.37 -7.27 -26.57
CA LEU A 17 18.15 -6.49 -26.38
C LEU A 17 18.34 -5.04 -26.81
N CYS A 18 17.43 -4.52 -27.62
CA CYS A 18 17.49 -3.12 -28.05
C CYS A 18 16.06 -2.59 -27.97
N ILE A 19 15.53 -2.59 -26.75
CA ILE A 19 14.10 -2.33 -26.52
C ILE A 19 13.83 -0.90 -26.08
N ARG A 20 12.90 -0.24 -26.77
CA ARG A 20 12.47 1.12 -26.41
C ARG A 20 13.64 2.08 -26.46
N LYS A 21 14.35 2.08 -27.59
CA LYS A 21 15.50 2.97 -27.75
C LYS A 21 15.26 4.00 -28.85
N LYS A 22 14.01 4.16 -29.27
CA LYS A 22 13.68 5.12 -30.33
C LYS A 22 14.49 4.88 -31.60
N ILE A 23 14.87 3.63 -31.82
CA ILE A 23 15.67 3.26 -32.98
C ILE A 23 14.91 3.49 -34.26
N THR A 24 15.57 4.15 -35.20
CA THR A 24 14.92 4.46 -36.45
C THR A 24 15.69 3.89 -37.63
N ASN A 25 16.99 3.71 -37.45
CA ASN A 25 17.87 3.14 -38.47
C ASN A 25 18.38 1.75 -38.05
N LEU A 26 17.78 0.72 -38.65
CA LEU A 26 18.03 -0.66 -38.26
C LEU A 26 19.51 -1.07 -38.38
N THR A 27 20.09 -0.80 -39.54
CA THR A 27 21.49 -1.12 -39.81
C THR A 27 22.49 -0.48 -38.84
N GLU A 28 22.39 0.83 -38.62
CA GLU A 28 23.25 1.51 -37.65
C GLU A 28 23.14 0.88 -36.27
N ALA A 29 21.91 0.71 -35.79
CA ALA A 29 21.66 0.19 -34.46
C ALA A 29 22.34 -1.17 -34.22
N ILE A 30 22.34 -2.06 -35.19
CA ILE A 30 22.93 -3.36 -34.93
C ILE A 30 24.38 -3.53 -35.42
N SER A 31 24.99 -2.47 -35.94
CA SER A 31 26.33 -2.55 -36.55
C SER A 31 27.47 -2.94 -35.59
N ASP A 32 27.29 -2.68 -34.31
CA ASP A 32 28.34 -2.95 -33.34
C ASP A 32 28.14 -4.20 -32.49
N ILE A 33 27.15 -5.02 -32.84
CA ILE A 33 26.83 -6.19 -32.01
C ILE A 33 27.53 -7.46 -32.51
N PRO A 34 27.81 -8.42 -31.60
CA PRO A 34 28.67 -9.56 -31.96
C PRO A 34 28.10 -10.49 -33.03
N ARG A 35 29.02 -11.13 -33.73
CA ARG A 35 28.66 -12.06 -34.80
C ARG A 35 28.09 -13.36 -34.22
N TYR A 36 28.36 -13.62 -32.93
CA TYR A 36 27.85 -14.85 -32.30
C TYR A 36 26.42 -14.73 -31.74
N THR A 37 25.78 -13.59 -32.00
CA THR A 37 24.43 -13.32 -31.51
C THR A 37 23.39 -14.29 -32.08
N THR A 38 22.70 -15.01 -31.21
CA THR A 38 21.66 -15.92 -31.66
C THR A 38 20.25 -15.37 -31.49
N HIS A 39 20.02 -14.58 -30.46
CA HIS A 39 18.70 -13.95 -30.24
C HIS A 39 18.82 -12.42 -30.22
N LEU A 40 18.02 -11.78 -31.06
CA LEU A 40 18.07 -10.33 -31.17
C LEU A 40 16.66 -9.80 -31.03
N ASN A 41 16.42 -8.95 -30.04
CA ASN A 41 15.07 -8.41 -29.81
C ASN A 41 15.02 -6.90 -30.02
N LEU A 42 14.35 -6.46 -31.07
CA LEU A 42 14.27 -5.03 -31.35
C LEU A 42 12.84 -4.48 -31.19
N THR A 43 12.09 -5.11 -30.29
CA THR A 43 10.71 -4.68 -29.98
C THR A 43 10.65 -3.24 -29.47
N HIS A 44 9.61 -2.52 -29.90
CA HIS A 44 9.28 -1.20 -29.36
C HIS A 44 10.28 -0.13 -29.82
N ASN A 45 10.35 0.08 -31.13
CA ASN A 45 11.17 1.13 -31.72
C ASN A 45 10.44 1.77 -32.90
N GLU A 46 11.12 2.54 -33.75
CA GLU A 46 10.44 3.26 -34.82
C GLU A 46 11.05 2.92 -36.20
N ILE A 47 11.52 1.68 -36.34
CA ILE A 47 12.04 1.16 -37.60
C ILE A 47 10.98 1.15 -38.70
N GLN A 48 11.33 1.67 -39.87
CA GLN A 48 10.36 1.84 -40.95
C GLN A 48 10.68 0.98 -42.18
N VAL A 49 11.95 0.84 -42.52
CA VAL A 49 12.29 0.01 -43.68
C VAL A 49 13.34 -1.04 -43.36
N LEU A 50 13.23 -2.19 -44.02
CA LEU A 50 14.21 -3.24 -43.90
C LEU A 50 14.92 -3.38 -45.25
N PRO A 51 16.11 -2.76 -45.36
CA PRO A 51 16.97 -2.77 -46.55
C PRO A 51 17.44 -4.18 -46.93
N PRO A 52 17.91 -4.35 -48.18
CA PRO A 52 18.35 -5.59 -48.83
C PRO A 52 19.37 -6.50 -48.15
N TRP A 53 20.22 -6.01 -47.26
CA TRP A 53 21.06 -6.95 -46.53
C TRP A 53 21.16 -6.53 -45.07
N SER A 54 20.00 -6.51 -44.41
CA SER A 54 19.89 -5.93 -43.08
C SER A 54 20.71 -6.67 -42.05
N PHE A 55 20.90 -7.97 -42.23
CA PHE A 55 21.57 -8.79 -41.22
C PHE A 55 22.84 -9.52 -41.67
N THR A 56 23.60 -8.88 -42.56
CA THR A 56 24.81 -9.48 -43.17
C THR A 56 25.77 -10.12 -42.18
N ASN A 57 26.16 -9.36 -41.14
CA ASN A 57 27.15 -9.88 -40.19
C ASN A 57 26.52 -10.63 -39.01
N LEU A 58 25.24 -10.97 -39.14
CA LEU A 58 24.50 -11.64 -38.08
C LEU A 58 23.81 -12.94 -38.52
N SER A 59 24.57 -13.82 -39.18
CA SER A 59 24.00 -15.03 -39.78
C SER A 59 23.81 -16.14 -38.76
N ALA A 60 24.20 -15.89 -37.52
CA ALA A 60 23.98 -16.89 -36.48
C ALA A 60 22.60 -16.74 -35.83
N LEU A 61 21.87 -15.69 -36.21
CA LEU A 61 20.57 -15.40 -35.57
C LEU A 61 19.62 -16.58 -35.66
N VAL A 62 18.94 -16.86 -34.56
CA VAL A 62 17.97 -17.92 -34.51
C VAL A 62 16.59 -17.33 -34.28
N ASP A 63 16.56 -16.25 -33.48
CA ASP A 63 15.32 -15.64 -33.03
C ASP A 63 15.39 -14.14 -33.28
N LEU A 64 14.54 -13.62 -34.14
CA LEU A 64 14.56 -12.19 -34.42
C LEU A 64 13.18 -11.62 -34.16
N ARG A 65 13.10 -10.62 -33.30
CA ARG A 65 11.82 -10.00 -32.96
C ARG A 65 11.82 -8.52 -33.27
N LEU A 66 10.94 -8.13 -34.18
CA LEU A 66 10.81 -6.76 -34.62
C LEU A 66 9.43 -6.26 -34.30
N GLU A 67 8.86 -6.81 -33.23
CA GLU A 67 7.50 -6.48 -32.79
C GLU A 67 7.36 -4.99 -32.45
N TRP A 68 6.21 -4.40 -32.79
CA TRP A 68 5.90 -3.02 -32.40
C TRP A 68 6.92 -2.04 -32.98
N ASN A 69 6.97 -1.96 -34.30
CA ASN A 69 7.75 -0.92 -34.98
C ASN A 69 6.87 -0.24 -36.01
N SER A 70 7.44 0.40 -37.02
CA SER A 70 6.59 1.03 -38.04
C SER A 70 6.94 0.51 -39.42
N ILE A 71 7.40 -0.73 -39.46
CA ILE A 71 7.84 -1.37 -40.68
C ILE A 71 6.72 -1.51 -41.71
N TRP A 72 6.91 -0.87 -42.86
CA TRP A 72 5.92 -0.97 -43.92
C TRP A 72 6.59 -1.41 -45.22
N LYS A 73 7.90 -1.55 -45.18
CA LYS A 73 8.67 -1.84 -46.40
C LYS A 73 9.82 -2.77 -46.10
N ILE A 74 9.74 -3.99 -46.61
CA ILE A 74 10.78 -4.98 -46.42
C ILE A 74 11.32 -5.33 -47.80
N ASP A 75 12.52 -4.85 -48.10
CA ASP A 75 13.08 -5.05 -49.43
C ASP A 75 13.41 -6.51 -49.68
N GLU A 76 13.30 -6.91 -50.94
CA GLU A 76 13.81 -8.20 -51.40
C GLU A 76 15.28 -8.32 -51.00
N GLY A 77 15.64 -9.46 -50.41
CA GLY A 77 16.99 -9.67 -49.91
C GLY A 77 17.13 -9.39 -48.41
N ALA A 78 16.15 -8.71 -47.82
CA ALA A 78 16.23 -8.26 -46.42
C ALA A 78 16.85 -9.26 -45.45
N PHE A 79 16.39 -10.52 -45.53
CA PHE A 79 16.82 -11.57 -44.62
C PHE A 79 17.85 -12.56 -45.20
N ARG A 80 18.59 -12.15 -46.22
CA ARG A 80 19.63 -13.03 -46.79
C ARG A 80 20.73 -13.40 -45.80
N GLY A 81 21.21 -14.64 -45.89
CA GLY A 81 22.22 -15.13 -44.97
C GLY A 81 21.70 -15.64 -43.64
N LEU A 82 20.43 -15.36 -43.33
CA LEU A 82 19.84 -15.78 -42.05
C LEU A 82 19.33 -17.21 -42.09
N GLU A 83 20.21 -18.15 -42.42
CA GLU A 83 19.79 -19.52 -42.66
C GLU A 83 19.57 -20.38 -41.41
N ASN A 84 19.87 -19.84 -40.23
CA ASN A 84 19.59 -20.59 -39.02
C ASN A 84 18.36 -20.06 -38.25
N LEU A 85 17.69 -19.06 -38.82
CA LEU A 85 16.57 -18.38 -38.15
C LEU A 85 15.37 -19.28 -38.08
N THR A 86 14.85 -19.50 -36.87
CA THR A 86 13.69 -20.36 -36.70
C THR A 86 12.43 -19.60 -36.27
N LEU A 87 12.63 -18.40 -35.75
CA LEU A 87 11.50 -17.55 -35.36
C LEU A 87 11.65 -16.15 -35.96
N LEU A 88 10.59 -15.64 -36.56
CA LEU A 88 10.60 -14.27 -37.06
C LEU A 88 9.33 -13.56 -36.61
N ASN A 89 9.49 -12.51 -35.81
CA ASN A 89 8.34 -11.78 -35.26
C ASN A 89 8.22 -10.42 -35.94
N LEU A 90 7.10 -10.19 -36.61
CA LEU A 90 6.85 -8.95 -37.32
C LEU A 90 5.54 -8.34 -36.85
N VAL A 91 5.10 -8.79 -35.67
CA VAL A 91 3.84 -8.34 -35.06
C VAL A 91 3.81 -6.84 -34.81
N GLU A 92 2.66 -6.23 -35.06
CA GLU A 92 2.40 -4.82 -34.80
C GLU A 92 3.35 -3.88 -35.56
N ASN A 93 3.17 -3.84 -36.88
CA ASN A 93 3.92 -2.90 -37.71
C ASN A 93 2.97 -2.23 -38.69
N LYS A 94 3.49 -1.77 -39.82
CA LYS A 94 2.65 -1.05 -40.78
C LYS A 94 2.60 -1.76 -42.14
N ILE A 95 2.64 -3.08 -42.12
CA ILE A 95 2.70 -3.89 -43.35
C ILE A 95 1.32 -4.02 -44.00
N GLN A 96 1.19 -3.55 -45.24
CA GLN A 96 -0.10 -3.63 -45.96
C GLN A 96 -0.18 -4.72 -47.01
N SER A 97 0.96 -5.07 -47.60
CA SER A 97 1.00 -6.18 -48.53
C SER A 97 2.31 -6.89 -48.31
N VAL A 98 2.34 -8.19 -48.58
CA VAL A 98 3.56 -8.96 -48.37
C VAL A 98 4.18 -9.38 -49.70
N ASN A 99 5.41 -8.95 -49.91
CA ASN A 99 6.12 -9.20 -51.16
C ASN A 99 7.11 -10.33 -50.97
N ASN A 100 7.94 -10.56 -51.99
CA ASN A 100 8.88 -11.68 -51.99
C ASN A 100 10.18 -11.38 -51.25
N SER A 101 10.06 -11.01 -49.97
CA SER A 101 11.20 -10.61 -49.14
C SER A 101 11.89 -11.71 -48.31
N PHE A 102 11.48 -12.95 -48.48
CA PHE A 102 11.91 -14.05 -47.60
C PHE A 102 13.01 -15.01 -48.02
N GLU A 103 13.78 -14.67 -49.06
CA GLU A 103 14.86 -15.56 -49.48
C GLU A 103 15.93 -15.69 -48.38
N GLY A 104 16.39 -16.92 -48.17
CA GLY A 104 17.40 -17.22 -47.18
C GLY A 104 16.86 -17.82 -45.90
N LEU A 105 15.54 -17.74 -45.70
CA LEU A 105 14.97 -18.16 -44.43
C LEU A 105 14.65 -19.63 -44.46
N SER A 106 15.64 -20.43 -44.84
CA SER A 106 15.41 -21.84 -45.17
C SER A 106 15.19 -22.72 -43.94
N SER A 107 15.40 -22.16 -42.76
CA SER A 107 15.10 -22.86 -41.52
C SER A 107 13.91 -22.27 -40.74
N LEU A 108 13.33 -21.18 -41.23
CA LEU A 108 12.24 -20.49 -40.53
C LEU A 108 11.09 -21.43 -40.20
N LYS A 109 10.81 -21.60 -38.91
CA LYS A 109 9.73 -22.46 -38.45
C LYS A 109 8.45 -21.71 -38.11
N THR A 110 8.59 -20.50 -37.59
CA THR A 110 7.41 -19.68 -37.26
C THR A 110 7.53 -18.24 -37.73
N LEU A 111 6.47 -17.75 -38.38
CA LEU A 111 6.47 -16.39 -38.90
C LEU A 111 5.22 -15.69 -38.36
N LEU A 112 5.43 -14.61 -37.62
CA LEU A 112 4.32 -13.90 -36.99
C LEU A 112 4.09 -12.56 -37.68
N LEU A 113 2.92 -12.43 -38.28
CA LEU A 113 2.57 -11.20 -38.99
C LEU A 113 1.28 -10.60 -38.44
N SER A 114 0.95 -10.98 -37.20
CA SER A 114 -0.24 -10.50 -36.52
C SER A 114 -0.21 -9.00 -36.40
N HIS A 115 -1.39 -8.39 -36.33
CA HIS A 115 -1.51 -6.98 -35.98
C HIS A 115 -0.77 -6.07 -36.98
N ASN A 116 -1.13 -6.22 -38.24
CA ASN A 116 -0.65 -5.32 -39.28
C ASN A 116 -1.88 -4.89 -40.08
N GLN A 117 -1.70 -4.44 -41.33
CA GLN A 117 -2.83 -4.07 -42.16
C GLN A 117 -2.78 -4.77 -43.52
N ILE A 118 -2.31 -6.02 -43.50
CA ILE A 118 -2.16 -6.82 -44.71
C ILE A 118 -3.47 -7.08 -45.45
N THR A 119 -3.47 -6.88 -46.77
CA THR A 119 -4.61 -7.23 -47.62
C THR A 119 -4.25 -8.37 -48.58
N HIS A 120 -3.00 -8.39 -49.04
CA HIS A 120 -2.57 -9.39 -50.02
C HIS A 120 -1.18 -9.93 -49.77
N ILE A 121 -0.96 -11.17 -50.20
CA ILE A 121 0.36 -11.79 -50.12
C ILE A 121 0.70 -12.29 -51.52
N HIS A 122 1.87 -11.91 -52.02
CA HIS A 122 2.25 -12.32 -53.36
C HIS A 122 2.33 -13.85 -53.42
N LYS A 123 1.88 -14.39 -54.55
CA LYS A 123 1.83 -15.82 -54.79
C LYS A 123 3.11 -16.55 -54.41
N ASP A 124 4.25 -15.91 -54.62
CA ASP A 124 5.55 -16.56 -54.40
C ASP A 124 6.28 -16.05 -53.18
N ALA A 125 5.59 -15.31 -52.32
CA ALA A 125 6.25 -14.73 -51.16
C ALA A 125 6.89 -15.79 -50.28
N PHE A 126 6.22 -16.92 -50.08
CA PHE A 126 6.64 -17.92 -49.10
C PHE A 126 7.46 -19.11 -49.65
N THR A 127 7.77 -19.10 -50.94
CA THR A 127 8.56 -20.16 -51.59
C THR A 127 9.87 -20.61 -50.87
N PRO A 128 10.70 -19.66 -50.39
CA PRO A 128 11.89 -20.11 -49.67
C PRO A 128 11.59 -20.78 -48.31
N LEU A 129 10.34 -20.67 -47.83
CA LEU A 129 10.01 -21.11 -46.48
C LEU A 129 9.72 -22.61 -46.40
N ILE A 130 10.70 -23.42 -46.76
CA ILE A 130 10.52 -24.86 -46.84
C ILE A 130 10.36 -25.58 -45.49
N LYS A 131 10.54 -24.85 -44.39
CA LYS A 131 10.40 -25.44 -43.04
C LYS A 131 9.28 -24.82 -42.20
N LEU A 132 8.58 -23.86 -42.78
CA LEU A 132 7.59 -23.07 -42.06
C LEU A 132 6.43 -23.95 -41.57
N LYS A 133 6.30 -24.05 -40.24
CA LYS A 133 5.26 -24.85 -39.60
C LYS A 133 4.08 -24.00 -39.09
N TYR A 134 4.39 -22.79 -38.63
CA TYR A 134 3.42 -21.91 -37.99
C TYR A 134 3.40 -20.53 -38.64
N LEU A 135 2.23 -20.09 -39.08
CA LEU A 135 2.07 -18.79 -39.70
C LEU A 135 0.91 -18.05 -39.06
N SER A 136 1.16 -16.88 -38.48
CA SER A 136 0.09 -16.10 -37.90
C SER A 136 -0.22 -14.85 -38.72
N LEU A 137 -1.46 -14.74 -39.19
CA LEU A 137 -1.90 -13.54 -39.89
C LEU A 137 -3.09 -12.86 -39.16
N SER A 138 -3.27 -13.20 -37.89
CA SER A 138 -4.36 -12.62 -37.10
C SER A 138 -4.24 -11.11 -37.05
N ARG A 139 -5.39 -10.44 -36.93
CA ARG A 139 -5.44 -9.00 -36.82
C ARG A 139 -4.83 -8.34 -38.05
N ASN A 140 -5.48 -8.52 -39.18
CA ASN A 140 -5.09 -7.87 -40.42
C ASN A 140 -6.32 -7.39 -41.19
N ASN A 141 -6.15 -7.04 -42.46
CA ASN A 141 -7.23 -6.48 -43.29
C ASN A 141 -7.51 -7.40 -44.51
N ILE A 142 -7.46 -8.71 -44.28
CA ILE A 142 -7.65 -9.69 -45.35
C ILE A 142 -9.12 -10.09 -45.56
N SER A 143 -9.61 -9.90 -46.77
CA SER A 143 -10.95 -10.34 -47.13
C SER A 143 -10.94 -11.39 -48.27
N ASP A 144 -9.86 -11.38 -49.04
CA ASP A 144 -9.66 -12.30 -50.15
C ASP A 144 -8.92 -13.56 -49.68
N PHE A 145 -9.68 -14.60 -49.36
CA PHE A 145 -9.13 -15.85 -48.90
C PHE A 145 -8.42 -16.65 -50.01
N SER A 146 -8.90 -16.54 -51.25
CA SER A 146 -8.27 -17.22 -52.40
C SER A 146 -6.80 -16.87 -52.51
N GLY A 147 -6.51 -15.58 -52.39
CA GLY A 147 -5.13 -15.09 -52.44
C GLY A 147 -4.23 -15.65 -51.36
N ILE A 148 -4.76 -15.81 -50.15
CA ILE A 148 -3.99 -16.42 -49.07
C ILE A 148 -3.69 -17.87 -49.39
N LEU A 149 -4.70 -18.60 -49.86
CA LEU A 149 -4.53 -19.99 -50.27
C LEU A 149 -3.47 -20.16 -51.37
N GLU A 150 -3.45 -19.24 -52.33
CA GLU A 150 -2.40 -19.24 -53.35
C GLU A 150 -1.03 -19.13 -52.72
N ALA A 151 -0.94 -18.33 -51.69
CA ALA A 151 0.35 -18.00 -51.09
C ALA A 151 0.84 -19.10 -50.15
N VAL A 152 -0.08 -19.90 -49.62
CA VAL A 152 0.31 -20.92 -48.65
C VAL A 152 0.15 -22.38 -49.07
N GLN A 153 -0.60 -22.64 -50.15
CA GLN A 153 -0.97 -24.02 -50.49
C GLN A 153 0.21 -24.95 -50.84
N HIS A 154 1.33 -24.38 -51.25
CA HIS A 154 2.49 -25.18 -51.62
C HIS A 154 3.57 -25.25 -50.54
N LEU A 155 3.31 -24.63 -49.40
CA LEU A 155 4.21 -24.72 -48.27
C LEU A 155 4.31 -26.16 -47.80
N PRO A 156 5.52 -26.72 -47.81
CA PRO A 156 5.67 -28.16 -47.53
C PRO A 156 5.46 -28.56 -46.09
N CYS A 157 5.63 -27.66 -45.12
CA CYS A 157 5.57 -28.06 -43.72
C CYS A 157 4.47 -27.38 -42.88
N LEU A 158 3.62 -26.59 -43.53
CA LEU A 158 2.71 -25.70 -42.82
C LEU A 158 1.69 -26.45 -41.97
N GLU A 159 1.78 -26.33 -40.65
CA GLU A 159 0.87 -27.04 -39.75
C GLU A 159 -0.26 -26.21 -39.13
N ARG A 160 0.03 -24.93 -38.86
CA ARG A 160 -0.92 -24.07 -38.15
C ARG A 160 -1.08 -22.75 -38.88
N LEU A 161 -2.30 -22.40 -39.21
CA LEU A 161 -2.57 -21.19 -39.94
C LEU A 161 -3.61 -20.37 -39.17
N ASP A 162 -3.23 -19.15 -38.79
CA ASP A 162 -4.12 -18.35 -38.01
C ASP A 162 -4.59 -17.10 -38.73
N LEU A 163 -5.89 -17.03 -39.01
CA LEU A 163 -6.48 -15.87 -39.64
C LEU A 163 -7.50 -15.18 -38.72
N THR A 164 -7.36 -15.38 -37.40
CA THR A 164 -8.32 -14.78 -36.47
C THR A 164 -8.37 -13.25 -36.61
N ASN A 165 -9.55 -12.68 -36.47
CA ASN A 165 -9.75 -11.23 -36.61
C ASN A 165 -9.31 -10.66 -37.96
N ASN A 166 -9.96 -11.12 -39.02
CA ASN A 166 -9.84 -10.53 -40.34
C ASN A 166 -11.24 -10.30 -40.92
N SER A 167 -11.34 -10.13 -42.24
CA SER A 167 -12.60 -9.81 -42.88
C SER A 167 -13.01 -10.83 -43.95
N ILE A 168 -12.64 -12.09 -43.74
CA ILE A 168 -13.01 -13.13 -44.68
C ILE A 168 -14.52 -13.42 -44.62
N MET A 169 -15.15 -13.38 -45.78
CA MET A 169 -16.59 -13.49 -45.88
C MET A 169 -16.92 -14.80 -46.55
N TYR A 170 -16.09 -15.19 -47.52
CA TYR A 170 -16.32 -16.43 -48.26
C TYR A 170 -15.09 -17.33 -48.33
N LEU A 171 -15.32 -18.64 -48.35
CA LEU A 171 -14.24 -19.58 -48.62
C LEU A 171 -13.98 -19.66 -50.13
N ASP A 172 -12.95 -20.42 -50.51
CA ASP A 172 -12.56 -20.55 -51.92
C ASP A 172 -13.13 -21.83 -52.58
N HIS A 173 -13.42 -21.76 -53.87
CA HIS A 173 -14.06 -22.91 -54.56
C HIS A 173 -13.37 -23.45 -55.81
N SER A 174 -12.05 -23.39 -55.84
CA SER A 174 -11.27 -24.15 -56.82
C SER A 174 -10.55 -25.23 -56.03
N PRO A 175 -10.57 -26.47 -56.53
CA PRO A 175 -10.02 -27.60 -55.77
C PRO A 175 -8.56 -27.41 -55.35
N ARG A 176 -8.32 -27.54 -54.05
CA ARG A 176 -6.96 -27.52 -53.52
C ARG A 176 -6.77 -28.36 -52.27
N SER A 177 -5.52 -28.50 -51.84
CA SER A 177 -5.17 -29.46 -50.81
C SER A 177 -4.00 -28.93 -50.00
N LEU A 178 -4.23 -28.73 -48.70
CA LEU A 178 -3.17 -28.39 -47.74
C LEU A 178 -2.97 -29.60 -46.82
N VAL A 179 -1.98 -30.43 -47.11
CA VAL A 179 -1.89 -31.75 -46.47
C VAL A 179 -1.18 -31.80 -45.13
N SER A 180 -0.40 -30.76 -44.84
CA SER A 180 0.35 -30.71 -43.60
C SER A 180 -0.49 -30.12 -42.46
N LEU A 181 -1.55 -29.38 -42.84
CA LEU A 181 -2.32 -28.51 -41.92
C LEU A 181 -3.07 -29.25 -40.81
N THR A 182 -2.77 -28.88 -39.56
CA THR A 182 -3.45 -29.49 -38.42
C THR A 182 -4.40 -28.52 -37.71
N HIS A 183 -4.02 -27.25 -37.69
CA HIS A 183 -4.81 -26.21 -37.02
C HIS A 183 -5.15 -25.06 -37.96
N LEU A 184 -6.42 -24.69 -37.97
CA LEU A 184 -6.87 -23.60 -38.81
C LEU A 184 -7.91 -22.77 -38.06
N SER A 185 -7.78 -21.45 -38.10
CA SER A 185 -8.71 -20.62 -37.39
C SER A 185 -9.26 -19.46 -38.21
N PHE A 186 -10.59 -19.34 -38.25
CA PHE A 186 -11.27 -18.19 -38.84
C PHE A 186 -11.97 -17.33 -37.78
N GLU A 187 -11.54 -17.44 -36.52
CA GLU A 187 -12.18 -16.72 -35.44
C GLU A 187 -12.26 -15.22 -35.72
N GLY A 188 -13.42 -14.63 -35.50
CA GLY A 188 -13.56 -13.19 -35.55
C GLY A 188 -13.50 -12.64 -36.96
N ASN A 189 -13.94 -13.43 -37.91
CA ASN A 189 -14.12 -12.94 -39.26
C ASN A 189 -15.59 -12.66 -39.52
N LYS A 190 -15.98 -12.69 -40.78
CA LYS A 190 -17.38 -12.44 -41.12
C LYS A 190 -17.91 -13.46 -42.12
N LEU A 191 -17.58 -14.72 -41.85
CA LEU A 191 -17.97 -15.85 -42.71
C LEU A 191 -19.45 -15.98 -42.92
N ARG A 192 -19.85 -16.16 -44.19
CA ARG A 192 -21.24 -16.41 -44.54
C ARG A 192 -21.43 -17.89 -44.81
N GLU A 193 -20.33 -18.62 -44.92
CA GLU A 193 -20.41 -20.04 -45.28
C GLU A 193 -19.36 -20.87 -44.55
N LEU A 194 -19.65 -22.16 -44.39
CA LEU A 194 -18.69 -23.11 -43.87
C LEU A 194 -18.58 -24.32 -44.81
N ASN A 195 -18.56 -24.04 -46.10
CA ASN A 195 -18.51 -25.08 -47.13
C ASN A 195 -17.07 -25.37 -47.55
N PHE A 196 -16.50 -26.47 -47.06
CA PHE A 196 -15.10 -26.78 -47.38
C PHE A 196 -14.90 -27.82 -48.50
N SER A 197 -15.86 -27.96 -49.41
CA SER A 197 -15.76 -28.91 -50.54
C SER A 197 -14.44 -28.85 -51.31
N ALA A 198 -14.14 -27.67 -51.86
CA ALA A 198 -12.97 -27.50 -52.71
C ALA A 198 -11.65 -27.37 -51.95
N LEU A 199 -11.71 -27.56 -50.64
CA LEU A 199 -10.51 -27.43 -49.81
C LEU A 199 -10.23 -28.74 -49.07
N SER A 200 -9.23 -29.50 -49.51
CA SER A 200 -8.95 -30.76 -48.85
C SER A 200 -7.92 -30.61 -47.73
N LEU A 201 -8.36 -30.89 -46.51
CA LEU A 201 -7.50 -30.77 -45.33
C LEU A 201 -7.46 -32.09 -44.59
N PRO A 202 -6.76 -33.08 -45.16
CA PRO A 202 -6.78 -34.47 -44.69
C PRO A 202 -6.25 -34.63 -43.27
N ASN A 203 -5.39 -33.71 -42.82
CA ASN A 203 -4.80 -33.82 -41.49
C ASN A 203 -5.27 -32.80 -40.45
N LEU A 204 -6.33 -32.07 -40.78
CA LEU A 204 -6.85 -31.03 -39.88
C LEU A 204 -7.50 -31.64 -38.63
N THR A 205 -7.02 -31.22 -37.47
CA THR A 205 -7.60 -31.70 -36.20
C THR A 205 -8.38 -30.61 -35.45
N ASN A 206 -8.03 -29.36 -35.71
CA ASN A 206 -8.62 -28.23 -34.99
C ASN A 206 -9.09 -27.18 -35.98
N LEU A 207 -10.38 -26.89 -35.94
CA LEU A 207 -10.95 -25.82 -36.75
C LEU A 207 -11.74 -24.87 -35.89
N SER A 208 -11.53 -23.58 -36.09
CA SER A 208 -12.36 -22.61 -35.43
C SER A 208 -13.04 -21.67 -36.41
N ALA A 209 -14.34 -21.47 -36.23
CA ALA A 209 -15.05 -20.48 -37.02
C ALA A 209 -15.82 -19.59 -36.06
N SER A 210 -15.32 -19.50 -34.84
CA SER A 210 -15.97 -18.75 -33.77
C SER A 210 -16.10 -17.25 -34.04
N ARG A 211 -17.14 -16.63 -33.47
CA ARG A 211 -17.40 -15.19 -33.55
C ARG A 211 -17.43 -14.63 -34.97
N ASN A 212 -18.29 -15.19 -35.82
CA ASN A 212 -18.29 -14.79 -37.24
C ASN A 212 -19.45 -13.93 -37.75
N GLY A 213 -20.10 -13.15 -36.91
CA GLY A 213 -21.03 -12.17 -37.42
C GLY A 213 -22.51 -12.40 -37.19
N ASN A 214 -23.33 -11.56 -37.82
CA ASN A 214 -24.78 -11.59 -37.60
C ASN A 214 -25.52 -12.61 -38.45
N LYS A 215 -25.19 -12.67 -39.73
CA LYS A 215 -25.85 -13.57 -40.68
C LYS A 215 -25.68 -15.06 -40.35
N VAL A 216 -26.81 -15.76 -40.29
CA VAL A 216 -26.83 -17.18 -39.96
C VAL A 216 -26.24 -18.05 -41.08
N ILE A 217 -25.36 -18.96 -40.69
CA ILE A 217 -24.67 -19.85 -41.62
C ILE A 217 -25.44 -21.16 -41.78
N GLN A 218 -25.85 -21.45 -43.02
CA GLN A 218 -26.62 -22.64 -43.37
C GLN A 218 -25.82 -23.58 -44.26
N ASN A 219 -24.95 -22.97 -45.06
CA ASN A 219 -24.14 -23.67 -46.04
C ASN A 219 -22.92 -24.32 -45.38
N VAL A 220 -23.07 -25.55 -44.90
CA VAL A 220 -22.00 -26.19 -44.14
C VAL A 220 -21.60 -27.53 -44.73
N TYR A 221 -20.31 -27.73 -44.98
CA TYR A 221 -19.85 -28.99 -45.52
C TYR A 221 -18.47 -29.34 -45.01
N LEU A 222 -18.39 -30.41 -44.22
CA LEU A 222 -17.16 -30.74 -43.51
C LEU A 222 -16.63 -32.16 -43.77
N LYS A 223 -17.25 -32.89 -44.69
CA LYS A 223 -16.82 -34.26 -45.09
C LYS A 223 -15.33 -34.33 -45.36
N THR A 224 -14.86 -33.28 -46.02
CA THR A 224 -13.50 -33.15 -46.45
C THR A 224 -12.49 -32.97 -45.29
N LEU A 225 -12.98 -32.88 -44.04
CA LEU A 225 -12.11 -32.86 -42.86
C LEU A 225 -12.33 -34.09 -41.98
N PRO A 226 -11.85 -35.26 -42.46
CA PRO A 226 -12.19 -36.54 -41.83
C PRO A 226 -11.48 -36.78 -40.50
N GLN A 227 -10.39 -36.05 -40.25
CA GLN A 227 -9.64 -36.21 -39.01
C GLN A 227 -9.99 -35.19 -37.91
N LEU A 228 -11.01 -34.37 -38.15
CA LEU A 228 -11.33 -33.23 -37.30
C LEU A 228 -11.65 -33.63 -35.87
N LYS A 229 -10.92 -33.05 -34.91
CA LYS A 229 -11.10 -33.42 -33.51
C LYS A 229 -11.81 -32.38 -32.62
N SER A 230 -11.63 -31.10 -32.92
CA SER A 230 -12.28 -30.02 -32.18
C SER A 230 -12.89 -29.09 -33.17
N LEU A 231 -14.15 -28.76 -32.96
CA LEU A 231 -14.82 -27.80 -33.81
C LEU A 231 -15.28 -26.67 -32.90
N ASN A 232 -14.85 -25.45 -33.20
CA ASN A 232 -15.18 -24.31 -32.38
C ASN A 232 -16.17 -23.39 -33.07
N LEU A 233 -17.42 -23.43 -32.61
CA LEU A 233 -18.48 -22.61 -33.16
C LEU A 233 -19.02 -21.61 -32.11
N SER A 234 -18.16 -21.27 -31.15
CA SER A 234 -18.52 -20.32 -30.08
C SER A 234 -18.83 -18.91 -30.62
N GLY A 235 -20.04 -18.44 -30.37
CA GLY A 235 -20.44 -17.10 -30.81
C GLY A 235 -20.77 -17.04 -32.29
N THR A 236 -20.87 -18.21 -32.92
CA THR A 236 -21.18 -18.27 -34.35
C THR A 236 -22.62 -18.70 -34.55
N VAL A 237 -23.38 -17.90 -35.28
CA VAL A 237 -24.77 -18.23 -35.50
C VAL A 237 -24.87 -19.24 -36.65
N ILE A 238 -25.11 -20.50 -36.30
CA ILE A 238 -25.13 -21.56 -37.28
C ILE A 238 -26.38 -22.41 -37.16
N LYS A 239 -27.07 -22.64 -38.27
CA LYS A 239 -28.23 -23.52 -38.28
C LYS A 239 -27.74 -24.95 -38.03
N LEU A 240 -27.84 -25.42 -36.79
CA LEU A 240 -27.25 -26.69 -36.39
C LEU A 240 -27.80 -27.94 -37.10
N GLU A 241 -29.00 -27.84 -37.69
CA GLU A 241 -29.55 -28.95 -38.48
C GLU A 241 -28.68 -29.28 -39.70
N ASN A 242 -28.02 -28.27 -40.24
CA ASN A 242 -27.18 -28.43 -41.43
C ASN A 242 -25.79 -28.92 -41.10
N LEU A 243 -25.57 -29.22 -39.84
CA LEU A 243 -24.36 -29.90 -39.41
C LEU A 243 -24.70 -31.37 -39.55
N SER A 244 -23.73 -32.18 -39.89
CA SER A 244 -24.00 -33.59 -40.08
C SER A 244 -23.06 -34.47 -39.27
N ALA A 245 -23.62 -35.31 -38.41
CA ALA A 245 -22.81 -36.20 -37.59
C ALA A 245 -21.95 -37.17 -38.42
N LYS A 246 -22.39 -37.50 -39.62
CA LYS A 246 -21.62 -38.38 -40.48
C LYS A 246 -20.28 -37.78 -40.85
N HIS A 247 -20.23 -36.47 -40.97
CA HIS A 247 -18.99 -35.80 -41.32
C HIS A 247 -18.12 -35.45 -40.10
N LEU A 248 -18.55 -35.87 -38.91
CA LEU A 248 -17.87 -35.50 -37.66
C LEU A 248 -17.60 -36.69 -36.74
N GLN A 249 -17.31 -37.84 -37.31
CA GLN A 249 -17.21 -39.05 -36.49
C GLN A 249 -15.90 -39.11 -35.70
N ASN A 250 -14.94 -38.27 -36.06
CA ASN A 250 -13.72 -38.19 -35.27
C ASN A 250 -13.70 -37.09 -34.20
N LEU A 251 -14.77 -36.32 -34.10
CA LEU A 251 -14.82 -35.16 -33.23
C LEU A 251 -14.71 -35.55 -31.75
N ARG A 252 -13.78 -34.92 -31.04
CA ARG A 252 -13.60 -35.15 -29.60
C ARG A 252 -14.13 -33.99 -28.75
N ALA A 253 -14.20 -32.80 -29.33
CA ALA A 253 -14.53 -31.60 -28.58
C ALA A 253 -15.33 -30.66 -29.46
N MET A 254 -16.34 -30.03 -28.86
CA MET A 254 -17.15 -29.06 -29.58
C MET A 254 -17.41 -27.84 -28.70
N ASP A 255 -17.53 -26.70 -29.35
CA ASP A 255 -17.86 -25.48 -28.62
C ASP A 255 -19.08 -24.87 -29.28
N LEU A 256 -20.19 -24.84 -28.56
CA LEU A 256 -21.45 -24.32 -29.08
C LEU A 256 -21.98 -23.08 -28.32
N SER A 257 -21.09 -22.36 -27.65
CA SER A 257 -21.51 -21.20 -26.84
C SER A 257 -22.13 -20.06 -27.65
N ASN A 258 -23.02 -19.29 -27.04
CA ASN A 258 -23.56 -18.11 -27.69
C ASN A 258 -22.50 -17.01 -27.72
N TRP A 259 -22.73 -15.97 -28.53
CA TRP A 259 -21.91 -14.78 -28.44
C TRP A 259 -22.27 -13.98 -27.19
N GLU A 260 -23.56 -13.69 -27.05
CA GLU A 260 -24.13 -12.96 -25.92
C GLU A 260 -25.30 -13.71 -25.27
N LEU A 261 -25.59 -13.37 -24.03
CA LEU A 261 -26.65 -13.99 -23.27
C LEU A 261 -28.01 -13.79 -23.96
N ARG A 262 -28.19 -12.62 -24.57
CA ARG A 262 -29.40 -12.27 -25.32
C ARG A 262 -29.86 -13.38 -26.26
N HIS A 263 -28.91 -14.07 -26.87
CA HIS A 263 -29.24 -15.03 -27.91
C HIS A 263 -30.17 -16.15 -27.40
N GLY A 264 -30.04 -16.48 -26.12
CA GLY A 264 -30.99 -17.39 -25.50
C GLY A 264 -30.66 -18.86 -25.63
N HIS A 265 -31.47 -19.68 -25.00
CA HIS A 265 -31.21 -21.12 -24.93
C HIS A 265 -31.21 -21.75 -26.32
N LEU A 266 -30.42 -22.81 -26.48
CA LEU A 266 -30.44 -23.61 -27.69
C LEU A 266 -31.53 -24.67 -27.56
N ASP A 267 -32.08 -25.11 -28.69
CA ASP A 267 -33.07 -26.18 -28.70
C ASP A 267 -32.38 -27.50 -28.42
N MET A 268 -32.54 -28.03 -27.20
CA MET A 268 -31.84 -29.27 -26.83
C MET A 268 -32.16 -30.45 -27.73
N LYS A 269 -33.32 -30.43 -28.38
CA LYS A 269 -33.69 -31.50 -29.28
C LYS A 269 -32.77 -31.50 -30.50
N THR A 270 -32.58 -30.32 -31.09
CA THR A 270 -31.64 -30.17 -32.18
C THR A 270 -30.24 -30.56 -31.74
N VAL A 271 -29.79 -29.98 -30.64
CA VAL A 271 -28.46 -30.22 -30.10
C VAL A 271 -28.22 -31.72 -29.87
N CYS A 272 -29.14 -32.38 -29.18
CA CYS A 272 -28.96 -33.79 -28.88
C CYS A 272 -28.97 -34.66 -30.14
N HIS A 273 -29.75 -34.27 -31.15
CA HIS A 273 -29.78 -35.05 -32.39
C HIS A 273 -28.39 -35.06 -33.05
N LEU A 274 -27.70 -33.93 -32.95
CA LEU A 274 -26.33 -33.82 -33.44
C LEU A 274 -25.37 -34.58 -32.52
N LEU A 275 -25.28 -34.13 -31.28
CA LEU A 275 -24.29 -34.61 -30.31
C LEU A 275 -24.43 -36.11 -30.02
N GLY A 276 -25.66 -36.61 -30.02
CA GLY A 276 -25.94 -38.00 -29.73
C GLY A 276 -25.32 -38.98 -30.73
N ASN A 277 -24.98 -38.48 -31.91
CA ASN A 277 -24.36 -39.32 -32.94
C ASN A 277 -22.87 -39.10 -33.15
N LEU A 278 -22.20 -38.50 -32.17
CA LEU A 278 -20.77 -38.32 -32.25
C LEU A 278 -20.09 -39.19 -31.19
N PRO A 279 -19.67 -40.40 -31.57
CA PRO A 279 -19.27 -41.42 -30.61
C PRO A 279 -17.93 -41.12 -29.91
N LYS A 280 -17.18 -40.14 -30.40
CA LYS A 280 -15.90 -39.82 -29.81
C LYS A 280 -15.94 -38.51 -29.01
N LEU A 281 -17.09 -37.85 -29.01
CA LEU A 281 -17.24 -36.56 -28.35
C LEU A 281 -17.06 -36.73 -26.84
N GLU A 282 -16.12 -36.00 -26.26
CA GLU A 282 -15.94 -36.08 -24.81
C GLU A 282 -15.83 -34.72 -24.09
N THR A 283 -15.67 -33.66 -24.88
CA THR A 283 -15.60 -32.32 -24.36
C THR A 283 -16.64 -31.44 -25.02
N LEU A 284 -17.50 -30.83 -24.21
CA LEU A 284 -18.50 -29.89 -24.69
C LEU A 284 -18.42 -28.57 -23.92
N VAL A 285 -18.07 -27.51 -24.64
CA VAL A 285 -18.10 -26.17 -24.09
C VAL A 285 -19.42 -25.50 -24.47
N PHE A 286 -20.18 -25.13 -23.44
CA PHE A 286 -21.61 -24.86 -23.58
C PHE A 286 -21.99 -23.62 -22.75
N GLN A 287 -21.59 -22.45 -23.25
CA GLN A 287 -21.59 -21.22 -22.47
C GLN A 287 -22.49 -20.07 -22.90
N LYS A 288 -22.74 -19.16 -21.95
CA LYS A 288 -23.44 -17.90 -22.20
C LYS A 288 -24.94 -18.06 -22.48
N ASN A 289 -25.62 -18.63 -21.50
CA ASN A 289 -27.08 -18.63 -21.49
C ASN A 289 -27.62 -19.51 -22.61
N VAL A 290 -26.98 -20.65 -22.74
CA VAL A 290 -27.28 -21.57 -23.80
C VAL A 290 -28.29 -22.62 -23.28
N THR A 291 -28.37 -22.76 -21.96
CA THR A 291 -29.24 -23.77 -21.34
C THR A 291 -29.69 -23.39 -19.92
N ASN A 292 -30.63 -24.14 -19.38
CA ASN A 292 -30.95 -24.09 -17.96
C ASN A 292 -30.78 -25.46 -17.31
N ALA A 293 -31.21 -25.62 -16.06
CA ALA A 293 -30.96 -26.86 -15.34
C ALA A 293 -31.58 -28.05 -16.03
N GLU A 294 -32.77 -27.86 -16.58
CA GLU A 294 -33.52 -28.97 -17.14
C GLU A 294 -32.89 -29.41 -18.47
N GLY A 295 -32.37 -28.46 -19.23
CA GLY A 295 -31.64 -28.78 -20.44
C GLY A 295 -30.38 -29.59 -20.17
N ILE A 296 -29.75 -29.37 -19.02
CA ILE A 296 -28.60 -30.18 -18.60
C ILE A 296 -29.01 -31.64 -18.49
N LYS A 297 -30.22 -31.88 -18.00
CA LYS A 297 -30.76 -33.23 -17.86
C LYS A 297 -30.93 -33.89 -19.22
N GLN A 298 -31.37 -33.12 -20.21
CA GLN A 298 -31.52 -33.66 -21.54
C GLN A 298 -30.17 -33.99 -22.16
N LEU A 299 -29.23 -33.04 -22.05
CA LEU A 299 -27.88 -33.20 -22.54
C LEU A 299 -27.25 -34.47 -21.99
N ALA A 300 -27.43 -34.70 -20.68
CA ALA A 300 -26.90 -35.89 -20.02
C ALA A 300 -27.31 -37.22 -20.68
N LYS A 301 -28.44 -37.23 -21.37
CA LYS A 301 -28.94 -38.42 -22.05
C LYS A 301 -28.30 -38.62 -23.43
N CYS A 302 -28.10 -37.52 -24.15
CA CYS A 302 -27.56 -37.52 -25.50
C CYS A 302 -26.08 -37.82 -25.58
N THR A 303 -25.42 -37.98 -24.45
CA THR A 303 -23.97 -37.85 -24.50
C THR A 303 -23.20 -38.58 -23.41
N ARG A 304 -21.89 -38.74 -23.59
CA ARG A 304 -21.05 -39.33 -22.55
C ARG A 304 -19.77 -38.51 -22.27
N LEU A 305 -19.93 -37.30 -21.74
CA LEU A 305 -18.82 -36.34 -21.63
C LEU A 305 -17.84 -36.61 -20.51
N LEU A 306 -16.57 -36.26 -20.75
CA LEU A 306 -15.53 -36.21 -19.72
C LEU A 306 -15.40 -34.81 -19.13
N PHE A 307 -15.55 -33.82 -20.01
CA PHE A 307 -15.42 -32.42 -19.67
C PHE A 307 -16.62 -31.65 -20.20
N LEU A 308 -17.39 -31.05 -19.29
CA LEU A 308 -18.50 -30.17 -19.65
C LEU A 308 -18.25 -28.77 -19.06
N ASP A 309 -18.33 -27.74 -19.91
CA ASP A 309 -18.13 -26.38 -19.46
C ASP A 309 -19.43 -25.61 -19.58
N LEU A 310 -20.02 -25.24 -18.45
CA LEU A 310 -21.30 -24.53 -18.45
C LEU A 310 -21.20 -23.10 -17.96
N GLY A 311 -20.02 -22.52 -18.08
CA GLY A 311 -19.79 -21.16 -17.62
C GLY A 311 -20.68 -20.12 -18.26
N GLN A 312 -21.05 -19.10 -17.47
CA GLN A 312 -21.86 -17.97 -17.92
C GLN A 312 -23.30 -18.34 -18.32
N ASN A 313 -23.83 -19.41 -17.75
CA ASN A 313 -25.26 -19.71 -17.89
C ASN A 313 -26.09 -19.03 -16.82
N SER A 314 -26.53 -17.81 -17.14
CA SER A 314 -27.16 -16.93 -16.18
C SER A 314 -28.46 -17.45 -15.55
N ASP A 315 -29.09 -18.44 -16.19
CA ASP A 315 -30.31 -19.01 -15.64
C ASP A 315 -30.07 -20.15 -14.63
N LEU A 316 -28.80 -20.45 -14.38
CA LEU A 316 -28.49 -21.41 -13.32
C LEU A 316 -28.36 -20.63 -11.99
N ILE A 317 -29.39 -20.74 -11.14
CA ILE A 317 -29.44 -20.03 -9.88
C ILE A 317 -29.32 -21.00 -8.70
N TYR A 318 -29.96 -22.14 -8.81
CA TYR A 318 -29.72 -23.26 -7.90
C TYR A 318 -29.64 -24.60 -8.64
N LEU A 319 -28.90 -25.53 -8.06
CA LEU A 319 -28.84 -26.89 -8.56
C LEU A 319 -29.04 -27.84 -7.40
N ASN A 320 -30.21 -28.42 -7.29
CA ASN A 320 -30.49 -29.30 -6.17
C ASN A 320 -31.31 -30.51 -6.56
N ASP A 321 -31.25 -30.91 -7.83
CA ASP A 321 -32.20 -31.89 -8.35
C ASP A 321 -31.63 -32.85 -9.40
N SER A 322 -30.58 -33.58 -9.02
CA SER A 322 -30.05 -34.65 -9.87
C SER A 322 -29.68 -34.23 -11.30
N GLU A 323 -29.38 -32.96 -11.51
CA GLU A 323 -29.05 -32.44 -12.85
C GLU A 323 -27.94 -33.18 -13.60
N PHE A 324 -26.94 -33.64 -12.84
CA PHE A 324 -25.76 -34.22 -13.46
C PHE A 324 -25.70 -35.72 -13.32
N ASN A 325 -26.71 -36.30 -12.70
CA ASN A 325 -26.65 -37.72 -12.35
C ASN A 325 -26.62 -38.69 -13.54
N ALA A 326 -27.12 -38.26 -14.69
CA ALA A 326 -27.03 -39.08 -15.89
C ALA A 326 -25.70 -38.85 -16.61
N LEU A 327 -24.78 -38.15 -15.94
CA LEU A 327 -23.46 -37.90 -16.50
C LEU A 327 -22.31 -38.42 -15.63
N PRO A 328 -22.37 -39.69 -15.20
CA PRO A 328 -21.33 -40.18 -14.27
C PRO A 328 -19.93 -40.24 -14.89
N SER A 329 -19.81 -40.01 -16.20
CA SER A 329 -18.51 -40.05 -16.85
C SER A 329 -17.68 -38.80 -16.60
N LEU A 330 -18.32 -37.72 -16.15
CA LEU A 330 -17.66 -36.42 -15.95
C LEU A 330 -16.38 -36.47 -15.11
N GLN A 331 -15.31 -35.92 -15.67
CA GLN A 331 -14.07 -35.74 -14.91
C GLN A 331 -13.93 -34.30 -14.44
N LYS A 332 -14.27 -33.35 -15.31
CA LYS A 332 -14.06 -31.94 -15.06
C LYS A 332 -15.36 -31.22 -15.38
N LEU A 333 -15.81 -30.37 -14.46
CA LEU A 333 -17.03 -29.61 -14.62
C LEU A 333 -16.84 -28.13 -14.26
N ASN A 334 -17.13 -27.23 -15.21
CA ASN A 334 -17.07 -25.80 -14.95
C ASN A 334 -18.47 -25.17 -14.90
N LEU A 335 -18.73 -24.47 -13.79
CA LEU A 335 -19.99 -23.78 -13.55
C LEU A 335 -19.71 -22.34 -13.07
N ASN A 336 -18.57 -21.80 -13.50
CA ASN A 336 -18.19 -20.43 -13.19
C ASN A 336 -18.99 -19.33 -13.91
N LYS A 337 -19.12 -18.17 -13.28
CA LYS A 337 -19.80 -16.99 -13.86
C LYS A 337 -21.27 -17.22 -14.21
N CYS A 338 -21.92 -18.14 -13.52
CA CYS A 338 -23.37 -18.25 -13.61
C CYS A 338 -23.99 -17.34 -12.54
N GLN A 339 -25.18 -17.69 -12.05
CA GLN A 339 -25.80 -16.91 -10.97
C GLN A 339 -26.13 -17.81 -9.78
N LEU A 340 -25.31 -18.82 -9.57
CA LEU A 340 -25.61 -19.84 -8.57
C LEU A 340 -25.50 -19.26 -7.16
N SER A 341 -26.54 -19.49 -6.36
CA SER A 341 -26.44 -19.15 -4.95
C SER A 341 -26.71 -20.38 -4.08
N PHE A 342 -27.21 -21.44 -4.69
CA PHE A 342 -27.45 -22.64 -3.90
C PHE A 342 -27.08 -23.88 -4.65
N ILE A 343 -26.38 -24.78 -3.97
CA ILE A 343 -25.99 -26.05 -4.59
C ILE A 343 -25.90 -27.07 -3.47
N ASN A 344 -26.28 -28.31 -3.73
CA ASN A 344 -26.22 -29.32 -2.67
C ASN A 344 -25.92 -30.75 -3.11
N ASN A 345 -26.23 -31.68 -2.22
CA ASN A 345 -25.95 -33.10 -2.38
C ASN A 345 -26.69 -33.81 -3.52
N ARG A 346 -27.80 -33.23 -3.97
CA ARG A 346 -28.66 -33.90 -4.91
C ARG A 346 -28.27 -33.72 -6.37
N THR A 347 -27.48 -32.69 -6.64
CA THR A 347 -27.18 -32.37 -8.03
C THR A 347 -26.12 -33.26 -8.68
N TRP A 348 -25.13 -33.69 -7.90
CA TRP A 348 -23.98 -34.42 -8.43
C TRP A 348 -23.70 -35.65 -7.58
N SER A 349 -24.77 -36.28 -7.13
CA SER A 349 -24.69 -37.48 -6.30
C SER A 349 -23.87 -38.61 -6.94
N SER A 350 -23.92 -38.72 -8.26
CA SER A 350 -23.29 -39.84 -8.95
C SER A 350 -21.94 -39.49 -9.62
N LEU A 351 -21.43 -38.29 -9.36
CA LEU A 351 -20.23 -37.82 -10.02
C LEU A 351 -18.98 -38.33 -9.33
N GLN A 352 -18.83 -39.65 -9.21
CA GLN A 352 -17.71 -40.20 -8.44
C GLN A 352 -16.40 -40.19 -9.23
N ASN A 353 -16.46 -39.81 -10.50
CA ASN A 353 -15.23 -39.71 -11.27
C ASN A 353 -14.74 -38.27 -11.44
N LEU A 354 -15.52 -37.30 -10.96
CA LEU A 354 -15.17 -35.88 -11.04
C LEU A 354 -13.86 -35.55 -10.30
N THR A 355 -12.88 -34.98 -11.00
CA THR A 355 -11.61 -34.64 -10.33
C THR A 355 -11.36 -33.12 -10.29
N SER A 356 -12.07 -32.38 -11.12
CA SER A 356 -11.93 -30.94 -11.19
C SER A 356 -13.29 -30.27 -11.28
N LEU A 357 -13.50 -29.24 -10.46
CA LEU A 357 -14.76 -28.51 -10.39
C LEU A 357 -14.52 -27.01 -10.19
N ASP A 358 -15.11 -26.20 -11.05
CA ASP A 358 -14.93 -24.76 -10.97
C ASP A 358 -16.26 -24.06 -10.67
N LEU A 359 -16.37 -23.50 -9.47
CA LEU A 359 -17.58 -22.80 -9.05
C LEU A 359 -17.30 -21.30 -8.85
N SER A 360 -16.20 -20.85 -9.39
CA SER A 360 -15.73 -19.49 -9.13
C SER A 360 -16.64 -18.45 -9.76
N HIS A 361 -16.73 -17.26 -9.11
CA HIS A 361 -17.41 -16.09 -9.68
C HIS A 361 -18.94 -16.27 -9.76
N ASN A 362 -19.52 -16.87 -8.72
CA ASN A 362 -20.96 -16.96 -8.60
C ASN A 362 -21.49 -16.08 -7.46
N LYS A 363 -22.57 -16.50 -6.81
CA LYS A 363 -23.20 -15.71 -5.76
C LYS A 363 -23.31 -16.56 -4.50
N PHE A 364 -22.37 -17.47 -4.30
CA PHE A 364 -22.40 -18.31 -3.12
C PHE A 364 -21.99 -17.51 -1.89
N LYS A 365 -22.90 -17.44 -0.92
CA LYS A 365 -22.58 -16.90 0.39
C LYS A 365 -22.20 -18.06 1.29
N SER A 366 -22.77 -19.22 1.00
CA SER A 366 -22.47 -20.42 1.74
C SER A 366 -22.79 -21.68 0.93
N PHE A 367 -22.58 -22.83 1.57
CA PHE A 367 -22.91 -24.13 1.03
C PHE A 367 -23.44 -24.94 2.19
N PRO A 368 -24.47 -25.76 1.92
CA PRO A 368 -25.04 -26.60 2.97
C PRO A 368 -24.14 -27.77 3.33
N ASP A 369 -24.44 -28.38 4.47
CA ASP A 369 -23.72 -29.55 4.97
C ASP A 369 -23.69 -30.67 3.93
N PHE A 370 -22.52 -31.30 3.79
CA PHE A 370 -22.29 -32.42 2.88
C PHE A 370 -22.48 -32.12 1.40
N ALA A 371 -22.54 -30.84 1.03
CA ALA A 371 -22.73 -30.45 -0.37
C ALA A 371 -21.75 -31.09 -1.32
N PHE A 372 -20.47 -31.11 -0.95
CA PHE A 372 -19.45 -31.66 -1.84
C PHE A 372 -19.14 -33.14 -1.55
N SER A 373 -19.77 -33.69 -0.53
CA SER A 373 -19.43 -35.04 -0.06
C SER A 373 -19.48 -36.22 -1.08
N PRO A 374 -20.39 -36.17 -2.07
CA PRO A 374 -20.32 -37.29 -3.03
C PRO A 374 -19.03 -37.29 -3.85
N LEU A 375 -18.38 -36.13 -3.97
CA LEU A 375 -17.25 -36.02 -4.88
C LEU A 375 -15.97 -36.57 -4.25
N LYS A 376 -15.95 -37.88 -4.00
CA LYS A 376 -14.89 -38.50 -3.22
C LYS A 376 -13.57 -38.55 -3.99
N HIS A 377 -13.60 -38.21 -5.26
CA HIS A 377 -12.39 -38.22 -6.07
C HIS A 377 -11.91 -36.83 -6.53
N LEU A 378 -12.63 -35.79 -6.09
CA LEU A 378 -12.29 -34.40 -6.45
C LEU A 378 -10.83 -34.07 -6.06
N GLU A 379 -10.09 -33.50 -7.00
CA GLU A 379 -8.70 -33.08 -6.76
C GLU A 379 -8.51 -31.56 -6.84
N PHE A 380 -9.34 -30.90 -7.63
CA PHE A 380 -9.31 -29.44 -7.75
C PHE A 380 -10.70 -28.85 -7.53
N LEU A 381 -10.78 -27.88 -6.62
CA LEU A 381 -12.04 -27.19 -6.36
C LEU A 381 -11.73 -25.71 -6.32
N SER A 382 -12.46 -24.93 -7.10
CA SER A 382 -12.33 -23.48 -7.03
C SER A 382 -13.64 -22.79 -6.62
N LEU A 383 -13.55 -21.93 -5.61
CA LEU A 383 -14.71 -21.14 -5.17
C LEU A 383 -14.41 -19.65 -5.28
N SER A 384 -13.29 -19.30 -5.94
CA SER A 384 -12.85 -17.90 -6.05
C SER A 384 -13.94 -16.95 -6.46
N ARG A 385 -13.89 -15.74 -5.90
CA ARG A 385 -14.83 -14.68 -6.25
C ARG A 385 -16.26 -15.05 -5.95
N ASN A 386 -16.45 -15.78 -4.85
CA ASN A 386 -17.79 -15.88 -4.26
C ASN A 386 -17.86 -15.00 -3.02
N PRO A 387 -19.03 -14.38 -2.80
CA PRO A 387 -19.21 -13.51 -1.61
C PRO A 387 -19.36 -14.34 -0.35
N ILE A 388 -18.37 -15.17 -0.06
CA ILE A 388 -18.32 -16.04 1.10
C ILE A 388 -17.54 -15.34 2.23
N THR A 389 -18.16 -15.14 3.38
CA THR A 389 -17.44 -14.53 4.49
C THR A 389 -16.91 -15.58 5.45
N GLU A 390 -17.49 -16.77 5.39
CA GLU A 390 -17.16 -17.83 6.34
C GLU A 390 -17.28 -19.21 5.70
N LEU A 391 -16.41 -20.13 6.12
CA LEU A 391 -16.47 -21.50 5.63
C LEU A 391 -17.37 -22.42 6.46
N ASN A 392 -18.41 -22.98 5.84
CA ASN A 392 -19.16 -24.04 6.48
C ASN A 392 -18.40 -25.33 6.35
N ASN A 393 -17.70 -25.72 7.43
CA ASN A 393 -16.79 -26.85 7.42
C ASN A 393 -17.39 -28.18 6.95
N LEU A 394 -18.69 -28.35 7.23
CA LEU A 394 -19.40 -29.58 6.89
C LEU A 394 -19.75 -29.73 5.41
N ALA A 395 -19.66 -28.65 4.65
CA ALA A 395 -19.89 -28.73 3.21
C ALA A 395 -18.78 -29.52 2.50
N PHE A 396 -17.62 -29.60 3.13
CA PHE A 396 -16.47 -30.23 2.49
C PHE A 396 -16.13 -31.59 3.12
N SER A 397 -17.05 -32.08 3.93
CA SER A 397 -16.87 -33.36 4.61
C SER A 397 -16.56 -34.49 3.63
N GLY A 398 -15.42 -35.14 3.84
CA GLY A 398 -15.07 -36.33 3.08
C GLY A 398 -14.36 -36.10 1.75
N LEU A 399 -13.91 -34.87 1.50
CA LEU A 399 -13.10 -34.60 0.31
C LEU A 399 -11.63 -34.96 0.52
N PHE A 400 -11.36 -36.22 0.83
CA PHE A 400 -10.02 -36.66 1.21
C PHE A 400 -9.03 -36.70 0.05
N ALA A 401 -9.51 -36.55 -1.18
CA ALA A 401 -8.59 -36.60 -2.32
C ALA A 401 -8.13 -35.23 -2.80
N LEU A 402 -8.68 -34.18 -2.21
CA LEU A 402 -8.46 -32.81 -2.69
C LEU A 402 -6.98 -32.42 -2.59
N LYS A 403 -6.42 -31.90 -3.68
CA LYS A 403 -5.01 -31.54 -3.71
C LYS A 403 -4.89 -30.04 -3.79
N GLU A 404 -5.88 -29.40 -4.41
CA GLU A 404 -5.83 -27.95 -4.57
C GLU A 404 -7.17 -27.27 -4.32
N LEU A 405 -7.18 -26.28 -3.42
CA LEU A 405 -8.39 -25.51 -3.11
C LEU A 405 -8.14 -24.04 -3.40
N ASN A 406 -8.94 -23.46 -4.28
CA ASN A 406 -8.81 -22.04 -4.62
C ASN A 406 -9.99 -21.23 -4.07
N LEU A 407 -9.68 -20.39 -3.08
CA LEU A 407 -10.64 -19.53 -2.41
C LEU A 407 -10.24 -18.05 -2.56
N ALA A 408 -9.46 -17.74 -3.58
CA ALA A 408 -8.98 -16.38 -3.78
C ALA A 408 -10.10 -15.39 -4.08
N ALA A 409 -9.96 -14.18 -3.55
CA ALA A 409 -10.88 -13.07 -3.81
C ALA A 409 -12.31 -13.35 -3.38
N CYS A 410 -12.49 -14.30 -2.47
CA CYS A 410 -13.75 -14.36 -1.75
C CYS A 410 -13.74 -13.25 -0.68
N TRP A 411 -14.68 -13.29 0.26
CA TRP A 411 -14.76 -12.23 1.28
C TRP A 411 -14.42 -12.76 2.66
N ILE A 412 -13.61 -13.80 2.71
CA ILE A 412 -13.42 -14.54 3.95
C ILE A 412 -12.84 -13.69 5.09
N VAL A 413 -13.57 -13.76 6.19
CA VAL A 413 -13.43 -12.81 7.27
C VAL A 413 -12.75 -13.52 8.42
N THR A 414 -12.83 -14.85 8.44
CA THR A 414 -12.21 -15.60 9.52
C THR A 414 -12.04 -17.08 9.15
N ILE A 415 -10.98 -17.69 9.64
CA ILE A 415 -10.77 -19.13 9.56
C ILE A 415 -10.16 -19.59 10.88
N ASP A 416 -10.26 -20.88 11.19
CA ASP A 416 -9.58 -21.40 12.37
C ASP A 416 -9.14 -22.85 12.22
N ARG A 417 -8.79 -23.46 13.34
CA ARG A 417 -8.22 -24.80 13.36
C ARG A 417 -9.19 -25.86 12.85
N TYR A 418 -10.47 -25.50 12.77
CA TYR A 418 -11.49 -26.45 12.34
C TYR A 418 -11.86 -26.27 10.88
N SER A 419 -11.17 -25.37 10.20
CA SER A 419 -11.57 -24.98 8.86
C SER A 419 -11.10 -25.96 7.78
N PHE A 420 -10.03 -26.71 8.03
CA PHE A 420 -9.42 -27.58 7.00
C PHE A 420 -9.15 -29.03 7.42
N THR A 421 -9.99 -29.59 8.26
CA THR A 421 -9.82 -30.94 8.77
C THR A 421 -10.06 -32.01 7.71
N GLN A 422 -10.81 -31.66 6.67
CA GLN A 422 -11.22 -32.63 5.68
C GLN A 422 -10.27 -32.77 4.49
N PHE A 423 -9.13 -32.10 4.53
CA PHE A 423 -8.22 -32.09 3.38
C PHE A 423 -6.82 -32.62 3.67
N PRO A 424 -6.70 -33.87 4.15
CA PRO A 424 -5.37 -34.39 4.50
C PRO A 424 -4.36 -34.44 3.35
N ASN A 425 -4.83 -34.39 2.10
CA ASN A 425 -3.93 -34.46 0.94
C ASN A 425 -3.72 -33.13 0.22
N LEU A 426 -4.26 -32.05 0.77
CA LEU A 426 -4.13 -30.75 0.12
C LEU A 426 -2.65 -30.42 -0.07
N GLU A 427 -2.33 -29.81 -1.21
CA GLU A 427 -0.96 -29.46 -1.53
C GLU A 427 -0.85 -27.97 -1.77
N VAL A 428 -1.91 -27.36 -2.28
CA VAL A 428 -1.91 -25.93 -2.56
C VAL A 428 -3.19 -25.31 -2.01
N LEU A 429 -3.03 -24.29 -1.19
CA LEU A 429 -4.19 -23.58 -0.65
C LEU A 429 -4.10 -22.08 -0.91
N ASP A 430 -5.05 -21.56 -1.70
CA ASP A 430 -5.00 -20.17 -2.07
C ASP A 430 -6.06 -19.36 -1.31
N LEU A 431 -5.60 -18.57 -0.33
CA LEU A 431 -6.50 -17.73 0.48
C LEU A 431 -6.25 -16.27 0.19
N GLY A 432 -5.61 -16.02 -0.94
CA GLY A 432 -5.26 -14.68 -1.33
C GLY A 432 -6.45 -13.76 -1.49
N ASP A 433 -6.23 -12.47 -1.21
CA ASP A 433 -7.18 -11.42 -1.53
C ASP A 433 -8.51 -11.61 -0.79
N ASN A 434 -8.48 -12.27 0.36
CA ASN A 434 -9.64 -12.29 1.22
C ASN A 434 -9.66 -11.10 2.18
N ASN A 435 -10.31 -11.25 3.33
CA ASN A 435 -10.36 -10.17 4.33
C ASN A 435 -9.83 -10.67 5.67
N ILE A 436 -8.82 -11.54 5.65
CA ILE A 436 -8.42 -12.18 6.90
C ILE A 436 -7.51 -11.26 7.69
N ARG A 437 -7.88 -10.98 8.94
CA ARG A 437 -7.17 -10.00 9.79
C ARG A 437 -6.23 -10.61 10.82
N THR A 438 -6.57 -11.80 11.32
CA THR A 438 -5.67 -12.52 12.20
C THR A 438 -5.60 -14.01 11.86
N LEU A 439 -4.48 -14.63 12.20
CA LEU A 439 -4.28 -16.06 11.98
C LEU A 439 -4.23 -16.73 13.35
N ASN A 440 -5.12 -17.68 13.57
CA ASN A 440 -5.17 -18.35 14.87
C ASN A 440 -4.23 -19.55 14.89
N HIS A 441 -3.80 -19.93 16.09
CA HIS A 441 -2.94 -21.10 16.23
C HIS A 441 -3.63 -22.36 15.71
N GLY A 442 -2.86 -23.19 15.02
CA GLY A 442 -3.34 -24.47 14.55
C GLY A 442 -4.29 -24.43 13.37
N THR A 443 -4.47 -23.27 12.77
CA THR A 443 -5.45 -23.12 11.68
C THR A 443 -5.20 -24.12 10.55
N PHE A 444 -3.92 -24.43 10.28
CA PHE A 444 -3.55 -25.32 9.17
C PHE A 444 -2.96 -26.64 9.67
N ARG A 445 -3.13 -26.94 10.97
CA ARG A 445 -2.62 -28.19 11.55
C ARG A 445 -2.90 -29.48 10.76
N PRO A 446 -4.14 -29.65 10.26
CA PRO A 446 -4.43 -30.89 9.51
C PRO A 446 -3.72 -31.02 8.17
N LEU A 447 -3.28 -29.91 7.58
CA LEU A 447 -2.75 -29.93 6.23
C LEU A 447 -1.31 -30.43 6.12
N LYS A 448 -1.13 -31.70 6.50
CA LYS A 448 0.19 -32.33 6.62
C LYS A 448 1.00 -32.35 5.34
N LYS A 449 0.32 -32.28 4.21
CA LYS A 449 0.98 -32.40 2.92
C LYS A 449 1.04 -31.08 2.14
N LEU A 450 0.61 -30.00 2.77
CA LEU A 450 0.58 -28.70 2.11
C LEU A 450 1.97 -28.29 1.64
N GLN A 451 2.04 -27.82 0.39
CA GLN A 451 3.30 -27.50 -0.27
C GLN A 451 3.42 -26.00 -0.44
N SER A 452 2.28 -25.39 -0.78
CA SER A 452 2.20 -23.99 -1.13
C SER A 452 1.00 -23.35 -0.42
N LEU A 453 1.24 -22.25 0.28
CA LEU A 453 0.18 -21.52 0.95
C LEU A 453 0.23 -20.04 0.58
N ILE A 454 -0.88 -19.53 0.06
CA ILE A 454 -0.99 -18.12 -0.29
C ILE A 454 -1.92 -17.33 0.64
N LEU A 455 -1.39 -16.34 1.36
CA LEU A 455 -2.20 -15.51 2.27
C LEU A 455 -2.07 -14.06 1.89
N SER A 456 -1.65 -13.81 0.66
CA SER A 456 -1.37 -12.46 0.24
C SER A 456 -2.62 -11.60 0.06
N HIS A 457 -2.45 -10.29 0.20
CA HIS A 457 -3.52 -9.33 -0.03
C HIS A 457 -4.71 -9.53 0.91
N ASN A 458 -4.41 -9.95 2.12
CA ASN A 458 -5.39 -9.93 3.19
C ASN A 458 -5.17 -8.67 4.01
N CYS A 459 -5.66 -8.65 5.25
CA CYS A 459 -5.35 -7.52 6.10
C CYS A 459 -4.64 -8.00 7.36
N LEU A 460 -3.72 -8.95 7.21
CA LEU A 460 -3.12 -9.60 8.37
C LEU A 460 -2.25 -8.64 9.20
N LYS A 461 -2.57 -8.50 10.48
CA LYS A 461 -1.78 -7.73 11.42
C LYS A 461 -1.20 -8.65 12.49
N ILE A 462 -2.05 -9.55 12.99
CA ILE A 462 -1.71 -10.41 14.11
C ILE A 462 -1.57 -11.87 13.70
N LEU A 463 -0.38 -12.42 13.88
CA LEU A 463 -0.15 -13.84 13.68
C LEU A 463 0.14 -14.50 15.01
N GLU A 464 -0.82 -15.25 15.53
CA GLU A 464 -0.63 -16.00 16.77
C GLU A 464 0.57 -16.93 16.64
N PRO A 465 1.22 -17.22 17.78
CA PRO A 465 2.29 -18.22 17.79
C PRO A 465 1.73 -19.55 17.35
N ASN A 466 2.52 -20.37 16.67
CA ASN A 466 2.06 -21.65 16.14
C ASN A 466 0.89 -21.56 15.13
N SER A 467 0.78 -20.41 14.45
CA SER A 467 -0.19 -20.24 13.37
C SER A 467 0.04 -21.28 12.28
N PHE A 468 1.31 -21.63 12.07
CA PHE A 468 1.73 -22.50 10.99
C PHE A 468 2.23 -23.87 11.47
N SER A 469 1.83 -24.28 12.67
CA SER A 469 2.18 -25.65 13.09
C SER A 469 1.51 -26.73 12.20
N GLY A 470 2.17 -27.87 12.06
CA GLY A 470 1.66 -28.94 11.24
C GLY A 470 2.03 -28.83 9.77
N LEU A 471 2.55 -27.68 9.37
CA LEU A 471 2.91 -27.47 7.96
C LEU A 471 4.35 -27.91 7.71
N THR A 472 4.63 -29.15 8.10
CA THR A 472 5.97 -29.72 8.03
C THR A 472 6.56 -29.77 6.63
N ASN A 473 5.69 -29.98 5.63
CA ASN A 473 6.09 -30.06 4.24
C ASN A 473 5.92 -28.78 3.43
N LEU A 474 5.62 -27.67 4.10
CA LEU A 474 5.39 -26.44 3.36
C LEU A 474 6.69 -25.99 2.69
N ARG A 475 6.60 -25.69 1.40
CA ARG A 475 7.76 -25.32 0.62
C ARG A 475 7.69 -23.83 0.30
N SER A 476 6.48 -23.32 0.14
CA SER A 476 6.32 -21.94 -0.25
C SER A 476 5.26 -21.20 0.62
N LEU A 477 5.59 -20.02 1.11
CA LEU A 477 4.64 -19.26 1.93
C LEU A 477 4.61 -17.82 1.45
N ASP A 478 3.45 -17.41 0.95
CA ASP A 478 3.26 -16.07 0.42
C ASP A 478 2.44 -15.21 1.41
N LEU A 479 3.10 -14.20 2.00
CA LEU A 479 2.47 -13.28 2.94
C LEU A 479 2.53 -11.84 2.47
N MET A 480 2.72 -11.64 1.17
CA MET A 480 2.84 -10.30 0.61
C MET A 480 1.58 -9.45 0.76
N TYR A 481 1.77 -8.15 0.82
CA TYR A 481 0.63 -7.21 0.88
C TYR A 481 -0.29 -7.46 2.06
N ASN A 482 0.27 -7.49 3.25
CA ASN A 482 -0.49 -7.45 4.47
C ASN A 482 -0.03 -6.29 5.32
N SER A 483 -0.24 -6.39 6.63
CA SER A 483 0.13 -5.31 7.55
C SER A 483 0.97 -5.85 8.70
N LEU A 484 1.74 -6.90 8.43
CA LEU A 484 2.60 -7.51 9.45
C LEU A 484 3.72 -6.53 9.78
N SER A 485 4.11 -6.48 11.06
CA SER A 485 5.16 -5.58 11.52
C SER A 485 6.23 -6.28 12.39
N TYR A 486 5.84 -6.99 13.43
CA TYR A 486 6.83 -7.69 14.25
C TYR A 486 6.61 -9.20 14.19
N PHE A 487 7.63 -9.98 14.59
CA PHE A 487 7.54 -11.44 14.55
C PHE A 487 7.60 -12.06 15.94
N HIS A 488 6.63 -12.91 16.25
CA HIS A 488 6.61 -13.63 17.52
C HIS A 488 7.73 -14.68 17.55
N GLU A 489 8.16 -15.06 18.74
CA GLU A 489 9.21 -16.07 18.93
C GLU A 489 9.01 -17.37 18.15
N HIS A 490 7.80 -17.90 18.17
CA HIS A 490 7.48 -19.19 17.59
C HIS A 490 6.54 -19.03 16.41
N LEU A 491 6.70 -17.93 15.67
CA LEU A 491 5.85 -17.68 14.52
C LEU A 491 6.07 -18.73 13.43
N PHE A 492 7.34 -18.93 13.09
CA PHE A 492 7.73 -19.81 11.99
C PHE A 492 8.21 -21.16 12.48
N SER A 493 7.58 -21.68 13.53
CA SER A 493 8.02 -22.90 14.20
C SER A 493 8.07 -24.18 13.34
N GLY A 494 6.92 -24.67 12.88
CA GLY A 494 6.87 -25.91 12.12
C GLY A 494 7.42 -25.89 10.69
N LEU A 495 8.15 -24.84 10.33
CA LEU A 495 8.49 -24.64 8.93
C LEU A 495 9.94 -24.97 8.55
N GLU A 496 10.46 -26.10 9.01
CA GLU A 496 11.90 -26.37 8.83
C GLU A 496 12.28 -26.75 7.40
N LYS A 497 11.26 -27.02 6.59
CA LYS A 497 11.45 -27.43 5.22
C LYS A 497 11.07 -26.33 4.23
N LEU A 498 10.66 -25.18 4.75
CA LEU A 498 10.27 -24.04 3.91
C LEU A 498 11.40 -23.55 3.00
N LEU A 499 11.09 -23.37 1.71
CA LEU A 499 12.11 -22.94 0.73
C LEU A 499 11.98 -21.47 0.36
N ILE A 500 10.75 -20.99 0.32
CA ILE A 500 10.45 -19.66 -0.18
C ILE A 500 9.54 -18.97 0.82
N LEU A 501 9.94 -17.78 1.26
CA LEU A 501 9.12 -16.98 2.15
C LEU A 501 9.02 -15.55 1.62
N LYS A 502 7.79 -15.12 1.35
CA LYS A 502 7.55 -13.83 0.73
C LYS A 502 6.82 -12.86 1.67
N LEU A 503 7.51 -11.81 2.09
CA LEU A 503 6.99 -10.91 3.10
C LEU A 503 7.03 -9.46 2.64
N GLY A 504 7.14 -9.27 1.34
CA GLY A 504 7.25 -7.94 0.79
C GLY A 504 5.97 -7.15 0.99
N PHE A 505 6.06 -5.83 0.93
CA PHE A 505 4.89 -4.95 1.04
C PHE A 505 4.05 -5.19 2.28
N ASN A 506 4.73 -5.36 3.40
CA ASN A 506 4.11 -5.27 4.71
C ASN A 506 4.54 -3.99 5.44
N LYS A 507 4.64 -4.07 6.77
CA LYS A 507 5.06 -2.92 7.59
C LYS A 507 6.20 -3.32 8.52
N ILE A 508 7.14 -4.09 7.99
CA ILE A 508 8.24 -4.61 8.78
C ILE A 508 9.31 -3.55 8.86
N THR A 509 9.29 -2.80 9.96
CA THR A 509 10.06 -1.59 10.10
C THR A 509 10.60 -1.47 11.53
N TYR A 510 11.87 -1.10 11.66
CA TYR A 510 12.45 -0.79 12.95
C TYR A 510 12.96 0.66 12.99
N GLU A 511 12.52 1.44 13.97
CA GLU A 511 12.88 2.85 14.04
C GLU A 511 14.11 3.16 14.89
N THR A 512 14.77 2.12 15.37
CA THR A 512 15.99 2.29 16.16
C THR A 512 16.84 1.01 16.05
N THR A 513 18.09 1.09 16.51
CA THR A 513 18.96 -0.08 16.58
C THR A 513 18.42 -1.14 17.54
N ARG A 514 18.38 -2.39 17.08
CA ARG A 514 17.81 -3.47 17.89
C ARG A 514 18.67 -4.70 17.73
N THR A 515 18.77 -5.48 18.80
CA THR A 515 19.28 -6.84 18.67
C THR A 515 18.15 -7.69 19.20
N LEU A 516 17.51 -8.42 18.31
CA LEU A 516 16.32 -9.18 18.65
C LEU A 516 16.62 -10.38 19.54
N GLN A 517 15.82 -10.54 20.58
CA GLN A 517 15.94 -11.68 21.46
C GLN A 517 15.65 -12.95 20.67
N TYR A 518 14.66 -12.86 19.79
CA TYR A 518 14.34 -13.96 18.89
C TYR A 518 14.45 -13.52 17.44
N PRO A 519 15.57 -13.85 16.79
CA PRO A 519 15.69 -13.62 15.34
C PRO A 519 14.56 -14.39 14.71
N PRO A 520 13.79 -13.73 13.84
CA PRO A 520 12.54 -14.28 13.31
C PRO A 520 12.70 -15.46 12.33
N PHE A 521 13.84 -15.54 11.65
CA PHE A 521 14.06 -16.56 10.64
C PHE A 521 14.95 -17.68 11.15
N ILE A 522 15.14 -17.72 12.46
CA ILE A 522 16.11 -18.63 13.06
C ILE A 522 15.80 -20.12 12.83
N LYS A 523 14.54 -20.49 12.67
CA LYS A 523 14.19 -21.90 12.46
C LYS A 523 14.06 -22.32 10.99
N LEU A 524 14.13 -21.35 10.08
CA LEU A 524 13.96 -21.64 8.67
C LEU A 524 15.26 -22.14 8.04
N LYS A 525 15.65 -23.37 8.37
CA LYS A 525 16.96 -23.88 8.00
C LYS A 525 17.12 -24.29 6.55
N SER A 526 16.02 -24.40 5.80
CA SER A 526 16.11 -24.77 4.37
C SER A 526 15.79 -23.60 3.47
N LEU A 527 15.59 -22.44 4.07
CA LEU A 527 15.12 -21.29 3.32
C LEU A 527 16.10 -20.89 2.23
N LYS A 528 15.61 -20.77 1.00
CA LYS A 528 16.47 -20.38 -0.12
C LYS A 528 16.16 -18.97 -0.64
N GLN A 529 14.90 -18.55 -0.54
CA GLN A 529 14.49 -17.21 -1.01
C GLN A 529 13.68 -16.44 0.01
N LEU A 530 14.10 -15.21 0.27
CA LEU A 530 13.42 -14.32 1.18
C LEU A 530 13.10 -13.02 0.49
N ASN A 531 11.82 -12.65 0.47
CA ASN A 531 11.43 -11.36 -0.09
C ASN A 531 11.00 -10.38 1.01
N LEU A 532 11.71 -9.26 1.15
CA LEU A 532 11.35 -8.22 2.13
C LEU A 532 11.23 -6.87 1.44
N GLU A 533 10.84 -6.89 0.18
CA GLU A 533 10.74 -5.66 -0.57
C GLU A 533 9.63 -4.73 -0.09
N GLY A 534 9.84 -3.43 -0.30
CA GLY A 534 8.78 -2.46 -0.20
C GLY A 534 7.95 -2.39 1.06
N GLN A 535 8.56 -2.50 2.23
CA GLN A 535 7.83 -2.22 3.48
C GLN A 535 7.34 -0.77 3.41
N ARG A 536 6.12 -0.52 3.87
CA ARG A 536 5.47 0.79 3.71
C ARG A 536 6.34 2.00 4.06
N HIS A 537 7.08 1.92 5.15
CA HIS A 537 7.96 3.01 5.55
C HIS A 537 9.39 2.55 5.52
N GLY A 538 9.65 1.54 4.71
CA GLY A 538 10.97 0.94 4.58
C GLY A 538 11.26 0.11 5.80
N ILE A 539 12.14 -0.88 5.66
CA ILE A 539 12.56 -1.69 6.78
C ILE A 539 13.35 -0.82 7.77
N GLN A 540 13.90 0.28 7.27
CA GLN A 540 14.72 1.19 8.08
C GLN A 540 15.87 0.49 8.78
N VAL A 541 15.93 0.58 10.11
CA VAL A 541 17.10 0.05 10.80
C VAL A 541 17.00 -1.46 10.89
N VAL A 542 17.78 -2.18 10.08
CA VAL A 542 17.73 -3.62 10.15
C VAL A 542 18.38 -4.11 11.46
N PRO A 543 17.65 -4.89 12.28
CA PRO A 543 18.23 -5.42 13.52
C PRO A 543 19.57 -6.11 13.25
N SER A 544 20.47 -6.07 14.21
CA SER A 544 21.85 -6.48 13.97
C SER A 544 21.97 -7.99 13.76
N ASN A 545 21.01 -8.74 14.28
CA ASN A 545 21.00 -10.19 14.11
C ASN A 545 19.79 -10.65 13.28
N PHE A 546 19.33 -9.75 12.42
CA PHE A 546 18.09 -10.00 11.70
C PHE A 546 18.12 -11.28 10.87
N PHE A 547 19.29 -11.65 10.33
CA PHE A 547 19.40 -12.79 9.38
C PHE A 547 20.00 -14.07 9.93
N GLN A 548 20.18 -14.11 11.24
CA GLN A 548 20.65 -15.28 11.96
C GLN A 548 19.89 -16.54 11.56
N GLY A 549 20.60 -17.61 11.28
CA GLY A 549 20.01 -18.91 11.05
C GLY A 549 19.80 -19.20 9.57
N LEU A 550 20.17 -18.23 8.74
CA LEU A 550 19.88 -18.30 7.31
C LEU A 550 21.09 -18.68 6.43
N GLY A 551 21.87 -19.66 6.88
CA GLY A 551 23.04 -20.12 6.13
C GLY A 551 22.74 -20.79 4.80
N SER A 552 21.52 -21.23 4.59
CA SER A 552 21.13 -21.87 3.33
C SER A 552 20.56 -20.88 2.31
N LEU A 553 20.31 -19.64 2.74
CA LEU A 553 19.64 -18.68 1.87
C LEU A 553 20.47 -18.42 0.62
N GLN A 554 19.79 -18.34 -0.53
CA GLN A 554 20.45 -18.09 -1.81
C GLN A 554 20.08 -16.75 -2.42
N GLU A 555 18.87 -16.28 -2.12
CA GLU A 555 18.38 -15.03 -2.71
C GLU A 555 17.72 -14.15 -1.66
N LEU A 556 18.17 -12.90 -1.55
CA LEU A 556 17.59 -11.93 -0.62
C LEU A 556 17.16 -10.72 -1.43
N LEU A 557 15.89 -10.35 -1.34
CA LEU A 557 15.38 -9.19 -2.06
C LEU A 557 14.95 -8.13 -1.04
N LEU A 558 15.67 -7.00 -0.97
CA LEU A 558 15.35 -5.91 -0.06
C LEU A 558 15.06 -4.64 -0.87
N GLY A 559 14.90 -4.80 -2.18
CA GLY A 559 14.63 -3.67 -3.05
C GLY A 559 13.31 -2.94 -2.78
N LYS A 560 13.13 -1.78 -3.41
CA LYS A 560 11.89 -0.99 -3.31
C LYS A 560 11.51 -0.49 -1.91
N ASN A 561 12.45 -0.57 -0.95
CA ASN A 561 12.25 0.02 0.37
C ASN A 561 12.63 1.51 0.39
N PRO A 562 11.77 2.36 0.97
CA PRO A 562 12.05 3.79 1.15
C PRO A 562 13.36 4.04 1.89
N SER A 563 13.74 3.13 2.79
CA SER A 563 15.07 3.17 3.36
C SER A 563 15.53 1.81 3.86
N VAL A 564 16.86 1.57 3.80
CA VAL A 564 17.45 0.32 4.29
C VAL A 564 18.77 0.70 4.93
N PHE A 565 18.89 0.46 6.23
CA PHE A 565 20.12 0.77 6.95
C PHE A 565 20.72 -0.53 7.48
N LEU A 566 21.83 -0.93 6.88
CA LEU A 566 22.58 -2.11 7.31
C LEU A 566 23.92 -1.60 7.87
N ASP A 567 23.88 -1.17 9.13
CA ASP A 567 24.99 -0.47 9.76
C ASP A 567 26.09 -1.40 10.24
N HIS A 568 25.76 -2.65 10.51
CA HIS A 568 26.70 -3.53 11.20
C HIS A 568 27.19 -4.70 10.33
N HIS A 569 26.97 -5.94 10.77
CA HIS A 569 27.42 -7.10 9.99
C HIS A 569 26.29 -8.09 9.76
N GLN A 570 25.16 -7.55 9.31
CA GLN A 570 23.91 -8.29 9.13
C GLN A 570 23.97 -9.45 8.15
N PHE A 571 24.86 -9.37 7.15
CA PHE A 571 24.94 -10.42 6.14
C PHE A 571 25.89 -11.56 6.51
N ASP A 572 26.53 -11.48 7.67
CA ASP A 572 27.49 -12.52 8.08
C ASP A 572 26.98 -13.95 8.10
N PRO A 573 25.70 -14.16 8.46
CA PRO A 573 25.20 -15.55 8.43
C PRO A 573 24.94 -16.06 7.01
N LEU A 574 24.84 -15.18 6.03
CA LEU A 574 24.41 -15.56 4.68
C LEU A 574 25.52 -16.15 3.79
N ILE A 575 26.14 -17.23 4.23
CA ILE A 575 27.34 -17.69 3.53
C ILE A 575 27.05 -18.26 2.15
N ASN A 576 25.86 -18.83 1.96
CA ASN A 576 25.50 -19.38 0.67
C ASN A 576 24.77 -18.42 -0.27
N LEU A 577 24.70 -17.15 0.10
CA LEU A 577 23.99 -16.18 -0.74
C LEU A 577 24.58 -16.10 -2.16
N THR A 578 23.68 -16.11 -3.14
CA THR A 578 23.98 -16.12 -4.56
C THR A 578 23.52 -14.85 -5.27
N LYS A 579 22.39 -14.31 -4.83
CA LYS A 579 21.83 -13.08 -5.38
C LYS A 579 21.33 -12.15 -4.28
N LEU A 580 21.72 -10.87 -4.37
CA LEU A 580 21.27 -9.83 -3.45
C LEU A 580 20.76 -8.62 -4.23
N ASP A 581 19.56 -8.16 -3.92
CA ASP A 581 19.05 -6.93 -4.53
C ASP A 581 18.60 -5.90 -3.47
N ILE A 582 19.25 -4.73 -3.49
CA ILE A 582 18.85 -3.59 -2.68
C ILE A 582 18.74 -2.35 -3.57
N SER A 583 17.83 -2.44 -4.52
CA SER A 583 17.63 -1.38 -5.50
C SER A 583 16.41 -0.56 -5.14
N GLY A 584 16.37 0.68 -5.62
CA GLY A 584 15.17 1.47 -5.56
C GLY A 584 14.88 2.24 -4.27
N THR A 585 15.89 2.47 -3.43
CA THR A 585 15.68 3.35 -2.28
C THR A 585 15.64 4.81 -2.71
N LYS A 586 16.35 5.12 -3.81
CA LYS A 586 16.17 6.37 -4.55
C LYS A 586 16.76 7.67 -3.99
N ASP A 587 17.32 7.68 -2.79
CA ASP A 587 18.19 8.83 -2.47
C ASP A 587 19.28 8.52 -1.47
N GLY A 588 20.31 7.88 -2.01
CA GLY A 588 21.49 7.39 -1.32
C GLY A 588 21.67 7.51 0.18
N ASP A 589 22.38 8.55 0.60
CA ASP A 589 22.81 8.64 1.98
C ASP A 589 21.64 8.66 2.95
N ARG A 590 20.55 9.31 2.54
CA ARG A 590 19.36 9.36 3.38
C ARG A 590 18.64 8.02 3.44
N SER A 591 18.65 7.25 2.35
CA SER A 591 17.82 6.04 2.26
C SER A 591 18.57 4.73 2.36
N LEU A 592 19.90 4.79 2.30
CA LEU A 592 20.70 3.57 2.23
C LEU A 592 21.98 3.72 3.02
N TYR A 593 22.26 2.77 3.90
CA TYR A 593 23.56 2.68 4.52
C TYR A 593 24.03 1.24 4.54
N LEU A 594 25.25 1.01 4.05
CA LEU A 594 25.87 -0.30 4.07
C LEU A 594 27.22 -0.17 4.77
N ASN A 595 27.41 -0.93 5.85
CA ASN A 595 28.68 -0.94 6.57
C ASN A 595 29.81 -1.23 5.59
N ALA A 596 30.95 -0.59 5.79
CA ALA A 596 32.07 -0.70 4.86
C ALA A 596 32.45 -2.16 4.59
N SER A 597 32.35 -3.01 5.61
CA SER A 597 32.73 -4.41 5.45
C SER A 597 31.54 -5.37 5.41
N LEU A 598 30.36 -4.86 5.05
CA LEU A 598 29.12 -5.66 5.03
C LEU A 598 29.17 -6.90 4.13
N PHE A 599 29.83 -6.78 2.99
CA PHE A 599 29.89 -7.86 1.99
C PHE A 599 31.02 -8.87 2.19
N GLN A 600 31.72 -8.78 3.32
CA GLN A 600 32.93 -9.59 3.52
C GLN A 600 32.74 -11.10 3.45
N ASN A 601 31.60 -11.59 3.90
CA ASN A 601 31.42 -13.03 3.93
C ASN A 601 30.72 -13.61 2.70
N LEU A 602 30.28 -12.72 1.82
CA LEU A 602 29.48 -13.13 0.69
C LEU A 602 30.39 -13.59 -0.43
N LYS A 603 31.15 -14.64 -0.14
CA LYS A 603 32.15 -15.15 -1.05
C LYS A 603 31.54 -15.97 -2.18
N ARG A 604 30.25 -16.32 -2.05
CA ARG A 604 29.54 -17.04 -3.11
C ARG A 604 28.56 -16.15 -3.88
N LEU A 605 28.58 -14.84 -3.66
CA LEU A 605 27.64 -13.98 -4.34
C LEU A 605 27.90 -13.94 -5.86
N LYS A 606 26.87 -14.23 -6.66
CA LYS A 606 27.02 -14.17 -8.11
C LYS A 606 26.38 -12.91 -8.70
N ILE A 607 25.36 -12.40 -8.01
CA ILE A 607 24.58 -11.26 -8.51
C ILE A 607 24.40 -10.18 -7.42
N LEU A 608 24.66 -8.92 -7.77
CA LEU A 608 24.50 -7.82 -6.85
C LEU A 608 23.90 -6.64 -7.61
N ARG A 609 22.69 -6.26 -7.20
CA ARG A 609 21.98 -5.13 -7.78
C ARG A 609 21.71 -4.04 -6.74
N LEU A 610 22.23 -2.86 -7.03
CA LEU A 610 22.19 -1.72 -6.13
C LEU A 610 21.71 -0.56 -6.95
N GLU A 611 20.70 -0.80 -7.78
CA GLU A 611 20.22 0.14 -8.80
C GLU A 611 19.26 1.19 -8.26
N ASN A 612 19.15 2.30 -8.98
CA ASN A 612 18.16 3.33 -8.66
C ASN A 612 18.23 3.74 -7.19
N ASN A 613 19.45 3.93 -6.70
CA ASN A 613 19.63 4.36 -5.32
C ASN A 613 20.20 5.75 -5.28
N ASN A 614 20.37 6.36 -6.45
CA ASN A 614 20.99 7.69 -6.54
C ASN A 614 22.31 7.83 -5.78
N LEU A 615 23.10 6.76 -5.76
CA LEU A 615 24.44 6.78 -5.15
C LEU A 615 25.33 7.84 -5.78
N GLU A 616 26.10 8.56 -4.98
CA GLU A 616 26.96 9.62 -5.48
C GLU A 616 28.44 9.19 -5.57
N SER A 617 28.82 8.21 -4.74
CA SER A 617 30.18 7.69 -4.67
C SER A 617 30.11 6.22 -4.29
N LEU A 618 31.24 5.55 -4.32
CA LEU A 618 31.34 4.17 -3.87
C LEU A 618 32.27 4.04 -2.66
N VAL A 619 31.92 3.19 -1.70
CA VAL A 619 32.75 2.97 -0.51
C VAL A 619 33.97 2.11 -0.86
N PRO A 620 35.19 2.61 -0.56
CA PRO A 620 36.45 1.91 -0.90
C PRO A 620 36.52 0.50 -0.30
N ASP A 621 36.92 -0.49 -1.12
CA ASP A 621 37.03 -1.88 -0.69
C ASP A 621 35.72 -2.56 -0.25
N MET A 622 34.58 -1.93 -0.54
CA MET A 622 33.31 -2.55 -0.20
C MET A 622 33.05 -3.85 -0.97
N PHE A 623 33.53 -3.91 -2.22
CA PHE A 623 33.19 -5.04 -3.09
C PHE A 623 34.37 -5.99 -3.29
N SER A 624 35.51 -5.66 -2.71
CA SER A 624 36.76 -6.38 -2.89
C SER A 624 36.76 -7.82 -2.40
N SER A 625 35.74 -8.23 -1.65
CA SER A 625 35.70 -9.63 -1.20
C SER A 625 34.88 -10.49 -2.15
N LEU A 626 34.18 -9.84 -3.06
CA LEU A 626 33.23 -10.53 -3.91
C LEU A 626 33.91 -11.28 -5.06
N GLN A 627 34.54 -12.41 -4.72
CA GLN A 627 35.29 -13.26 -5.67
C GLN A 627 34.43 -13.74 -6.82
N SER A 628 33.26 -14.28 -6.48
CA SER A 628 32.37 -14.94 -7.42
C SER A 628 31.42 -13.99 -8.11
N LEU A 629 31.56 -12.68 -7.87
CA LEU A 629 30.60 -11.74 -8.46
C LEU A 629 30.69 -11.71 -9.99
N GLN A 630 29.58 -12.04 -10.66
CA GLN A 630 29.50 -12.05 -12.14
C GLN A 630 28.67 -10.90 -12.67
N VAL A 631 27.59 -10.58 -11.96
CA VAL A 631 26.71 -9.49 -12.36
C VAL A 631 26.69 -8.44 -11.26
N PHE A 632 27.06 -7.23 -11.62
CA PHE A 632 27.15 -6.11 -10.70
C PHE A 632 26.42 -4.97 -11.38
N SER A 633 25.30 -4.53 -10.80
CA SER A 633 24.58 -3.44 -11.42
C SER A 633 24.44 -2.21 -10.56
N LEU A 634 24.84 -1.08 -11.14
CA LEU A 634 24.78 0.20 -10.48
C LEU A 634 23.97 1.13 -11.39
N ARG A 635 23.11 0.52 -12.19
CA ARG A 635 22.23 1.22 -13.11
C ARG A 635 21.40 2.28 -12.36
N PHE A 636 21.28 3.47 -12.96
CA PHE A 636 20.46 4.57 -12.42
C PHE A 636 20.93 5.08 -11.05
N ASN A 637 22.19 5.47 -10.96
CA ASN A 637 22.68 6.19 -9.80
C ASN A 637 23.28 7.50 -10.25
N ASN A 638 24.02 8.15 -9.36
CA ASN A 638 24.67 9.42 -9.66
C ASN A 638 26.19 9.33 -9.60
N LEU A 639 26.73 8.16 -9.96
CA LEU A 639 28.17 7.94 -9.96
C LEU A 639 28.82 8.82 -11.01
N LYS A 640 29.89 9.51 -10.61
CA LYS A 640 30.62 10.43 -11.51
C LYS A 640 31.93 9.83 -12.02
N VAL A 641 32.50 8.93 -11.24
CA VAL A 641 33.80 8.37 -11.53
C VAL A 641 33.82 6.89 -11.20
N ILE A 642 34.35 6.09 -12.11
CA ILE A 642 34.69 4.72 -11.77
C ILE A 642 36.11 4.35 -12.25
N ASN A 643 36.82 3.52 -11.47
CA ASN A 643 38.21 3.19 -11.73
C ASN A 643 38.57 1.83 -11.16
N GLN A 644 39.85 1.46 -11.31
CA GLN A 644 40.39 0.17 -10.92
C GLN A 644 40.13 -0.20 -9.47
N SER A 645 40.13 0.81 -8.61
CA SER A 645 39.83 0.60 -7.19
C SER A 645 38.47 -0.03 -6.96
N HIS A 646 37.44 0.49 -7.62
CA HIS A 646 36.07 0.03 -7.41
C HIS A 646 35.93 -1.42 -7.80
N LEU A 647 36.68 -1.76 -8.86
CA LEU A 647 36.62 -3.05 -9.54
C LEU A 647 37.72 -4.02 -9.07
N LYS A 648 38.50 -3.60 -8.07
CA LYS A 648 39.55 -4.43 -7.52
C LYS A 648 39.06 -5.83 -7.09
N ASN A 649 39.74 -6.85 -7.58
CA ASN A 649 39.52 -8.24 -7.18
C ASN A 649 38.22 -8.89 -7.61
N LEU A 650 37.43 -8.22 -8.45
CA LEU A 650 36.26 -8.88 -9.03
C LEU A 650 36.69 -9.83 -10.17
N LYS A 651 37.26 -10.96 -9.76
CA LYS A 651 37.87 -11.95 -10.68
C LYS A 651 36.86 -12.57 -11.64
N SER A 652 35.62 -12.70 -11.19
CA SER A 652 34.59 -13.39 -11.97
C SER A 652 33.66 -12.48 -12.72
N LEU A 653 33.91 -11.18 -12.66
CA LEU A 653 33.00 -10.19 -13.27
C LEU A 653 32.79 -10.45 -14.76
N MET A 654 31.55 -10.38 -15.22
CA MET A 654 31.26 -10.49 -16.65
C MET A 654 30.12 -9.60 -17.16
N PHE A 655 29.47 -8.89 -16.24
CA PHE A 655 28.44 -7.93 -16.56
C PHE A 655 28.52 -6.85 -15.49
N PHE A 656 28.80 -5.61 -15.89
CA PHE A 656 28.98 -4.48 -14.97
C PHE A 656 28.22 -3.31 -15.55
N ASP A 657 27.17 -2.89 -14.84
CA ASP A 657 26.17 -2.02 -15.42
C ASP A 657 26.22 -0.69 -14.73
N VAL A 658 26.60 0.33 -15.49
CA VAL A 658 26.75 1.67 -14.96
C VAL A 658 26.04 2.66 -15.89
N TYR A 659 25.08 2.12 -16.62
CA TYR A 659 24.13 2.89 -17.42
C TYR A 659 23.27 3.78 -16.52
N GLY A 660 22.83 4.91 -17.05
CA GLY A 660 22.00 5.84 -16.31
C GLY A 660 22.74 6.57 -15.20
N ASN A 661 24.07 6.64 -15.29
CA ASN A 661 24.85 7.40 -14.31
C ASN A 661 25.31 8.77 -14.82
N LYS A 662 26.31 9.35 -14.16
CA LYS A 662 26.78 10.68 -14.53
C LYS A 662 28.30 10.70 -14.74
N LEU A 663 28.79 9.73 -15.48
CA LEU A 663 30.23 9.55 -15.68
C LEU A 663 30.86 10.77 -16.38
N GLN A 664 31.87 11.35 -15.76
CA GLN A 664 32.43 12.58 -16.29
C GLN A 664 33.49 12.30 -17.35
N CYS A 665 33.46 13.07 -18.44
CA CYS A 665 34.49 12.99 -19.45
C CYS A 665 35.72 13.78 -19.01
N THR A 666 36.44 13.23 -18.04
CA THR A 666 37.68 13.80 -17.55
C THR A 666 38.64 12.63 -17.41
N CYS A 667 39.87 12.95 -17.00
CA CYS A 667 40.93 11.97 -16.84
C CYS A 667 40.68 11.01 -15.68
N ASP A 668 39.78 11.38 -14.76
CA ASP A 668 39.45 10.49 -13.65
C ASP A 668 38.86 9.18 -14.17
N ASN A 669 38.25 9.24 -15.34
CA ASN A 669 37.63 8.07 -15.94
C ASN A 669 38.42 7.46 -17.08
N LEU A 670 39.66 7.93 -17.25
CA LEU A 670 40.49 7.49 -18.37
C LEU A 670 40.75 5.99 -18.31
N TRP A 671 41.12 5.45 -17.15
CA TRP A 671 41.29 4.00 -17.08
C TRP A 671 40.01 3.24 -17.44
N PHE A 672 38.87 3.69 -16.90
CA PHE A 672 37.60 3.01 -17.13
C PHE A 672 37.21 3.00 -18.62
N LYS A 673 37.29 4.15 -19.26
CA LYS A 673 36.93 4.30 -20.68
C LYS A 673 37.70 3.33 -21.58
N ASN A 674 39.00 3.22 -21.37
CA ASN A 674 39.82 2.30 -22.16
C ASN A 674 39.57 0.83 -21.84
N TRP A 675 39.45 0.52 -20.56
CA TRP A 675 39.24 -0.86 -20.10
C TRP A 675 37.85 -1.36 -20.50
N SER A 676 36.85 -0.48 -20.38
CA SER A 676 35.46 -0.88 -20.65
C SER A 676 35.25 -1.20 -22.12
N MET A 677 35.94 -0.46 -22.99
CA MET A 677 35.86 -0.69 -24.44
C MET A 677 36.66 -1.93 -24.83
N ASN A 678 37.71 -2.22 -24.10
CA ASN A 678 38.67 -3.24 -24.54
C ASN A 678 38.52 -4.62 -23.91
N THR A 679 38.03 -4.67 -22.67
CA THR A 679 37.89 -5.95 -21.98
C THR A 679 36.97 -6.85 -22.78
N GLU A 680 37.31 -8.11 -22.89
CA GLU A 680 36.49 -9.06 -23.64
C GLU A 680 35.81 -9.97 -22.65
N GLU A 681 36.11 -9.75 -21.37
CA GLU A 681 35.61 -10.61 -20.32
C GLU A 681 34.34 -9.98 -19.73
N VAL A 682 34.25 -8.66 -19.75
CA VAL A 682 33.15 -7.97 -19.11
C VAL A 682 32.34 -7.13 -20.07
N HIS A 683 31.03 -7.41 -20.12
CA HIS A 683 30.09 -6.62 -20.90
C HIS A 683 29.57 -5.43 -20.09
N ILE A 684 29.40 -4.29 -20.77
CA ILE A 684 28.99 -3.04 -20.14
C ILE A 684 27.88 -2.37 -20.94
N PRO A 685 26.64 -2.51 -20.47
CA PRO A 685 25.41 -2.08 -21.13
C PRO A 685 25.39 -0.63 -21.60
N PHE A 686 25.23 -0.48 -22.92
CA PHE A 686 25.02 0.79 -23.59
C PHE A 686 26.21 1.75 -23.49
N LEU A 687 27.36 1.18 -23.13
CA LEU A 687 28.64 1.90 -22.95
C LEU A 687 28.89 2.97 -24.00
N ARG A 688 28.76 2.58 -25.27
CA ARG A 688 29.06 3.47 -26.40
C ARG A 688 28.08 4.62 -26.58
N SER A 689 27.09 4.72 -25.70
CA SER A 689 26.13 5.81 -25.73
C SER A 689 26.27 6.80 -24.56
N TYR A 690 27.05 6.42 -23.55
CA TYR A 690 27.19 7.23 -22.34
C TYR A 690 27.64 8.63 -22.71
N PRO A 691 26.84 9.64 -22.37
CA PRO A 691 27.09 11.03 -22.78
C PRO A 691 28.02 11.76 -21.83
N CYS A 692 28.65 12.81 -22.34
CA CYS A 692 29.49 13.65 -21.49
C CYS A 692 28.58 14.55 -20.69
N GLN A 693 28.98 14.82 -19.45
CA GLN A 693 28.14 15.54 -18.49
C GLN A 693 28.01 17.02 -18.86
N GLN A 694 28.87 17.47 -19.76
CA GLN A 694 28.86 18.83 -20.29
C GLN A 694 27.48 19.20 -20.82
N PRO A 695 26.90 20.30 -20.29
CA PRO A 695 25.56 20.80 -20.64
C PRO A 695 25.34 20.91 -22.16
N GLY A 696 26.41 21.16 -22.89
CA GLY A 696 26.36 21.24 -24.35
C GLY A 696 26.09 19.89 -25.01
N SER A 697 26.43 18.81 -24.30
CA SER A 697 26.26 17.45 -24.80
C SER A 697 26.94 17.25 -26.14
N GLN A 698 26.23 16.59 -27.06
CA GLN A 698 26.72 16.33 -28.41
C GLN A 698 28.10 15.68 -28.38
N SER A 699 28.35 14.92 -27.32
CA SER A 699 29.66 14.34 -27.10
C SER A 699 29.55 13.10 -26.20
N LEU A 700 30.41 12.12 -26.45
CA LEU A 700 30.34 10.82 -25.79
C LEU A 700 31.58 10.50 -24.97
N LEU A 701 31.38 9.79 -23.86
CA LEU A 701 32.50 9.31 -23.05
C LEU A 701 33.47 8.52 -23.91
N ILE A 702 32.90 7.88 -24.91
CA ILE A 702 33.60 6.92 -25.75
C ILE A 702 34.63 7.64 -26.64
N ASP A 703 34.38 8.92 -26.90
CA ASP A 703 35.23 9.74 -27.75
C ASP A 703 35.90 10.81 -26.93
N PHE A 704 36.71 10.39 -25.96
CA PHE A 704 37.30 11.34 -25.03
C PHE A 704 38.77 11.49 -25.37
N ASP A 705 39.17 12.74 -25.64
CA ASP A 705 40.55 13.04 -26.00
C ASP A 705 41.54 12.54 -24.96
N ASP A 706 42.11 11.38 -25.26
CA ASP A 706 43.00 10.66 -24.37
C ASP A 706 44.28 11.48 -24.10
N ALA A 707 44.60 12.34 -25.06
CA ALA A 707 45.84 13.11 -25.07
C ALA A 707 46.02 14.11 -23.92
N MET A 708 44.92 14.53 -23.31
CA MET A 708 44.95 15.65 -22.35
C MET A 708 45.51 15.33 -20.97
N CYS A 709 45.83 14.07 -20.71
CA CYS A 709 46.22 13.63 -19.37
C CYS A 709 47.74 13.51 -19.24
N TYR B 1 20.59 36.92 6.72
CA TYR B 1 19.32 36.47 7.28
C TYR B 1 19.11 35.00 6.95
N GLY B 2 19.81 34.19 7.73
CA GLY B 2 19.73 32.75 7.74
C GLY B 2 20.63 32.39 8.92
N PHE B 3 20.31 31.34 9.64
CA PHE B 3 21.08 30.96 10.81
C PHE B 3 21.82 29.64 10.57
N ASN B 4 22.45 29.16 11.62
CA ASN B 4 23.31 27.99 11.55
C ASN B 4 22.59 26.74 11.98
N LYS B 5 22.25 26.67 13.26
CA LYS B 5 21.64 25.47 13.86
C LYS B 5 20.11 25.53 13.87
N CYS B 6 19.57 26.72 13.69
CA CYS B 6 18.15 26.96 13.84
C CYS B 6 17.54 27.52 12.57
N THR B 7 16.21 27.46 12.48
CA THR B 7 15.49 28.14 11.43
C THR B 7 14.24 28.81 11.99
N GLN B 8 13.78 29.84 11.32
CA GLN B 8 12.47 30.40 11.61
C GLN B 8 11.34 29.55 11.01
N TYR B 9 10.21 29.56 11.69
CA TYR B 9 9.02 28.91 11.20
C TYR B 9 8.48 29.74 10.06
N GLU B 10 8.09 29.06 9.00
CA GLU B 10 7.72 29.67 7.74
C GLU B 10 6.54 30.64 7.83
N PHE B 11 5.62 30.41 8.77
CA PHE B 11 4.38 31.21 8.83
C PHE B 11 4.25 32.12 10.05
N ASP B 12 5.28 32.14 10.89
CA ASP B 12 5.41 33.10 11.99
C ASP B 12 6.89 33.20 12.32
N ILE B 13 7.54 34.27 11.85
CA ILE B 13 9.00 34.52 12.05
C ILE B 13 9.51 34.51 13.50
N HIS B 14 8.61 34.77 14.44
CA HIS B 14 8.93 34.85 15.87
C HIS B 14 9.13 33.47 16.47
N HIS B 15 8.87 32.45 15.67
CA HIS B 15 9.04 31.06 16.09
C HIS B 15 10.31 30.51 15.48
N VAL B 16 11.15 29.94 16.32
CA VAL B 16 12.42 29.42 15.92
C VAL B 16 12.50 27.96 16.34
N LEU B 17 12.96 27.12 15.41
CA LEU B 17 13.06 25.67 15.59
C LEU B 17 14.50 25.22 15.47
N CYS B 18 14.94 24.41 16.43
CA CYS B 18 16.30 23.87 16.41
C CYS B 18 16.27 22.40 16.77
N ILE B 19 15.58 21.61 15.96
CA ILE B 19 15.24 20.25 16.35
C ILE B 19 16.12 19.18 15.70
N ARG B 20 16.64 18.26 16.51
CA ARG B 20 17.41 17.11 16.02
C ARG B 20 18.64 17.61 15.25
N LYS B 21 19.37 18.54 15.86
CA LYS B 21 20.55 19.15 15.27
C LYS B 21 21.81 18.83 16.07
N LYS B 22 21.72 17.84 16.97
CA LYS B 22 22.88 17.39 17.73
C LYS B 22 23.55 18.54 18.46
N ILE B 23 22.77 19.54 18.86
CA ILE B 23 23.28 20.69 19.57
C ILE B 23 23.77 20.28 20.94
N THR B 24 24.96 20.75 21.29
CA THR B 24 25.56 20.43 22.57
C THR B 24 25.96 21.71 23.33
N ASN B 25 26.19 22.78 22.59
CA ASN B 25 26.50 24.06 23.20
C ASN B 25 25.32 25.01 22.99
N LEU B 26 24.53 25.21 24.04
CA LEU B 26 23.27 25.97 23.92
C LEU B 26 23.48 27.41 23.45
N THR B 27 24.36 28.11 24.14
CA THR B 27 24.74 29.47 23.83
C THR B 27 25.24 29.69 22.40
N GLU B 28 26.15 28.83 21.95
CA GLU B 28 26.63 28.89 20.57
C GLU B 28 25.47 28.69 19.59
N ALA B 29 24.66 27.67 19.83
CA ALA B 29 23.53 27.38 18.93
C ALA B 29 22.57 28.55 18.79
N ILE B 30 22.30 29.28 19.88
CA ILE B 30 21.34 30.39 19.79
C ILE B 30 21.96 31.79 19.60
N SER B 31 23.27 31.85 19.37
CA SER B 31 23.95 33.15 19.27
C SER B 31 23.48 34.00 18.08
N ASP B 32 22.99 33.37 17.01
CA ASP B 32 22.64 34.11 15.80
C ASP B 32 21.15 34.36 15.58
N ILE B 33 20.31 34.06 16.57
CA ILE B 33 18.87 34.17 16.35
C ILE B 33 18.35 35.54 16.80
N PRO B 34 17.27 36.01 16.16
CA PRO B 34 16.84 37.41 16.36
C PRO B 34 16.38 37.73 17.79
N ARG B 35 16.51 39.00 18.17
CA ARG B 35 16.07 39.41 19.50
C ARG B 35 14.53 39.41 19.61
N TYR B 36 13.83 39.41 18.47
CA TYR B 36 12.36 39.41 18.46
C TYR B 36 11.73 38.01 18.60
N THR B 37 12.58 37.01 18.84
CA THR B 37 12.15 35.62 18.96
C THR B 37 11.26 35.37 20.19
N THR B 38 10.03 34.90 19.97
CA THR B 38 9.17 34.59 21.13
C THR B 38 9.03 33.10 21.45
N HIS B 39 9.06 32.24 20.43
CA HIS B 39 8.99 30.81 20.67
C HIS B 39 10.26 30.11 20.21
N LEU B 40 10.88 29.37 21.11
CA LEU B 40 12.16 28.73 20.82
C LEU B 40 12.07 27.27 21.22
N ASN B 41 12.23 26.39 20.24
CA ASN B 41 12.10 24.95 20.46
C ASN B 41 13.43 24.26 20.14
N LEU B 42 14.10 23.73 21.17
CA LEU B 42 15.38 23.04 21.07
C LEU B 42 15.23 21.59 21.47
N THR B 43 14.06 21.04 21.20
CA THR B 43 13.77 19.65 21.46
C THR B 43 14.68 18.70 20.67
N HIS B 44 15.05 17.59 21.32
CA HIS B 44 15.75 16.49 20.65
C HIS B 44 17.20 16.86 20.34
N ASN B 45 17.95 17.18 21.40
CA ASN B 45 19.36 17.49 21.29
C ASN B 45 20.15 16.91 22.46
N GLU B 46 21.39 17.35 22.61
CA GLU B 46 22.28 16.80 23.63
C GLU B 46 22.89 17.86 24.55
N ILE B 47 22.13 18.91 24.81
CA ILE B 47 22.47 19.96 25.74
C ILE B 47 22.57 19.42 27.16
N GLN B 48 23.65 19.76 27.85
CA GLN B 48 23.93 19.20 29.16
C GLN B 48 23.90 20.21 30.29
N VAL B 49 24.30 21.44 30.01
CA VAL B 49 24.33 22.45 31.05
C VAL B 49 23.71 23.74 30.57
N LEU B 50 23.08 24.45 31.49
CA LEU B 50 22.53 25.76 31.19
C LEU B 50 23.30 26.78 32.02
N PRO B 51 24.26 27.49 31.40
CA PRO B 51 25.09 28.51 32.06
C PRO B 51 24.22 29.68 32.53
N PRO B 52 24.75 30.51 33.46
CA PRO B 52 24.07 31.62 34.13
C PRO B 52 23.40 32.71 33.30
N TRP B 53 23.71 32.95 32.04
CA TRP B 53 22.84 33.88 31.34
C TRP B 53 22.56 33.34 29.95
N SER B 54 21.93 32.16 29.91
CA SER B 54 21.79 31.42 28.65
C SER B 54 20.94 32.16 27.62
N PHE B 55 20.03 33.02 28.05
CA PHE B 55 19.10 33.62 27.11
C PHE B 55 19.16 35.13 27.07
N THR B 56 20.36 35.65 27.31
CA THR B 56 20.65 37.09 27.42
C THR B 56 20.04 37.96 26.33
N ASN B 57 20.24 37.60 25.07
CA ASN B 57 19.73 38.42 23.99
C ASN B 57 18.31 38.00 23.57
N LEU B 58 17.67 37.15 24.38
CA LEU B 58 16.36 36.58 24.03
C LEU B 58 15.30 36.84 25.10
N SER B 59 15.19 38.09 25.54
CA SER B 59 14.32 38.43 26.65
C SER B 59 12.86 38.56 26.23
N ALA B 60 12.58 38.39 24.94
CA ALA B 60 11.21 38.47 24.45
C ALA B 60 10.51 37.10 24.50
N LEU B 61 11.24 36.07 24.91
CA LEU B 61 10.70 34.70 24.92
C LEU B 61 9.45 34.56 25.78
N VAL B 62 8.49 33.82 25.23
CA VAL B 62 7.23 33.47 25.85
C VAL B 62 7.17 31.96 26.05
N ASP B 63 7.69 31.21 25.10
CA ASP B 63 7.59 29.76 25.07
C ASP B 63 8.97 29.17 24.77
N LEU B 64 9.49 28.42 25.72
CA LEU B 64 10.82 27.82 25.61
C LEU B 64 10.72 26.33 25.86
N ARG B 65 11.23 25.54 24.93
CA ARG B 65 11.18 24.09 25.09
C ARG B 65 12.55 23.43 24.97
N LEU B 66 12.97 22.73 26.01
CA LEU B 66 14.25 22.05 26.06
C LEU B 66 14.04 20.55 26.27
N GLU B 67 12.93 20.05 25.72
CA GLU B 67 12.56 18.65 25.85
C GLU B 67 13.57 17.71 25.17
N TRP B 68 13.77 16.52 25.76
CA TRP B 68 14.55 15.46 25.15
C TRP B 68 15.99 15.91 24.94
N ASN B 69 16.65 16.25 26.04
CA ASN B 69 18.06 16.60 26.01
C ASN B 69 18.79 15.83 27.09
N SER B 70 19.94 16.32 27.52
CA SER B 70 20.68 15.64 28.58
C SER B 70 21.02 16.58 29.72
N ILE B 71 20.17 17.57 29.93
CA ILE B 71 20.39 18.60 30.96
C ILE B 71 20.43 18.01 32.36
N TRP B 72 21.55 18.20 33.04
CA TRP B 72 21.67 17.70 34.40
C TRP B 72 22.08 18.83 35.32
N LYS B 73 22.33 19.99 34.73
CA LYS B 73 22.88 21.11 35.46
C LYS B 73 22.36 22.43 34.92
N ILE B 74 21.60 23.12 35.76
CA ILE B 74 21.05 24.42 35.42
C ILE B 74 21.59 25.39 36.44
N ASP B 75 22.51 26.26 36.01
CA ASP B 75 23.15 27.18 36.91
C ASP B 75 22.17 28.21 37.44
N GLU B 76 22.45 28.67 38.65
CA GLU B 76 21.77 29.82 39.19
C GLU B 76 21.90 30.96 38.22
N GLY B 77 20.78 31.55 37.84
CA GLY B 77 20.81 32.63 36.87
C GLY B 77 20.49 32.24 35.45
N ALA B 78 20.48 30.94 35.12
CA ALA B 78 20.23 30.47 33.75
C ALA B 78 19.14 31.21 32.99
N PHE B 79 18.01 31.44 33.64
CA PHE B 79 16.88 32.05 32.97
C PHE B 79 16.69 33.54 33.23
N ARG B 80 17.76 34.21 33.66
CA ARG B 80 17.68 35.65 33.91
C ARG B 80 17.27 36.47 32.68
N GLY B 81 16.56 37.57 32.92
CA GLY B 81 16.07 38.42 31.85
C GLY B 81 14.80 37.90 31.17
N LEU B 82 14.44 36.65 31.43
CA LEU B 82 13.29 36.05 30.76
C LEU B 82 11.94 36.35 31.44
N GLU B 83 11.61 37.64 31.58
CA GLU B 83 10.44 38.04 32.33
C GLU B 83 9.09 37.94 31.57
N ASN B 84 9.13 37.59 30.28
CA ASN B 84 7.89 37.36 29.55
C ASN B 84 7.57 35.87 29.33
N LEU B 85 8.44 34.98 29.80
CA LEU B 85 8.27 33.54 29.55
C LEU B 85 7.09 32.98 30.32
N THR B 86 6.17 32.33 29.62
CA THR B 86 5.02 31.74 30.32
C THR B 86 5.09 30.21 30.36
N LEU B 87 5.87 29.60 29.48
CA LEU B 87 6.02 28.15 29.48
C LEU B 87 7.50 27.77 29.40
N LEU B 88 7.89 26.84 30.27
CA LEU B 88 9.24 26.30 30.25
C LEU B 88 9.13 24.78 30.31
N ASN B 89 9.60 24.13 29.25
CA ASN B 89 9.56 22.67 29.12
C ASN B 89 10.97 22.09 29.31
N LEU B 90 11.12 21.27 30.34
CA LEU B 90 12.39 20.63 30.65
C LEU B 90 12.13 19.12 30.66
N VAL B 91 11.05 18.70 30.00
CA VAL B 91 10.69 17.29 29.96
C VAL B 91 11.78 16.41 29.32
N GLU B 92 11.99 15.24 29.91
CA GLU B 92 12.89 14.23 29.37
C GLU B 92 14.33 14.73 29.29
N ASN B 93 14.93 14.92 30.45
CA ASN B 93 16.33 15.28 30.59
C ASN B 93 16.95 14.41 31.66
N LYS B 94 18.00 14.90 32.30
CA LYS B 94 18.73 14.11 33.26
C LYS B 94 18.79 14.77 34.65
N ILE B 95 17.73 15.50 35.00
CA ILE B 95 17.69 16.26 36.26
C ILE B 95 17.43 15.38 37.49
N GLN B 96 18.35 15.43 38.45
CA GLN B 96 18.25 14.60 39.65
C GLN B 96 17.79 15.39 40.88
N SER B 97 18.12 16.67 40.89
CA SER B 97 17.68 17.54 41.96
C SER B 97 17.44 18.90 41.36
N VAL B 98 16.54 19.67 41.98
CA VAL B 98 16.24 21.00 41.49
C VAL B 98 16.77 22.04 42.47
N ASN B 99 17.67 22.88 41.98
CA ASN B 99 18.31 23.89 42.78
C ASN B 99 17.69 25.25 42.52
N ASN B 100 18.29 26.28 43.08
CA ASN B 100 17.72 27.60 43.01
C ASN B 100 17.97 28.32 41.70
N SER B 101 17.58 27.70 40.59
CA SER B 101 17.66 28.44 39.34
C SER B 101 16.34 29.20 39.33
N PHE B 102 15.88 29.62 38.17
CA PHE B 102 14.54 30.20 38.02
C PHE B 102 14.36 31.68 38.33
N GLU B 103 15.44 32.36 38.68
CA GLU B 103 15.37 33.80 38.93
C GLU B 103 15.05 34.48 37.59
N GLY B 104 14.15 35.44 37.58
CA GLY B 104 13.81 36.11 36.34
C GLY B 104 12.53 35.53 35.72
N LEU B 105 12.07 34.40 36.23
CA LEU B 105 10.89 33.76 35.62
C LEU B 105 9.59 34.26 36.26
N SER B 106 9.45 35.57 36.34
CA SER B 106 8.38 36.18 37.12
C SER B 106 6.98 36.11 36.46
N SER B 107 6.91 35.66 35.20
CA SER B 107 5.61 35.44 34.53
C SER B 107 5.30 33.97 34.27
N LEU B 108 6.21 33.08 34.65
CA LEU B 108 6.06 31.66 34.32
C LEU B 108 4.71 31.09 34.80
N LYS B 109 3.90 30.61 33.87
CA LYS B 109 2.61 30.03 34.22
C LYS B 109 2.69 28.51 34.33
N THR B 110 3.50 27.89 33.47
CA THR B 110 3.62 26.44 33.53
C THR B 110 5.06 25.96 33.41
N LEU B 111 5.40 25.05 34.31
CA LEU B 111 6.75 24.55 34.37
C LEU B 111 6.62 23.06 34.30
N LEU B 112 7.28 22.48 33.30
CA LEU B 112 7.23 21.05 33.08
C LEU B 112 8.58 20.40 33.36
N LEU B 113 8.59 19.53 34.36
CA LEU B 113 9.80 18.81 34.75
C LEU B 113 9.55 17.28 34.70
N SER B 114 8.59 16.87 33.88
CA SER B 114 8.27 15.43 33.76
C SER B 114 9.39 14.64 33.13
N HIS B 115 9.47 13.34 33.48
CA HIS B 115 10.37 12.42 32.80
C HIS B 115 11.83 12.83 33.02
N ASN B 116 12.21 12.99 34.28
CA ASN B 116 13.59 13.21 34.71
C ASN B 116 13.86 12.22 35.82
N GLN B 117 14.82 12.52 36.69
CA GLN B 117 15.11 11.61 37.81
C GLN B 117 15.16 12.37 39.12
N ILE B 118 14.30 13.37 39.24
CA ILE B 118 14.24 14.23 40.41
C ILE B 118 13.90 13.46 41.68
N THR B 119 14.68 13.69 42.73
CA THR B 119 14.40 13.11 44.03
C THR B 119 14.06 14.19 45.03
N HIS B 120 14.68 15.37 44.85
CA HIS B 120 14.56 16.49 45.79
C HIS B 120 14.47 17.83 45.07
N ILE B 121 13.85 18.79 45.73
CA ILE B 121 13.79 20.14 45.21
C ILE B 121 14.16 21.04 46.36
N HIS B 122 15.11 21.94 46.17
CA HIS B 122 15.43 22.81 47.28
C HIS B 122 14.24 23.70 47.63
N LYS B 123 14.04 23.86 48.93
CA LYS B 123 12.96 24.62 49.53
C LYS B 123 12.69 25.97 48.86
N ASP B 124 13.73 26.61 48.35
CA ASP B 124 13.61 27.95 47.78
C ASP B 124 13.70 27.97 46.23
N ALA B 125 13.64 26.80 45.58
CA ALA B 125 13.76 26.76 44.11
C ALA B 125 12.67 27.55 43.39
N PHE B 126 11.43 27.46 43.86
CA PHE B 126 10.32 28.05 43.13
C PHE B 126 9.86 29.44 43.66
N THR B 127 10.53 29.95 44.69
CA THR B 127 10.29 31.32 45.19
C THR B 127 10.15 32.42 44.10
N PRO B 128 10.99 32.40 43.05
CA PRO B 128 10.74 33.43 42.03
C PRO B 128 9.45 33.21 41.21
N LEU B 129 8.83 32.04 41.35
CA LEU B 129 7.73 31.66 40.46
C LEU B 129 6.36 32.16 40.91
N ILE B 130 6.22 33.49 40.99
CA ILE B 130 5.05 34.13 41.57
C ILE B 130 3.76 34.00 40.74
N LYS B 131 3.83 33.53 39.50
CA LYS B 131 2.63 33.36 38.68
C LYS B 131 2.41 31.92 38.27
N LEU B 132 3.24 31.02 38.80
CA LEU B 132 3.17 29.62 38.42
C LEU B 132 1.82 28.99 38.77
N LYS B 133 1.11 28.54 37.74
CA LYS B 133 -0.16 27.86 37.87
C LYS B 133 -0.06 26.36 37.77
N TYR B 134 0.80 25.88 36.88
CA TYR B 134 0.86 24.44 36.60
C TYR B 134 2.29 23.91 36.75
N LEU B 135 2.46 22.89 37.58
CA LEU B 135 3.75 22.29 37.78
C LEU B 135 3.64 20.79 37.59
N SER B 136 4.44 20.25 36.67
CA SER B 136 4.42 18.83 36.44
C SER B 136 5.71 18.17 36.91
N LEU B 137 5.55 17.22 37.82
CA LEU B 137 6.67 16.44 38.32
C LEU B 137 6.46 14.95 38.02
N SER B 138 5.61 14.67 37.03
CA SER B 138 5.34 13.26 36.66
C SER B 138 6.58 12.52 36.12
N ARG B 139 6.63 11.23 36.42
CA ARG B 139 7.73 10.37 35.96
C ARG B 139 9.06 10.88 36.46
N ASN B 140 9.24 10.82 37.78
CA ASN B 140 10.48 11.15 38.43
C ASN B 140 10.73 10.12 39.52
N ASN B 141 11.65 10.38 40.44
CA ASN B 141 12.00 9.42 41.47
C ASN B 141 11.74 9.97 42.87
N ILE B 142 10.63 10.70 42.99
CA ILE B 142 10.29 11.36 44.24
C ILE B 142 9.57 10.39 45.17
N SER B 143 10.10 10.24 46.39
CA SER B 143 9.41 9.49 47.42
C SER B 143 9.14 10.38 48.63
N ASP B 144 9.89 11.47 48.73
CA ASP B 144 9.75 12.40 49.85
C ASP B 144 8.71 13.51 49.55
N PHE B 145 7.45 13.26 49.92
CA PHE B 145 6.36 14.20 49.63
C PHE B 145 6.46 15.42 50.55
N SER B 146 6.99 15.21 51.75
CA SER B 146 7.25 16.34 52.66
C SER B 146 8.15 17.38 51.99
N GLY B 147 9.24 16.90 51.36
CA GLY B 147 10.17 17.80 50.70
C GLY B 147 9.52 18.57 49.57
N ILE B 148 8.66 17.91 48.81
CA ILE B 148 7.93 18.57 47.72
C ILE B 148 7.00 19.66 48.26
N LEU B 149 6.29 19.34 49.33
CA LEU B 149 5.40 20.32 49.95
C LEU B 149 6.16 21.56 50.43
N GLU B 150 7.36 21.37 50.96
CA GLU B 150 8.22 22.48 51.36
C GLU B 150 8.45 23.42 50.18
N ALA B 151 8.60 22.84 48.99
CA ALA B 151 8.97 23.61 47.81
C ALA B 151 7.79 24.31 47.11
N VAL B 152 6.57 23.81 47.29
CA VAL B 152 5.42 24.38 46.60
C VAL B 152 4.41 25.15 47.49
N GLN B 153 4.47 24.90 48.80
CA GLN B 153 3.42 25.39 49.71
C GLN B 153 3.28 26.91 49.79
N HIS B 154 4.32 27.62 49.38
CA HIS B 154 4.31 29.09 49.41
C HIS B 154 4.04 29.72 48.06
N LEU B 155 3.93 28.90 47.01
CA LEU B 155 3.60 29.39 45.67
C LEU B 155 2.24 30.07 45.65
N PRO B 156 2.21 31.36 45.33
CA PRO B 156 0.97 32.15 45.47
C PRO B 156 -0.12 31.81 44.45
N CYS B 157 0.24 31.21 43.32
CA CYS B 157 -0.71 30.97 42.24
C CYS B 157 -0.86 29.50 41.86
N LEU B 158 -0.23 28.60 42.63
CA LEU B 158 -0.19 27.20 42.20
C LEU B 158 -1.56 26.56 42.24
N GLU B 159 -2.07 26.21 41.07
CA GLU B 159 -3.38 25.58 40.94
C GLU B 159 -3.28 24.07 40.68
N ARG B 160 -2.28 23.64 39.91
CA ARG B 160 -2.23 22.24 39.51
C ARG B 160 -0.88 21.58 39.74
N LEU B 161 -0.89 20.48 40.48
CA LEU B 161 0.34 19.79 40.79
C LEU B 161 0.24 18.34 40.42
N ASP B 162 1.11 17.91 39.53
CA ASP B 162 1.08 16.56 39.01
C ASP B 162 2.29 15.72 39.46
N LEU B 163 2.03 14.68 40.24
CA LEU B 163 3.08 13.80 40.72
C LEU B 163 2.86 12.37 40.21
N THR B 164 2.13 12.21 39.10
CA THR B 164 1.90 10.84 38.60
C THR B 164 3.21 10.12 38.30
N ASN B 165 3.24 8.82 38.56
CA ASN B 165 4.44 8.01 38.33
C ASN B 165 5.67 8.46 39.10
N ASN B 166 5.55 8.45 40.42
CA ASN B 166 6.67 8.62 41.32
C ASN B 166 6.63 7.52 42.36
N SER B 167 7.37 7.68 43.45
CA SER B 167 7.51 6.59 44.40
C SER B 167 7.02 7.01 45.77
N ILE B 168 6.08 7.93 45.80
CA ILE B 168 5.56 8.41 47.07
C ILE B 168 4.76 7.30 47.74
N MET B 169 5.05 7.07 49.01
CA MET B 169 4.51 5.97 49.80
C MET B 169 3.66 6.46 50.96
N TYR B 170 4.08 7.55 51.61
CA TYR B 170 3.31 8.12 52.72
C TYR B 170 3.06 9.60 52.50
N LEU B 171 1.94 10.08 53.03
CA LEU B 171 1.65 11.50 53.02
C LEU B 171 2.39 12.17 54.17
N ASP B 172 2.31 13.49 54.22
CA ASP B 172 3.02 14.27 55.24
C ASP B 172 2.11 14.51 56.46
N HIS B 173 2.69 14.63 57.65
CA HIS B 173 1.86 14.79 58.85
C HIS B 173 2.14 16.02 59.73
N SER B 174 2.56 17.11 59.12
CA SER B 174 2.54 18.41 59.80
C SER B 174 1.51 19.27 59.11
N PRO B 175 0.59 19.88 59.88
CA PRO B 175 -0.50 20.64 59.28
C PRO B 175 -0.04 21.77 58.39
N ARG B 176 -0.56 21.80 57.18
CA ARG B 176 -0.30 22.87 56.24
C ARG B 176 -1.48 23.10 55.34
N SER B 177 -1.38 24.11 54.48
CA SER B 177 -2.51 24.54 53.71
C SER B 177 -2.09 25.14 52.38
N LEU B 178 -2.50 24.49 51.29
CA LEU B 178 -2.32 25.06 49.95
C LEU B 178 -3.70 25.45 49.44
N VAL B 179 -4.07 26.72 49.59
CA VAL B 179 -5.46 27.12 49.38
C VAL B 179 -5.80 27.34 47.91
N SER B 180 -4.76 27.49 47.07
CA SER B 180 -4.95 27.75 45.63
C SER B 180 -5.16 26.46 44.86
N LEU B 181 -4.70 25.35 45.41
CA LEU B 181 -4.62 24.09 44.66
C LEU B 181 -5.99 23.56 44.32
N THR B 182 -6.21 23.29 43.04
CA THR B 182 -7.49 22.72 42.59
C THR B 182 -7.30 21.28 42.09
N HIS B 183 -6.15 20.99 41.50
CA HIS B 183 -5.89 19.64 40.95
C HIS B 183 -4.63 19.03 41.52
N LEU B 184 -4.73 17.78 41.97
CA LEU B 184 -3.59 17.09 42.53
C LEU B 184 -3.67 15.63 42.12
N SER B 185 -2.56 15.08 41.66
CA SER B 185 -2.56 13.69 41.25
C SER B 185 -1.41 12.87 41.85
N PHE B 186 -1.77 11.77 42.49
CA PHE B 186 -0.78 10.81 42.99
C PHE B 186 -0.84 9.54 42.16
N GLU B 187 -1.39 9.64 40.96
CA GLU B 187 -1.57 8.45 40.12
C GLU B 187 -0.25 7.73 39.97
N GLY B 188 -0.24 6.41 40.16
CA GLY B 188 0.92 5.61 39.81
C GLY B 188 2.08 5.82 40.78
N ASN B 189 1.77 6.07 42.04
CA ASN B 189 2.72 6.10 43.13
C ASN B 189 2.58 4.81 43.94
N LYS B 190 2.92 4.82 45.22
CA LYS B 190 2.76 3.60 46.03
C LYS B 190 2.17 3.86 47.39
N LEU B 191 1.15 4.70 47.40
CA LEU B 191 0.50 5.17 48.61
C LEU B 191 0.06 4.01 49.48
N ARG B 192 0.38 4.09 50.77
CA ARG B 192 -0.07 3.08 51.71
C ARG B 192 -1.21 3.62 52.55
N GLU B 193 -1.45 4.93 52.43
CA GLU B 193 -2.49 5.64 53.18
C GLU B 193 -3.08 6.77 52.33
N LEU B 194 -4.30 7.19 52.65
CA LEU B 194 -4.92 8.35 52.01
C LEU B 194 -5.44 9.30 53.08
N ASN B 195 -4.63 9.53 54.10
CA ASN B 195 -4.99 10.37 55.25
C ASN B 195 -4.53 11.79 55.01
N PHE B 196 -5.46 12.67 54.70
CA PHE B 196 -5.15 14.07 54.42
C PHE B 196 -5.39 14.99 55.64
N SER B 197 -5.37 14.44 56.86
CA SER B 197 -5.49 15.26 58.10
C SER B 197 -4.63 16.50 58.10
N ALA B 198 -3.34 16.30 57.88
CA ALA B 198 -2.37 17.38 57.93
C ALA B 198 -2.25 18.22 56.66
N LEU B 199 -3.07 17.97 55.65
CA LEU B 199 -2.96 18.73 54.41
C LEU B 199 -4.30 19.37 54.04
N SER B 200 -4.45 20.66 54.28
CA SER B 200 -5.71 21.34 53.97
C SER B 200 -5.71 21.92 52.57
N LEU B 201 -6.63 21.41 51.74
CA LEU B 201 -6.79 21.84 50.36
C LEU B 201 -8.23 22.33 50.18
N PRO B 202 -8.54 23.51 50.73
CA PRO B 202 -9.93 23.98 50.80
C PRO B 202 -10.57 24.21 49.44
N ASN B 203 -9.75 24.36 48.40
CA ASN B 203 -10.28 24.59 47.06
C ASN B 203 -10.04 23.47 46.08
N LEU B 204 -9.61 22.31 46.58
CA LEU B 204 -9.33 21.17 45.72
C LEU B 204 -10.60 20.59 45.10
N THR B 205 -10.64 20.47 43.78
CA THR B 205 -11.81 19.89 43.11
C THR B 205 -11.53 18.52 42.53
N ASN B 206 -10.28 18.24 42.20
CA ASN B 206 -9.90 17.00 41.53
C ASN B 206 -8.77 16.30 42.26
N LEU B 207 -9.01 15.07 42.69
CA LEU B 207 -7.96 14.29 43.31
C LEU B 207 -7.81 12.94 42.59
N SER B 208 -6.59 12.55 42.25
CA SER B 208 -6.38 11.20 41.75
C SER B 208 -5.42 10.43 42.66
N ALA B 209 -5.85 9.25 43.06
CA ALA B 209 -5.01 8.33 43.79
C ALA B 209 -5.04 7.00 43.04
N SER B 210 -5.28 7.11 41.73
CA SER B 210 -5.38 5.96 40.86
C SER B 210 -4.05 5.21 40.71
N ARG B 211 -4.15 3.89 40.50
CA ARG B 211 -2.97 3.02 40.32
C ARG B 211 -1.93 3.11 41.46
N ASN B 212 -2.32 2.79 42.69
CA ASN B 212 -1.35 2.79 43.79
C ASN B 212 -1.01 1.41 44.38
N GLY B 213 -1.24 0.35 43.62
CA GLY B 213 -0.74 -0.96 43.99
C GLY B 213 -1.81 -1.90 44.54
N ASN B 214 -1.37 -3.08 44.96
CA ASN B 214 -2.26 -4.08 45.56
C ASN B 214 -2.49 -3.89 47.05
N LYS B 215 -1.46 -3.42 47.77
CA LYS B 215 -1.54 -3.26 49.22
C LYS B 215 -2.74 -2.39 49.54
N VAL B 216 -3.70 -2.97 50.25
CA VAL B 216 -4.98 -2.31 50.48
C VAL B 216 -4.87 -1.13 51.44
N ILE B 217 -5.48 -0.02 51.04
CA ILE B 217 -5.46 1.19 51.82
C ILE B 217 -6.68 1.26 52.71
N GLN B 218 -6.46 1.34 54.02
CA GLN B 218 -7.54 1.42 55.01
C GLN B 218 -7.56 2.78 55.66
N ASN B 219 -6.38 3.40 55.73
CA ASN B 219 -6.21 4.70 56.38
C ASN B 219 -6.72 5.81 55.49
N VAL B 220 -8.00 6.14 55.59
CA VAL B 220 -8.59 7.11 54.68
C VAL B 220 -9.29 8.26 55.39
N TYR B 221 -8.90 9.49 55.07
CA TYR B 221 -9.50 10.67 55.67
C TYR B 221 -9.46 11.87 54.73
N LEU B 222 -10.64 12.34 54.34
CA LEU B 222 -10.77 13.35 53.28
C LEU B 222 -11.57 14.60 53.63
N LYS B 223 -12.02 14.69 54.87
CA LYS B 223 -12.78 15.84 55.38
C LYS B 223 -12.12 17.16 55.01
N THR B 224 -10.80 17.14 55.01
CA THR B 224 -10.01 18.31 54.73
C THR B 224 -10.03 18.79 53.25
N LEU B 225 -10.72 18.03 52.38
CA LEU B 225 -10.94 18.42 50.99
C LEU B 225 -12.42 18.70 50.76
N PRO B 226 -12.95 19.78 51.34
CA PRO B 226 -14.41 19.93 51.32
C PRO B 226 -15.00 20.28 49.95
N GLN B 227 -14.19 20.80 49.04
CA GLN B 227 -14.72 21.20 47.74
C GLN B 227 -14.57 20.11 46.65
N LEU B 228 -14.12 18.92 47.05
CA LEU B 228 -13.73 17.87 46.10
C LEU B 228 -14.88 17.45 45.19
N LYS B 229 -14.67 17.54 43.88
CA LYS B 229 -15.70 17.20 42.90
C LYS B 229 -15.44 15.88 42.15
N SER B 230 -14.17 15.53 41.92
CA SER B 230 -13.82 14.26 41.28
C SER B 230 -12.83 13.52 42.12
N LEU B 231 -13.14 12.26 42.41
CA LEU B 231 -12.20 11.39 43.10
C LEU B 231 -11.86 10.18 42.24
N ASN B 232 -10.57 10.04 41.91
CA ASN B 232 -10.14 8.94 41.08
C ASN B 232 -9.39 7.88 41.85
N LEU B 233 -10.05 6.74 42.09
CA LEU B 233 -9.40 5.58 42.71
C LEU B 233 -9.22 4.41 41.74
N SER B 234 -9.17 4.69 40.44
CA SER B 234 -9.03 3.60 39.45
C SER B 234 -7.78 2.75 39.64
N GLY B 235 -7.96 1.45 39.88
CA GLY B 235 -6.84 0.54 40.06
C GLY B 235 -6.19 0.58 41.42
N THR B 236 -6.84 1.27 42.36
CA THR B 236 -6.34 1.34 43.73
C THR B 236 -7.24 0.55 44.66
N VAL B 237 -6.67 -0.41 45.37
CA VAL B 237 -7.44 -1.17 46.34
C VAL B 237 -7.57 -0.44 47.69
N ILE B 238 -8.78 0.00 47.96
CA ILE B 238 -9.08 0.80 49.10
C ILE B 238 -10.28 0.20 49.80
N LYS B 239 -10.19 -0.02 51.10
CA LYS B 239 -11.30 -0.59 51.85
C LYS B 239 -12.46 0.40 51.85
N LEU B 240 -13.43 0.18 50.98
CA LEU B 240 -14.51 1.16 50.75
C LEU B 240 -15.37 1.48 51.98
N GLU B 241 -15.34 0.61 52.97
CA GLU B 241 -16.00 0.90 54.22
C GLU B 241 -15.37 2.13 54.87
N ASN B 242 -14.07 2.29 54.66
CA ASN B 242 -13.33 3.38 55.29
C ASN B 242 -13.41 4.70 54.52
N LEU B 243 -14.22 4.74 53.49
CA LEU B 243 -14.57 6.01 52.85
C LEU B 243 -15.80 6.55 53.57
N SER B 244 -15.93 7.86 53.67
CA SER B 244 -17.06 8.47 54.37
C SER B 244 -17.79 9.45 53.45
N ALA B 245 -19.07 9.17 53.20
CA ALA B 245 -19.92 10.03 52.38
C ALA B 245 -20.12 11.40 53.00
N LYS B 246 -20.01 11.45 54.34
CA LYS B 246 -20.13 12.69 55.10
C LYS B 246 -19.08 13.67 54.60
N HIS B 247 -17.90 13.14 54.27
CA HIS B 247 -16.82 13.98 53.79
C HIS B 247 -16.85 14.19 52.27
N LEU B 248 -17.84 13.65 51.57
CA LEU B 248 -17.83 13.69 50.08
C LEU B 248 -19.11 14.21 49.46
N GLN B 249 -19.71 15.19 50.10
CA GLN B 249 -21.03 15.70 49.73
C GLN B 249 -21.04 16.59 48.50
N ASN B 250 -19.87 17.09 48.11
CA ASN B 250 -19.76 17.84 46.84
C ASN B 250 -19.34 17.01 45.62
N LEU B 251 -19.10 15.71 45.83
CA LEU B 251 -18.58 14.84 44.78
C LEU B 251 -19.55 14.65 43.60
N ARG B 252 -19.08 14.91 42.39
CA ARG B 252 -19.83 14.77 41.14
C ARG B 252 -19.42 13.57 40.33
N ALA B 253 -18.20 13.09 40.55
CA ALA B 253 -17.61 12.06 39.71
C ALA B 253 -16.74 11.13 40.55
N MET B 254 -16.84 9.84 40.32
CA MET B 254 -15.94 8.91 41.00
C MET B 254 -15.50 7.84 40.03
N ASP B 255 -14.32 7.28 40.23
CA ASP B 255 -13.83 6.18 39.45
C ASP B 255 -13.42 5.03 40.37
N LEU B 256 -14.14 3.91 40.29
CA LEU B 256 -13.86 2.79 41.17
C LEU B 256 -13.39 1.53 40.42
N SER B 257 -12.85 1.72 39.22
CA SER B 257 -12.44 0.62 38.35
C SER B 257 -11.36 -0.25 39.00
N ASN B 258 -11.32 -1.53 38.67
CA ASN B 258 -10.24 -2.41 39.12
C ASN B 258 -8.91 -2.12 38.43
N TRP B 259 -7.82 -2.68 38.95
CA TRP B 259 -6.57 -2.61 38.21
C TRP B 259 -6.56 -3.68 37.12
N GLU B 260 -6.79 -4.93 37.51
CA GLU B 260 -6.87 -6.01 36.52
C GLU B 260 -8.15 -6.80 36.71
N LEU B 261 -8.55 -7.51 35.66
CA LEU B 261 -9.81 -8.24 35.66
C LEU B 261 -9.86 -9.26 36.81
N ARG B 262 -8.69 -9.86 37.09
CA ARG B 262 -8.52 -10.83 38.17
C ARG B 262 -9.14 -10.40 39.50
N HIS B 263 -9.08 -9.11 39.81
CA HIS B 263 -9.52 -8.64 41.12
C HIS B 263 -10.98 -9.01 41.43
N GLY B 264 -11.81 -9.10 40.39
CA GLY B 264 -13.16 -9.59 40.56
C GLY B 264 -14.17 -8.50 40.91
N HIS B 265 -15.43 -8.91 41.00
CA HIS B 265 -16.53 -7.97 41.26
C HIS B 265 -16.39 -7.32 42.62
N LEU B 266 -16.90 -6.09 42.70
CA LEU B 266 -16.99 -5.38 43.95
C LEU B 266 -18.27 -5.81 44.68
N ASP B 267 -18.25 -5.63 45.99
CA ASP B 267 -19.41 -5.86 46.84
C ASP B 267 -20.37 -4.69 46.64
N MET B 268 -21.45 -4.93 45.89
CA MET B 268 -22.41 -3.86 45.57
C MET B 268 -23.11 -3.24 46.79
N LYS B 269 -23.18 -3.96 47.91
CA LYS B 269 -23.78 -3.37 49.10
C LYS B 269 -22.85 -2.30 49.68
N THR B 270 -21.57 -2.63 49.80
CA THR B 270 -20.55 -1.67 50.18
C THR B 270 -20.57 -0.50 49.22
N VAL B 271 -20.54 -0.77 47.92
CA VAL B 271 -20.55 0.28 46.93
C VAL B 271 -21.76 1.21 47.07
N CYS B 272 -22.95 0.62 47.14
CA CYS B 272 -24.19 1.40 47.20
C CYS B 272 -24.36 2.16 48.49
N HIS B 273 -23.91 1.59 49.61
CA HIS B 273 -23.95 2.32 50.89
C HIS B 273 -23.15 3.62 50.80
N LEU B 274 -22.05 3.58 50.07
CA LEU B 274 -21.28 4.79 49.80
C LEU B 274 -22.03 5.67 48.81
N LEU B 275 -22.22 5.14 47.61
CA LEU B 275 -22.74 5.88 46.46
C LEU B 275 -24.12 6.47 46.68
N GLY B 276 -24.97 5.72 47.37
CA GLY B 276 -26.33 6.16 47.64
C GLY B 276 -26.40 7.42 48.47
N ASN B 277 -25.33 7.74 49.19
CA ASN B 277 -25.30 8.93 50.05
C ASN B 277 -24.50 10.12 49.51
N LEU B 278 -24.28 10.14 48.20
CA LEU B 278 -23.61 11.26 47.55
C LEU B 278 -24.61 11.97 46.64
N PRO B 279 -25.25 13.03 47.15
CA PRO B 279 -26.41 13.61 46.47
C PRO B 279 -26.10 14.29 45.14
N LYS B 280 -24.83 14.52 44.83
CA LYS B 280 -24.49 15.21 43.58
C LYS B 280 -23.83 14.29 42.54
N LEU B 281 -23.66 13.03 42.90
CA LEU B 281 -22.95 12.08 42.05
C LEU B 281 -23.67 11.94 40.72
N GLU B 282 -22.96 12.29 39.66
CA GLU B 282 -23.56 12.18 38.36
C GLU B 282 -22.69 11.44 37.35
N THR B 283 -21.46 11.13 37.73
CA THR B 283 -20.58 10.36 36.86
C THR B 283 -19.93 9.21 37.61
N LEU B 284 -20.12 8.00 37.12
CA LEU B 284 -19.47 6.86 37.74
C LEU B 284 -18.65 6.14 36.66
N VAL B 285 -17.33 6.10 36.81
CA VAL B 285 -16.51 5.25 35.96
C VAL B 285 -16.26 3.95 36.71
N PHE B 286 -16.64 2.84 36.08
CA PHE B 286 -16.82 1.56 36.76
C PHE B 286 -16.36 0.37 35.90
N GLN B 287 -15.05 0.21 35.76
CA GLN B 287 -14.45 -0.65 34.74
C GLN B 287 -13.67 -1.88 35.25
N LYS B 288 -13.47 -2.84 34.34
CA LYS B 288 -12.54 -3.96 34.57
C LYS B 288 -13.03 -5.04 35.53
N ASN B 289 -14.17 -5.63 35.17
CA ASN B 289 -14.73 -6.82 35.82
C ASN B 289 -15.06 -6.51 37.26
N VAL B 290 -15.64 -5.34 37.42
CA VAL B 290 -16.04 -4.80 38.69
C VAL B 290 -17.50 -5.20 39.04
N THR B 291 -18.28 -5.56 38.01
CA THR B 291 -19.67 -5.94 38.21
C THR B 291 -20.18 -6.84 37.08
N ASN B 292 -21.36 -7.43 37.26
CA ASN B 292 -22.05 -8.10 36.18
C ASN B 292 -23.41 -7.45 35.97
N ALA B 293 -24.26 -8.04 35.15
CA ALA B 293 -25.54 -7.43 34.77
C ALA B 293 -26.39 -7.19 35.99
N GLU B 294 -26.37 -8.15 36.89
CA GLU B 294 -27.23 -8.08 38.04
C GLU B 294 -26.72 -6.96 38.94
N GLY B 295 -25.40 -6.80 38.97
CA GLY B 295 -24.78 -5.73 39.74
C GLY B 295 -25.16 -4.35 39.20
N ILE B 296 -25.33 -4.26 37.90
CA ILE B 296 -25.83 -3.03 37.28
C ILE B 296 -27.21 -2.68 37.85
N LYS B 297 -28.05 -3.70 38.03
CA LYS B 297 -29.40 -3.51 38.54
C LYS B 297 -29.41 -2.93 39.95
N GLN B 298 -28.48 -3.40 40.79
CA GLN B 298 -28.38 -2.91 42.17
C GLN B 298 -27.85 -1.48 42.17
N LEU B 299 -26.85 -1.25 41.34
CA LEU B 299 -26.26 0.07 41.14
C LEU B 299 -27.33 1.08 40.75
N ALA B 300 -28.22 0.69 39.84
CA ALA B 300 -29.30 1.57 39.38
C ALA B 300 -30.21 2.08 40.51
N LYS B 301 -30.29 1.34 41.61
CA LYS B 301 -31.12 1.75 42.76
C LYS B 301 -30.42 2.74 43.69
N CYS B 302 -29.10 2.56 43.86
CA CYS B 302 -28.27 3.42 44.71
C CYS B 302 -27.96 4.79 44.11
N THR B 303 -28.41 5.07 42.90
CA THR B 303 -27.75 6.13 42.17
C THR B 303 -28.63 6.87 41.16
N ARG B 304 -28.23 8.08 40.77
CA ARG B 304 -28.97 8.80 39.73
C ARG B 304 -28.06 9.42 38.66
N LEU B 305 -27.37 8.56 37.90
CA LEU B 305 -26.27 8.95 37.02
C LEU B 305 -26.64 9.67 35.75
N LEU B 306 -25.80 10.60 35.34
CA LEU B 306 -25.92 11.17 34.00
C LEU B 306 -24.96 10.45 33.04
N PHE B 307 -23.81 10.02 33.56
CA PHE B 307 -22.79 9.31 32.77
C PHE B 307 -22.37 8.06 33.53
N LEU B 308 -22.53 6.90 32.92
CA LEU B 308 -22.04 5.65 33.48
C LEU B 308 -21.08 4.97 32.49
N ASP B 309 -19.90 4.59 32.96
CA ASP B 309 -18.91 3.91 32.13
C ASP B 309 -18.66 2.51 32.65
N LEU B 310 -19.09 1.52 31.88
CA LEU B 310 -18.98 0.13 32.29
C LEU B 310 -18.00 -0.67 31.44
N GLY B 311 -17.07 0.04 30.79
CA GLY B 311 -16.10 -0.57 29.89
C GLY B 311 -15.30 -1.69 30.53
N GLN B 312 -14.97 -2.71 29.73
CA GLN B 312 -14.11 -3.80 30.17
C GLN B 312 -14.68 -4.65 31.29
N ASN B 313 -15.99 -4.65 31.42
CA ASN B 313 -16.64 -5.63 32.28
C ASN B 313 -16.87 -6.93 31.50
N SER B 314 -15.88 -7.83 31.60
CA SER B 314 -15.82 -9.05 30.81
C SER B 314 -16.98 -10.03 31.06
N ASP B 315 -17.65 -9.89 32.19
CA ASP B 315 -18.79 -10.79 32.45
C ASP B 315 -20.09 -10.28 31.83
N LEU B 316 -20.02 -9.14 31.14
CA LEU B 316 -21.16 -8.67 30.39
C LEU B 316 -21.10 -9.27 28.99
N ILE B 317 -21.89 -10.32 28.78
CA ILE B 317 -21.95 -11.05 27.53
C ILE B 317 -23.25 -10.78 26.76
N TYR B 318 -24.36 -10.76 27.48
CA TYR B 318 -25.61 -10.32 26.87
C TYR B 318 -26.36 -9.40 27.81
N LEU B 319 -27.10 -8.47 27.24
CA LEU B 319 -27.96 -7.61 28.02
C LEU B 319 -29.34 -7.60 27.39
N ASN B 320 -30.28 -8.34 27.99
CA ASN B 320 -31.63 -8.45 27.46
C ASN B 320 -32.72 -8.47 28.54
N ASP B 321 -32.44 -7.88 29.71
CA ASP B 321 -33.32 -8.04 30.87
C ASP B 321 -33.48 -6.82 31.76
N SER B 322 -33.90 -5.69 31.19
CA SER B 322 -34.21 -4.49 31.98
C SER B 322 -33.07 -3.93 32.83
N GLU B 323 -31.81 -4.26 32.48
CA GLU B 323 -30.67 -3.84 33.31
C GLU B 323 -30.65 -2.35 33.56
N PHE B 324 -31.02 -1.56 32.56
CA PHE B 324 -30.87 -0.12 32.69
C PHE B 324 -32.15 0.65 33.00
N ASN B 325 -33.27 -0.06 33.19
CA ASN B 325 -34.57 0.61 33.28
C ASN B 325 -34.73 1.54 34.49
N ALA B 326 -34.04 1.23 35.58
CA ALA B 326 -34.09 2.06 36.77
C ALA B 326 -33.09 3.20 36.71
N LEU B 327 -32.46 3.42 35.55
CA LEU B 327 -31.53 4.55 35.42
C LEU B 327 -31.92 5.52 34.31
N PRO B 328 -33.20 5.90 34.23
CA PRO B 328 -33.67 6.66 33.06
C PRO B 328 -33.00 8.03 32.90
N SER B 329 -32.21 8.44 33.88
CA SER B 329 -31.53 9.74 33.82
C SER B 329 -30.31 9.73 32.91
N LEU B 330 -29.81 8.56 32.57
CA LEU B 330 -28.58 8.41 31.77
C LEU B 330 -28.56 9.24 30.49
N GLN B 331 -27.46 9.99 30.32
CA GLN B 331 -27.22 10.72 29.09
C GLN B 331 -26.17 10.01 28.24
N LYS B 332 -25.17 9.45 28.90
CA LYS B 332 -24.05 8.82 28.22
C LYS B 332 -23.79 7.45 28.82
N LEU B 333 -23.67 6.45 27.97
CA LEU B 333 -23.42 5.11 28.45
C LEU B 333 -22.28 4.46 27.64
N ASN B 334 -21.23 4.00 28.34
CA ASN B 334 -20.14 3.27 27.70
C ASN B 334 -20.10 1.82 28.14
N LEU B 335 -20.10 0.94 27.14
CA LEU B 335 -20.08 -0.50 27.34
C LEU B 335 -19.02 -1.14 26.42
N ASN B 336 -18.00 -0.38 26.11
CA ASN B 336 -16.92 -0.88 25.28
C ASN B 336 -15.96 -1.87 25.95
N LYS B 337 -15.39 -2.74 25.13
CA LYS B 337 -14.37 -3.70 25.55
C LYS B 337 -14.87 -4.67 26.61
N CYS B 338 -16.17 -4.94 26.59
CA CYS B 338 -16.71 -6.04 27.38
C CYS B 338 -16.67 -7.30 26.52
N GLN B 339 -17.56 -8.26 26.73
CA GLN B 339 -17.63 -9.42 25.85
C GLN B 339 -19.02 -9.55 25.25
N LEU B 340 -19.63 -8.42 24.94
CA LEU B 340 -21.01 -8.41 24.49
C LEU B 340 -21.20 -9.02 23.10
N SER B 341 -22.09 -10.01 23.00
CA SER B 341 -22.45 -10.58 21.72
C SER B 341 -23.96 -10.48 21.44
N PHE B 342 -24.74 -10.15 22.47
CA PHE B 342 -26.18 -9.92 22.28
C PHE B 342 -26.73 -8.74 23.11
N ILE B 343 -27.49 -7.89 22.45
CA ILE B 343 -28.17 -6.80 23.12
C ILE B 343 -29.49 -6.51 22.42
N ASN B 344 -30.53 -6.18 23.18
CA ASN B 344 -31.81 -5.84 22.57
C ASN B 344 -32.55 -4.67 23.23
N ASN B 345 -33.75 -4.39 22.75
CA ASN B 345 -34.46 -3.21 23.20
C ASN B 345 -35.00 -3.29 24.63
N ARG B 346 -34.93 -4.47 25.23
CA ARG B 346 -35.41 -4.64 26.61
C ARG B 346 -34.42 -4.15 27.70
N THR B 347 -33.14 -3.99 27.36
CA THR B 347 -32.14 -3.62 28.36
C THR B 347 -32.23 -2.13 28.68
N TRP B 348 -32.62 -1.35 27.69
CA TRP B 348 -32.61 0.11 27.79
C TRP B 348 -33.93 0.74 27.35
N SER B 349 -35.00 0.03 27.68
CA SER B 349 -36.36 0.42 27.33
C SER B 349 -36.71 1.84 27.79
N SER B 350 -36.19 2.24 28.94
CA SER B 350 -36.58 3.52 29.53
C SER B 350 -35.50 4.62 29.37
N LEU B 351 -34.51 4.37 28.51
CA LEU B 351 -33.39 5.30 28.37
C LEU B 351 -33.63 6.41 27.37
N GLN B 352 -34.68 7.17 27.59
CA GLN B 352 -35.12 8.19 26.67
C GLN B 352 -34.33 9.48 26.71
N ASN B 353 -33.38 9.58 27.64
CA ASN B 353 -32.51 10.74 27.72
C ASN B 353 -31.09 10.48 27.20
N LEU B 354 -30.80 9.21 26.90
CA LEU B 354 -29.48 8.82 26.37
C LEU B 354 -29.16 9.51 25.05
N THR B 355 -28.02 10.20 25.03
CA THR B 355 -27.63 10.91 23.82
C THR B 355 -26.32 10.37 23.24
N SER B 356 -25.62 9.57 24.03
CA SER B 356 -24.37 9.01 23.61
C SER B 356 -24.22 7.57 24.09
N LEU B 357 -23.81 6.69 23.17
CA LEU B 357 -23.68 5.28 23.50
C LEU B 357 -22.48 4.67 22.76
N ASP B 358 -21.61 4.02 23.52
CA ASP B 358 -20.40 3.41 22.97
C ASP B 358 -20.42 1.91 23.18
N LEU B 359 -20.59 1.17 22.08
CA LEU B 359 -20.63 -0.29 22.15
C LEU B 359 -19.39 -0.91 21.45
N SER B 360 -18.36 -0.08 21.29
CA SER B 360 -17.21 -0.45 20.50
C SER B 360 -16.39 -1.57 21.12
N HIS B 361 -15.78 -2.37 20.27
CA HIS B 361 -14.77 -3.33 20.70
C HIS B 361 -15.36 -4.45 21.54
N ASN B 362 -16.54 -4.91 21.12
CA ASN B 362 -17.18 -6.08 21.70
C ASN B 362 -17.18 -7.26 20.71
N LYS B 363 -18.19 -8.13 20.78
CA LYS B 363 -18.23 -9.33 19.93
C LYS B 363 -19.55 -9.40 19.20
N PHE B 364 -20.08 -8.25 18.84
CA PHE B 364 -21.34 -8.24 18.10
C PHE B 364 -21.08 -8.65 16.67
N LYS B 365 -21.74 -9.72 16.26
CA LYS B 365 -21.78 -10.10 14.85
C LYS B 365 -23.01 -9.48 14.24
N SER B 366 -24.02 -9.27 15.08
CA SER B 366 -25.22 -8.57 14.62
C SER B 366 -26.02 -8.03 15.79
N PHE B 367 -27.18 -7.49 15.47
CA PHE B 367 -28.12 -6.97 16.46
C PHE B 367 -29.52 -7.37 16.00
N PRO B 368 -30.42 -7.69 16.93
CA PRO B 368 -31.81 -8.04 16.54
C PRO B 368 -32.59 -6.82 16.06
N ASP B 369 -33.73 -7.07 15.42
CA ASP B 369 -34.63 -5.99 14.98
C ASP B 369 -35.02 -5.11 16.15
N PHE B 370 -35.02 -3.81 15.90
CA PHE B 370 -35.45 -2.80 16.88
C PHE B 370 -34.62 -2.71 18.19
N ALA B 371 -33.39 -3.25 18.20
CA ALA B 371 -32.50 -3.17 19.37
C ALA B 371 -32.32 -1.76 19.94
N PHE B 372 -32.06 -0.81 19.05
CA PHE B 372 -31.74 0.56 19.42
C PHE B 372 -32.95 1.49 19.40
N SER B 373 -34.11 0.93 19.06
CA SER B 373 -35.30 1.76 18.84
C SER B 373 -35.82 2.63 20.00
N PRO B 374 -35.71 2.16 21.24
CA PRO B 374 -36.11 3.11 22.29
C PRO B 374 -35.23 4.35 22.42
N LEU B 375 -33.99 4.31 21.94
CA LEU B 375 -33.07 5.41 22.19
C LEU B 375 -33.34 6.57 21.24
N LYS B 376 -34.50 7.20 21.40
CA LYS B 376 -34.99 8.18 20.45
C LYS B 376 -34.28 9.50 20.56
N HIS B 377 -33.44 9.63 21.57
CA HIS B 377 -32.69 10.85 21.68
C HIS B 377 -31.22 10.67 21.35
N LEU B 378 -30.81 9.44 21.00
CA LEU B 378 -29.40 9.15 20.71
C LEU B 378 -28.82 10.06 19.63
N GLU B 379 -27.70 10.69 19.93
CA GLU B 379 -27.05 11.55 18.94
C GLU B 379 -25.73 10.96 18.47
N PHE B 380 -25.13 10.14 19.33
CA PHE B 380 -23.84 9.55 19.05
C PHE B 380 -23.86 8.08 19.35
N LEU B 381 -23.43 7.28 18.38
CA LEU B 381 -23.38 5.84 18.55
C LEU B 381 -22.07 5.32 17.95
N SER B 382 -21.31 4.58 18.74
CA SER B 382 -20.14 3.92 18.20
C SER B 382 -20.27 2.41 18.30
N LEU B 383 -20.02 1.76 17.17
CA LEU B 383 -20.03 0.31 17.10
C LEU B 383 -18.69 -0.21 16.60
N SER B 384 -17.67 0.66 16.58
CA SER B 384 -16.33 0.33 16.09
C SER B 384 -15.79 -0.98 16.61
N ARG B 385 -15.03 -1.66 15.76
CA ARG B 385 -14.30 -2.84 16.16
C ARG B 385 -15.19 -3.95 16.66
N ASN B 386 -16.35 -4.09 16.03
CA ASN B 386 -17.11 -5.31 16.17
C ASN B 386 -17.02 -6.12 14.87
N PRO B 387 -16.98 -7.45 14.99
CA PRO B 387 -16.93 -8.39 13.86
C PRO B 387 -18.30 -8.46 13.16
N ILE B 388 -18.75 -7.30 12.68
CA ILE B 388 -20.00 -7.15 11.98
C ILE B 388 -19.68 -7.17 10.50
N THR B 389 -20.24 -8.12 9.76
CA THR B 389 -19.97 -8.14 8.31
C THR B 389 -21.07 -7.44 7.54
N GLU B 390 -22.24 -7.33 8.18
CA GLU B 390 -23.41 -6.72 7.56
C GLU B 390 -24.31 -6.02 8.56
N LEU B 391 -24.89 -4.91 8.12
CA LEU B 391 -25.80 -4.14 8.97
C LEU B 391 -27.25 -4.64 8.92
N ASN B 392 -27.82 -5.00 10.06
CA ASN B 392 -29.25 -5.28 10.14
C ASN B 392 -30.07 -3.98 10.17
N ASN B 393 -30.64 -3.61 9.03
CA ASN B 393 -31.30 -2.33 8.87
C ASN B 393 -32.37 -2.03 9.92
N LEU B 394 -33.08 -3.08 10.36
CA LEU B 394 -34.18 -2.90 11.30
C LEU B 394 -33.72 -2.66 12.77
N ALA B 395 -32.45 -2.95 13.05
CA ALA B 395 -31.91 -2.71 14.39
C ALA B 395 -31.87 -1.23 14.74
N PHE B 396 -31.86 -0.37 13.72
CA PHE B 396 -31.68 1.06 13.92
C PHE B 396 -32.95 1.82 13.65
N SER B 397 -34.07 1.12 13.58
CA SER B 397 -35.36 1.75 13.29
C SER B 397 -35.64 2.90 14.25
N GLY B 398 -35.79 4.09 13.70
CA GLY B 398 -36.21 5.21 14.51
C GLY B 398 -35.15 5.99 15.26
N LEU B 399 -33.86 5.79 14.94
CA LEU B 399 -32.79 6.62 15.53
C LEU B 399 -32.69 7.96 14.80
N PHE B 400 -33.78 8.71 14.78
CA PHE B 400 -33.89 9.90 13.93
C PHE B 400 -33.14 11.09 14.46
N ALA B 401 -32.64 10.97 15.70
CA ALA B 401 -31.91 12.04 16.30
C ALA B 401 -30.40 11.88 16.12
N LEU B 402 -29.99 10.75 15.55
CA LEU B 402 -28.55 10.42 15.46
C LEU B 402 -27.76 11.37 14.57
N LYS B 403 -26.64 11.87 15.11
CA LYS B 403 -25.77 12.84 14.40
C LYS B 403 -24.43 12.23 13.97
N GLU B 404 -23.98 11.23 14.70
CA GLU B 404 -22.72 10.64 14.38
C GLU B 404 -22.77 9.14 14.58
N LEU B 405 -22.36 8.40 13.55
CA LEU B 405 -22.28 6.96 13.64
C LEU B 405 -20.86 6.52 13.29
N ASN B 406 -20.24 5.80 14.21
CA ASN B 406 -18.91 5.29 14.00
C ASN B 406 -18.91 3.78 13.82
N LEU B 407 -18.57 3.33 12.61
CA LEU B 407 -18.52 1.91 12.27
C LEU B 407 -17.12 1.50 11.80
N ALA B 408 -16.12 2.27 12.24
CA ALA B 408 -14.73 2.08 11.85
C ALA B 408 -14.18 0.75 12.35
N ALA B 409 -13.40 0.08 11.51
CA ALA B 409 -12.71 -1.14 11.90
C ALA B 409 -13.62 -2.31 12.29
N CYS B 410 -14.87 -2.27 11.84
CA CYS B 410 -15.71 -3.47 11.83
C CYS B 410 -15.34 -4.32 10.60
N TRP B 411 -16.13 -5.34 10.28
CA TRP B 411 -15.77 -6.20 9.15
C TRP B 411 -16.71 -6.02 7.97
N ILE B 412 -17.27 -4.82 7.81
CA ILE B 412 -18.37 -4.64 6.88
C ILE B 412 -17.98 -4.87 5.42
N VAL B 413 -18.75 -5.75 4.82
CA VAL B 413 -18.43 -6.39 3.55
C VAL B 413 -19.32 -5.80 2.44
N THR B 414 -20.49 -5.27 2.81
CA THR B 414 -21.43 -4.67 1.85
C THR B 414 -22.39 -3.70 2.54
N ILE B 415 -22.71 -2.60 1.84
CA ILE B 415 -23.78 -1.68 2.23
C ILE B 415 -24.50 -1.27 0.96
N ASP B 416 -25.75 -0.80 1.08
CA ASP B 416 -26.45 -0.31 -0.10
C ASP B 416 -27.44 0.79 0.25
N ARG B 417 -28.39 1.06 -0.66
CA ARG B 417 -29.42 2.11 -0.48
C ARG B 417 -30.42 1.88 0.67
N TYR B 418 -30.41 0.69 1.24
CA TYR B 418 -31.28 0.38 2.34
C TYR B 418 -30.55 0.45 3.68
N SER B 419 -29.28 0.85 3.64
CA SER B 419 -28.43 0.78 4.83
C SER B 419 -28.52 1.96 5.76
N PHE B 420 -28.87 3.14 5.24
CA PHE B 420 -28.89 4.36 6.07
C PHE B 420 -30.22 5.15 6.00
N THR B 421 -31.33 4.44 5.95
CA THR B 421 -32.67 5.02 5.90
C THR B 421 -33.15 5.67 7.22
N GLN B 422 -32.61 5.20 8.32
CA GLN B 422 -33.08 5.59 9.64
C GLN B 422 -32.37 6.78 10.28
N PHE B 423 -31.47 7.42 9.53
CA PHE B 423 -30.60 8.48 10.08
C PHE B 423 -30.71 9.81 9.35
N PRO B 424 -31.91 10.41 9.28
CA PRO B 424 -32.07 11.63 8.48
C PRO B 424 -31.26 12.82 8.97
N ASN B 425 -30.80 12.78 10.21
CA ASN B 425 -30.06 13.90 10.76
C ASN B 425 -28.56 13.63 10.87
N LEU B 426 -28.10 12.50 10.34
CA LEU B 426 -26.70 12.14 10.48
C LEU B 426 -25.81 13.22 9.91
N GLU B 427 -24.73 13.53 10.63
CA GLU B 427 -23.78 14.55 10.17
C GLU B 427 -22.40 13.94 9.89
N VAL B 428 -22.03 12.90 10.63
CA VAL B 428 -20.72 12.27 10.44
C VAL B 428 -20.88 10.75 10.33
N LEU B 429 -20.35 10.16 9.25
CA LEU B 429 -20.41 8.72 9.10
C LEU B 429 -19.02 8.15 8.87
N ASP B 430 -18.59 7.30 9.80
CA ASP B 430 -17.24 6.78 9.75
C ASP B 430 -17.28 5.32 9.39
N LEU B 431 -16.90 5.01 8.15
CA LEU B 431 -16.90 3.63 7.66
C LEU B 431 -15.49 3.17 7.35
N GLY B 432 -14.49 3.88 7.87
CA GLY B 432 -13.12 3.54 7.61
C GLY B 432 -12.75 2.14 8.07
N ASP B 433 -11.82 1.53 7.35
CA ASP B 433 -11.16 0.31 7.79
C ASP B 433 -12.10 -0.88 7.90
N ASN B 434 -13.15 -0.86 7.08
CA ASN B 434 -13.98 -2.04 6.87
C ASN B 434 -13.50 -2.91 5.71
N ASN B 435 -14.39 -3.69 5.08
CA ASN B 435 -13.99 -4.54 3.96
C ASN B 435 -14.78 -4.22 2.71
N ILE B 436 -15.12 -2.97 2.50
CA ILE B 436 -16.04 -2.62 1.43
C ILE B 436 -15.30 -2.52 0.11
N ARG B 437 -15.76 -3.30 -0.88
CA ARG B 437 -15.05 -3.41 -2.16
C ARG B 437 -15.71 -2.59 -3.25
N THR B 438 -17.03 -2.43 -3.19
CA THR B 438 -17.72 -1.55 -4.13
C THR B 438 -18.81 -0.73 -3.45
N LEU B 439 -19.07 0.45 -4.01
CA LEU B 439 -20.06 1.35 -3.50
C LEU B 439 -21.18 1.39 -4.50
N ASN B 440 -22.38 1.01 -4.04
CA ASN B 440 -23.55 0.92 -4.91
C ASN B 440 -24.28 2.26 -5.01
N HIS B 441 -25.02 2.45 -6.10
CA HIS B 441 -25.79 3.67 -6.30
C HIS B 441 -26.79 3.87 -5.17
N GLY B 442 -26.95 5.13 -4.77
CA GLY B 442 -27.92 5.54 -3.77
C GLY B 442 -27.58 5.17 -2.34
N THR B 443 -26.37 4.67 -2.10
CA THR B 443 -26.02 4.14 -0.78
C THR B 443 -26.26 5.17 0.33
N PHE B 444 -25.99 6.43 0.05
CA PHE B 444 -26.11 7.49 1.06
C PHE B 444 -27.25 8.49 0.80
N ARG B 445 -28.14 8.13 -0.12
CA ARG B 445 -29.29 8.99 -0.50
C ARG B 445 -30.08 9.63 0.65
N PRO B 446 -30.40 8.87 1.72
CA PRO B 446 -31.19 9.50 2.80
C PRO B 446 -30.44 10.56 3.65
N LEU B 447 -29.11 10.51 3.64
CA LEU B 447 -28.30 11.35 4.53
C LEU B 447 -28.21 12.79 4.03
N LYS B 448 -29.34 13.49 4.02
CA LYS B 448 -29.44 14.83 3.43
C LYS B 448 -28.58 15.87 4.13
N LYS B 449 -28.25 15.59 5.39
CA LYS B 449 -27.53 16.56 6.21
C LYS B 449 -26.06 16.14 6.43
N LEU B 450 -25.64 15.05 5.80
CA LEU B 450 -24.29 14.52 6.03
C LEU B 450 -23.17 15.53 5.68
N GLN B 451 -22.20 15.67 6.56
CA GLN B 451 -21.15 16.68 6.35
C GLN B 451 -19.80 16.02 6.06
N SER B 452 -19.56 14.89 6.70
CA SER B 452 -18.31 14.20 6.67
C SER B 452 -18.58 12.71 6.43
N LEU B 453 -17.95 12.15 5.39
CA LEU B 453 -18.07 10.73 5.10
C LEU B 453 -16.65 10.15 5.02
N ILE B 454 -16.37 9.17 5.88
CA ILE B 454 -15.07 8.52 5.86
C ILE B 454 -15.17 7.07 5.35
N LEU B 455 -14.51 6.82 4.22
CA LEU B 455 -14.50 5.49 3.58
C LEU B 455 -13.07 4.99 3.39
N SER B 456 -12.13 5.57 4.13
CA SER B 456 -10.73 5.24 3.95
C SER B 456 -10.39 3.82 4.41
N HIS B 457 -9.33 3.24 3.84
CA HIS B 457 -8.84 1.91 4.25
C HIS B 457 -9.86 0.80 4.04
N ASN B 458 -10.66 0.93 2.98
CA ASN B 458 -11.51 -0.17 2.60
C ASN B 458 -10.83 -0.84 1.43
N CYS B 459 -11.55 -1.64 0.65
CA CYS B 459 -10.93 -2.22 -0.54
C CYS B 459 -11.66 -1.68 -1.74
N LEU B 460 -11.98 -0.40 -1.75
CA LEU B 460 -12.81 0.11 -2.83
C LEU B 460 -12.09 0.04 -4.16
N LYS B 461 -12.69 -0.66 -5.12
CA LYS B 461 -12.22 -0.66 -6.49
C LYS B 461 -13.26 0.00 -7.37
N ILE B 462 -14.52 -0.35 -7.16
CA ILE B 462 -15.60 0.12 -8.03
C ILE B 462 -16.57 1.07 -7.32
N LEU B 463 -16.68 2.29 -7.82
CA LEU B 463 -17.68 3.20 -7.33
C LEU B 463 -18.73 3.37 -8.42
N GLU B 464 -19.87 2.72 -8.23
CA GLU B 464 -20.99 2.81 -9.17
C GLU B 464 -21.40 4.25 -9.40
N PRO B 465 -21.94 4.54 -10.60
CA PRO B 465 -22.50 5.87 -10.83
C PRO B 465 -23.59 6.14 -9.80
N ASN B 466 -23.72 7.41 -9.42
CA ASN B 466 -24.64 7.81 -8.36
C ASN B 466 -24.39 7.18 -6.98
N SER B 467 -23.14 6.75 -6.73
CA SER B 467 -22.71 6.31 -5.41
C SER B 467 -22.89 7.41 -4.36
N PHE B 468 -22.69 8.66 -4.75
CA PHE B 468 -22.76 9.75 -3.78
C PHE B 468 -23.95 10.65 -4.01
N SER B 469 -24.97 10.14 -4.71
CA SER B 469 -26.20 10.90 -4.91
C SER B 469 -26.87 11.17 -3.57
N GLY B 470 -27.50 12.34 -3.48
CA GLY B 470 -28.14 12.75 -2.23
C GLY B 470 -27.28 13.47 -1.22
N LEU B 471 -25.95 13.50 -1.44
CA LEU B 471 -25.05 14.11 -0.47
C LEU B 471 -24.80 15.58 -0.77
N THR B 472 -25.86 16.33 -0.98
CA THR B 472 -25.79 17.74 -1.35
C THR B 472 -25.12 18.63 -0.28
N ASN B 473 -25.19 18.24 0.98
CA ASN B 473 -24.50 19.03 2.02
C ASN B 473 -23.10 18.56 2.42
N LEU B 474 -22.56 17.56 1.70
CA LEU B 474 -21.28 16.96 2.04
C LEU B 474 -20.14 17.96 1.90
N ARG B 475 -19.30 18.03 2.93
CA ARG B 475 -18.18 18.98 2.99
C ARG B 475 -16.84 18.29 2.83
N SER B 476 -16.78 17.08 3.36
CA SER B 476 -15.55 16.32 3.45
C SER B 476 -15.76 14.87 3.02
N LEU B 477 -14.92 14.39 2.11
CA LEU B 477 -15.01 13.01 1.62
C LEU B 477 -13.62 12.39 1.65
N ASP B 478 -13.46 11.36 2.49
CA ASP B 478 -12.17 10.72 2.66
C ASP B 478 -12.18 9.33 2.02
N LEU B 479 -11.48 9.20 0.90
CA LEU B 479 -11.41 7.94 0.19
C LEU B 479 -9.97 7.42 0.12
N MET B 480 -9.13 7.87 1.04
CA MET B 480 -7.73 7.48 1.09
C MET B 480 -7.53 5.99 1.33
N TYR B 481 -6.44 5.44 0.81
CA TYR B 481 -6.10 4.05 1.05
C TYR B 481 -7.17 3.09 0.57
N ASN B 482 -7.53 3.22 -0.69
CA ASN B 482 -8.37 2.24 -1.34
C ASN B 482 -7.70 1.77 -2.62
N SER B 483 -8.47 1.31 -3.59
CA SER B 483 -7.88 0.81 -4.84
C SER B 483 -8.51 1.49 -6.04
N LEU B 484 -8.87 2.74 -5.88
CA LEU B 484 -9.51 3.47 -6.95
C LEU B 484 -8.53 3.87 -8.06
N SER B 485 -9.02 3.85 -9.29
CA SER B 485 -8.24 4.27 -10.46
C SER B 485 -9.02 5.20 -11.38
N TYR B 486 -10.10 4.72 -11.97
CA TYR B 486 -10.88 5.55 -12.87
C TYR B 486 -12.23 5.87 -12.23
N PHE B 487 -12.83 6.98 -12.63
CA PHE B 487 -14.12 7.40 -12.08
C PHE B 487 -15.19 7.52 -13.16
N HIS B 488 -16.41 7.06 -12.85
CA HIS B 488 -17.50 7.17 -13.81
C HIS B 488 -17.76 8.63 -14.13
N GLU B 489 -18.29 8.85 -15.32
CA GLU B 489 -18.57 10.16 -15.88
C GLU B 489 -19.13 11.18 -14.90
N HIS B 490 -20.11 10.77 -14.11
CA HIS B 490 -20.79 11.69 -13.22
C HIS B 490 -20.65 11.33 -11.73
N LEU B 491 -19.51 10.75 -11.35
CA LEU B 491 -19.33 10.25 -10.00
C LEU B 491 -19.36 11.37 -8.95
N PHE B 492 -18.58 12.41 -9.18
CA PHE B 492 -18.51 13.49 -8.22
C PHE B 492 -19.48 14.61 -8.56
N SER B 493 -20.56 14.24 -9.24
CA SER B 493 -21.66 15.15 -9.49
C SER B 493 -22.49 15.29 -8.21
N GLY B 494 -23.19 16.41 -8.07
CA GLY B 494 -24.05 16.62 -6.92
C GLY B 494 -23.33 16.89 -5.60
N LEU B 495 -22.02 17.05 -5.67
CA LEU B 495 -21.24 17.34 -4.47
C LEU B 495 -20.74 18.78 -4.52
N GLU B 496 -21.64 19.72 -4.82
CA GLU B 496 -21.21 21.10 -5.10
C GLU B 496 -20.83 21.90 -3.86
N LYS B 497 -21.01 21.31 -2.69
CA LYS B 497 -20.62 21.97 -1.44
C LYS B 497 -19.35 21.33 -0.89
N LEU B 498 -18.87 20.32 -1.60
CA LEU B 498 -17.70 19.60 -1.14
C LEU B 498 -16.52 20.54 -0.99
N LEU B 499 -15.88 20.50 0.18
CA LEU B 499 -14.73 21.37 0.42
C LEU B 499 -13.43 20.61 0.30
N ILE B 500 -13.42 19.38 0.77
CA ILE B 500 -12.22 18.58 0.92
C ILE B 500 -12.41 17.19 0.31
N LEU B 501 -11.51 16.79 -0.60
CA LEU B 501 -11.57 15.46 -1.21
C LEU B 501 -10.23 14.75 -1.06
N LYS B 502 -10.23 13.59 -0.42
CA LYS B 502 -8.99 12.87 -0.17
C LYS B 502 -8.93 11.56 -0.96
N LEU B 503 -8.06 11.52 -1.95
CA LEU B 503 -7.97 10.39 -2.86
C LEU B 503 -6.58 9.79 -2.86
N GLY B 504 -5.81 10.15 -1.85
CA GLY B 504 -4.45 9.70 -1.76
C GLY B 504 -4.33 8.21 -1.54
N PHE B 505 -3.18 7.66 -1.92
CA PHE B 505 -2.88 6.24 -1.72
C PHE B 505 -3.94 5.30 -2.30
N ASN B 506 -4.38 5.64 -3.51
CA ASN B 506 -5.09 4.72 -4.36
C ASN B 506 -4.18 4.24 -5.49
N LYS B 507 -4.78 3.98 -6.65
CA LYS B 507 -4.05 3.57 -7.85
C LYS B 507 -4.48 4.47 -9.00
N ILE B 508 -4.55 5.76 -8.75
CA ILE B 508 -4.97 6.70 -9.80
C ILE B 508 -3.80 6.99 -10.72
N THR B 509 -3.74 6.27 -11.84
CA THR B 509 -2.54 6.25 -12.65
C THR B 509 -2.83 6.21 -14.15
N TYR B 510 -2.21 7.09 -14.93
CA TYR B 510 -2.30 7.04 -16.39
C TYR B 510 -0.95 6.75 -17.04
N GLU B 511 -0.90 5.71 -17.88
CA GLU B 511 0.35 5.25 -18.49
C GLU B 511 0.65 5.86 -19.86
N THR B 512 -0.18 6.81 -20.29
CA THR B 512 0.03 7.48 -21.57
C THR B 512 -0.69 8.81 -21.56
N THR B 513 -0.38 9.67 -22.53
CA THR B 513 -1.10 10.93 -22.68
C THR B 513 -2.59 10.73 -22.92
N ARG B 514 -3.41 11.49 -22.20
CA ARG B 514 -4.86 11.38 -22.28
C ARG B 514 -5.49 12.75 -22.18
N THR B 515 -6.57 12.96 -22.93
CA THR B 515 -7.45 14.10 -22.70
C THR B 515 -8.83 13.55 -22.38
N LEU B 516 -9.17 13.59 -21.10
CA LEU B 516 -10.36 12.90 -20.60
C LEU B 516 -11.63 13.54 -21.13
N GLN B 517 -12.54 12.69 -21.62
CA GLN B 517 -13.83 13.14 -22.09
C GLN B 517 -14.61 13.73 -20.93
N TYR B 518 -14.52 13.05 -19.78
CA TYR B 518 -15.11 13.57 -18.54
C TYR B 518 -14.07 13.70 -17.43
N PRO B 519 -13.52 14.92 -17.25
CA PRO B 519 -12.65 15.22 -16.10
C PRO B 519 -13.47 15.02 -14.82
N PRO B 520 -12.95 14.26 -13.86
CA PRO B 520 -13.71 13.80 -12.69
C PRO B 520 -14.07 14.89 -11.66
N PHE B 521 -13.34 16.00 -11.64
CA PHE B 521 -13.56 17.03 -10.62
C PHE B 521 -14.31 18.23 -11.15
N ILE B 522 -14.86 18.11 -12.34
CA ILE B 522 -15.41 19.27 -13.04
C ILE B 522 -16.62 19.90 -12.32
N LYS B 523 -17.31 19.10 -11.53
CA LYS B 523 -18.50 19.57 -10.84
C LYS B 523 -18.23 20.03 -9.39
N LEU B 524 -17.01 19.85 -8.93
CA LEU B 524 -16.66 20.18 -7.56
C LEU B 524 -16.42 21.68 -7.41
N LYS B 525 -17.52 22.45 -7.35
CA LYS B 525 -17.45 23.91 -7.45
C LYS B 525 -16.97 24.63 -6.19
N SER B 526 -16.98 23.93 -5.06
CA SER B 526 -16.51 24.54 -3.83
C SER B 526 -15.22 23.91 -3.37
N LEU B 527 -14.70 22.95 -4.13
CA LEU B 527 -13.54 22.20 -3.66
C LEU B 527 -12.40 23.13 -3.33
N LYS B 528 -11.90 23.03 -2.09
CA LYS B 528 -10.77 23.87 -1.66
C LYS B 528 -9.47 23.09 -1.48
N GLN B 529 -9.56 21.83 -1.09
CA GLN B 529 -8.37 21.00 -0.87
C GLN B 529 -8.57 19.67 -1.59
N LEU B 530 -7.57 19.27 -2.40
CA LEU B 530 -7.59 17.99 -3.12
C LEU B 530 -6.33 17.20 -2.76
N ASN B 531 -6.48 15.98 -2.25
CA ASN B 531 -5.33 15.17 -1.94
C ASN B 531 -5.21 14.02 -2.93
N LEU B 532 -4.09 13.98 -3.67
CA LEU B 532 -3.79 12.91 -4.65
C LEU B 532 -2.44 12.26 -4.39
N GLU B 533 -1.99 12.31 -3.15
CA GLU B 533 -0.69 11.79 -2.77
C GLU B 533 -0.57 10.27 -2.89
N GLY B 534 0.66 9.82 -3.14
CA GLY B 534 1.04 8.42 -3.01
C GLY B 534 0.26 7.34 -3.74
N GLN B 535 -0.12 7.60 -4.99
CA GLN B 535 -0.71 6.54 -5.83
C GLN B 535 0.34 5.41 -5.96
N ARG B 536 -0.10 4.15 -5.90
CA ARG B 536 0.84 3.00 -5.91
C ARG B 536 1.99 3.12 -6.93
N HIS B 537 1.67 3.56 -8.15
CA HIS B 537 2.72 3.67 -9.16
C HIS B 537 2.85 5.12 -9.57
N GLY B 538 2.39 6.02 -8.70
CA GLY B 538 2.37 7.43 -9.03
C GLY B 538 1.23 7.71 -9.98
N ILE B 539 0.80 8.96 -10.07
CA ILE B 539 -0.22 9.34 -11.03
C ILE B 539 0.31 9.19 -12.45
N GLN B 540 1.64 9.24 -12.58
CA GLN B 540 2.35 9.23 -13.85
C GLN B 540 1.86 10.32 -14.79
N VAL B 541 1.39 9.94 -15.98
CA VAL B 541 1.04 10.98 -16.95
C VAL B 541 -0.27 11.65 -16.61
N VAL B 542 -0.21 12.86 -16.05
CA VAL B 542 -1.45 13.54 -15.70
C VAL B 542 -2.17 13.95 -16.98
N PRO B 543 -3.44 13.52 -17.14
CA PRO B 543 -4.25 13.89 -18.30
C PRO B 543 -4.26 15.39 -18.52
N SER B 544 -4.42 15.83 -19.75
CA SER B 544 -4.24 17.26 -20.01
C SER B 544 -5.30 18.15 -19.35
N ASN B 545 -6.47 17.61 -19.10
CA ASN B 545 -7.55 18.40 -18.52
C ASN B 545 -8.01 17.86 -17.16
N PHE B 546 -7.09 17.22 -16.46
CA PHE B 546 -7.41 16.53 -15.22
C PHE B 546 -8.01 17.45 -14.13
N PHE B 547 -7.59 18.71 -14.11
CA PHE B 547 -8.00 19.63 -13.04
C PHE B 547 -9.07 20.63 -13.48
N GLN B 548 -9.65 20.38 -14.64
CA GLN B 548 -10.73 21.20 -15.17
C GLN B 548 -11.82 21.41 -14.12
N GLY B 549 -12.21 22.67 -13.94
CA GLY B 549 -13.34 23.01 -13.08
C GLY B 549 -12.97 23.37 -11.64
N LEU B 550 -11.68 23.35 -11.33
CA LEU B 550 -11.28 23.50 -9.93
C LEU B 550 -10.74 24.90 -9.63
N GLY B 551 -11.40 25.91 -10.20
CA GLY B 551 -11.05 27.30 -9.99
C GLY B 551 -11.19 27.77 -8.56
N SER B 552 -11.90 27.02 -7.73
CA SER B 552 -12.03 27.39 -6.32
C SER B 552 -10.92 26.77 -5.48
N LEU B 553 -10.15 25.86 -6.07
CA LEU B 553 -9.14 25.13 -5.31
C LEU B 553 -8.07 26.03 -4.69
N GLN B 554 -7.69 25.73 -3.46
CA GLN B 554 -6.63 26.48 -2.77
C GLN B 554 -5.42 25.62 -2.47
N GLU B 555 -5.62 24.33 -2.26
CA GLU B 555 -4.53 23.45 -1.89
C GLU B 555 -4.55 22.20 -2.74
N LEU B 556 -3.43 21.92 -3.40
CA LEU B 556 -3.30 20.72 -4.22
C LEU B 556 -2.12 19.89 -3.72
N LEU B 557 -2.40 18.66 -3.29
CA LEU B 557 -1.34 17.81 -2.73
C LEU B 557 -1.02 16.64 -3.64
N LEU B 558 0.13 16.71 -4.30
CA LEU B 558 0.56 15.70 -5.26
C LEU B 558 1.82 15.00 -4.80
N GLY B 559 2.21 15.24 -3.54
CA GLY B 559 3.41 14.64 -3.00
C GLY B 559 3.40 13.13 -2.89
N LYS B 560 4.56 12.57 -2.58
CA LYS B 560 4.74 11.14 -2.36
C LYS B 560 4.38 10.25 -3.54
N ASN B 561 4.24 10.82 -4.73
CA ASN B 561 4.07 9.99 -5.94
C ASN B 561 5.39 9.56 -6.55
N PRO B 562 5.53 8.26 -6.86
CA PRO B 562 6.74 7.76 -7.54
C PRO B 562 7.02 8.50 -8.85
N SER B 563 5.99 8.93 -9.55
CA SER B 563 6.19 9.86 -10.65
C SER B 563 4.98 10.75 -10.88
N VAL B 564 5.25 11.95 -11.37
CA VAL B 564 4.23 12.95 -11.66
C VAL B 564 4.69 13.61 -12.96
N PHE B 565 3.95 13.40 -14.03
CA PHE B 565 4.29 14.01 -15.30
C PHE B 565 3.21 14.99 -15.70
N LEU B 566 3.54 16.28 -15.61
CA LEU B 566 2.65 17.37 -15.96
C LEU B 566 3.26 18.07 -17.19
N ASP B 567 2.98 17.50 -18.37
CA ASP B 567 3.62 17.89 -19.63
C ASP B 567 3.06 19.16 -20.27
N HIS B 568 1.80 19.48 -19.97
CA HIS B 568 1.09 20.50 -20.74
C HIS B 568 0.72 21.72 -19.91
N HIS B 569 -0.57 22.02 -19.82
CA HIS B 569 -1.03 23.17 -19.04
C HIS B 569 -2.12 22.77 -18.06
N GLN B 570 -1.83 21.72 -17.29
CA GLN B 570 -2.78 21.14 -16.35
C GLN B 570 -3.23 22.13 -15.26
N PHE B 571 -2.34 23.04 -14.89
CA PHE B 571 -2.63 23.93 -13.77
C PHE B 571 -3.34 25.23 -14.17
N ASP B 572 -3.60 25.39 -15.46
CA ASP B 572 -4.26 26.61 -15.93
C ASP B 572 -5.65 26.93 -15.28
N PRO B 573 -6.47 25.91 -14.95
CA PRO B 573 -7.74 26.23 -14.29
C PRO B 573 -7.60 26.66 -12.83
N LEU B 574 -6.47 26.35 -12.20
CA LEU B 574 -6.32 26.52 -10.76
C LEU B 574 -5.99 27.96 -10.36
N ILE B 575 -6.83 28.90 -10.77
CA ILE B 575 -6.50 30.31 -10.60
C ILE B 575 -6.51 30.79 -9.13
N ASN B 576 -7.28 30.12 -8.27
CA ASN B 576 -7.29 30.46 -6.85
C ASN B 576 -6.27 29.69 -6.00
N LEU B 577 -5.42 28.89 -6.63
CA LEU B 577 -4.50 28.03 -5.88
C LEU B 577 -3.58 28.83 -4.96
N THR B 578 -3.42 28.33 -3.74
CA THR B 578 -2.64 28.98 -2.70
C THR B 578 -1.42 28.17 -2.23
N LYS B 579 -1.57 26.85 -2.21
CA LYS B 579 -0.50 25.95 -1.79
C LYS B 579 -0.36 24.79 -2.78
N LEU B 580 0.86 24.51 -3.21
CA LEU B 580 1.10 23.37 -4.08
C LEU B 580 2.27 22.59 -3.52
N ASP B 581 2.07 21.29 -3.30
CA ASP B 581 3.17 20.42 -2.91
C ASP B 581 3.31 19.26 -3.91
N ILE B 582 4.47 19.18 -4.55
CA ILE B 582 4.84 18.03 -5.36
C ILE B 582 6.19 17.52 -4.89
N SER B 583 6.24 17.11 -3.64
CA SER B 583 7.48 16.64 -3.06
C SER B 583 7.54 15.13 -3.04
N GLY B 584 8.75 14.60 -2.99
CA GLY B 584 8.95 13.21 -2.68
C GLY B 584 8.83 12.25 -3.84
N THR B 585 9.01 12.72 -5.07
CA THR B 585 9.10 11.81 -6.22
C THR B 585 10.44 11.09 -6.26
N LYS B 586 11.49 11.76 -5.76
CA LYS B 586 12.78 11.14 -5.45
C LYS B 586 13.82 10.87 -6.56
N ASP B 587 13.52 11.14 -7.83
CA ASP B 587 14.58 11.20 -8.85
C ASP B 587 14.37 12.04 -10.10
N GLY B 588 14.62 13.34 -9.92
CA GLY B 588 14.42 14.38 -10.90
C GLY B 588 13.76 14.02 -12.20
N ASP B 589 14.56 13.85 -13.25
CA ASP B 589 14.07 13.70 -14.63
C ASP B 589 13.23 12.44 -14.90
N ARG B 590 13.56 11.35 -14.22
CA ARG B 590 12.82 10.10 -14.37
C ARG B 590 11.42 10.13 -13.74
N SER B 591 11.27 10.89 -12.66
CA SER B 591 10.06 10.86 -11.87
C SER B 591 9.23 12.15 -11.90
N LEU B 592 9.78 13.22 -12.45
CA LEU B 592 9.09 14.50 -12.41
C LEU B 592 9.30 15.27 -13.71
N TYR B 593 8.20 15.68 -14.34
CA TYR B 593 8.30 16.62 -15.46
C TYR B 593 7.33 17.77 -15.26
N LEU B 594 7.83 18.99 -15.39
CA LEU B 594 7.00 20.18 -15.31
C LEU B 594 7.22 21.05 -16.54
N ASN B 595 6.16 21.24 -17.32
CA ASN B 595 6.18 22.09 -18.51
C ASN B 595 6.76 23.44 -18.12
N ALA B 596 7.54 24.03 -19.02
CA ALA B 596 8.25 25.25 -18.71
C ALA B 596 7.33 26.36 -18.21
N SER B 597 6.15 26.46 -18.80
CA SER B 597 5.20 27.52 -18.46
C SER B 597 4.00 27.02 -17.66
N LEU B 598 4.16 25.90 -16.97
CA LEU B 598 3.09 25.32 -16.17
C LEU B 598 2.55 26.27 -15.08
N PHE B 599 3.43 27.07 -14.50
CA PHE B 599 3.01 27.93 -13.39
C PHE B 599 2.48 29.28 -13.85
N GLN B 600 2.27 29.48 -15.14
CA GLN B 600 1.96 30.82 -15.65
C GLN B 600 0.72 31.46 -15.03
N ASN B 601 -0.28 30.63 -14.72
CA ASN B 601 -1.54 31.12 -14.17
C ASN B 601 -1.66 31.17 -12.65
N LEU B 602 -0.68 30.63 -11.94
CA LEU B 602 -0.82 30.53 -10.49
C LEU B 602 -0.41 31.84 -9.81
N LYS B 603 -1.10 32.92 -10.20
CA LYS B 603 -0.74 34.27 -9.79
C LYS B 603 -1.10 34.55 -8.34
N ARG B 604 -1.86 33.65 -7.72
CA ARG B 604 -2.18 33.77 -6.30
C ARG B 604 -1.52 32.73 -5.39
N LEU B 605 -0.59 31.96 -5.95
CA LEU B 605 0.12 30.94 -5.19
C LEU B 605 1.02 31.55 -4.09
N LYS B 606 0.86 31.10 -2.86
CA LYS B 606 1.68 31.59 -1.76
C LYS B 606 2.76 30.59 -1.33
N ILE B 607 2.48 29.30 -1.51
CA ILE B 607 3.36 28.25 -1.02
C ILE B 607 3.66 27.24 -2.12
N LEU B 608 4.95 26.94 -2.30
CA LEU B 608 5.36 25.97 -3.30
C LEU B 608 6.42 25.08 -2.72
N ARG B 609 6.09 23.80 -2.57
CA ARG B 609 7.05 22.84 -2.07
C ARG B 609 7.38 21.76 -3.12
N LEU B 610 8.65 21.70 -3.49
CA LEU B 610 9.14 20.83 -4.54
C LEU B 610 10.30 20.04 -3.96
N GLU B 611 10.13 19.58 -2.72
CA GLU B 611 11.19 18.94 -1.94
C GLU B 611 11.43 17.48 -2.24
N ASN B 612 12.63 17.01 -1.90
CA ASN B 612 12.96 15.61 -2.00
C ASN B 612 12.69 15.03 -3.37
N ASN B 613 13.06 15.77 -4.41
CA ASN B 613 12.84 15.34 -5.77
C ASN B 613 14.14 15.04 -6.49
N ASN B 614 15.26 15.12 -5.76
CA ASN B 614 16.58 14.90 -6.35
C ASN B 614 16.80 15.71 -7.62
N LEU B 615 16.25 16.92 -7.65
CA LEU B 615 16.44 17.86 -8.75
C LEU B 615 17.90 18.26 -8.95
N GLU B 616 18.34 18.25 -10.20
CA GLU B 616 19.71 18.60 -10.53
C GLU B 616 19.81 20.00 -11.09
N SER B 617 18.71 20.51 -11.66
CA SER B 617 18.73 21.80 -12.32
C SER B 617 17.41 22.49 -12.09
N LEU B 618 17.35 23.78 -12.40
CA LEU B 618 16.08 24.51 -12.41
C LEU B 618 15.81 25.03 -13.82
N VAL B 619 14.57 24.88 -14.28
CA VAL B 619 14.17 25.33 -15.61
C VAL B 619 14.04 26.84 -15.65
N PRO B 620 14.72 27.50 -16.59
CA PRO B 620 14.67 28.97 -16.65
C PRO B 620 13.25 29.51 -16.82
N ASP B 621 12.95 30.55 -16.04
CA ASP B 621 11.65 31.24 -16.04
C ASP B 621 10.43 30.45 -15.55
N MET B 622 10.65 29.29 -14.94
CA MET B 622 9.53 28.46 -14.51
C MET B 622 8.69 29.15 -13.44
N PHE B 623 9.36 29.95 -12.61
CA PHE B 623 8.78 30.57 -11.43
C PHE B 623 8.62 32.08 -11.55
N SER B 624 8.95 32.63 -12.71
CA SER B 624 8.99 34.07 -12.94
C SER B 624 7.64 34.77 -12.79
N SER B 625 6.56 34.00 -12.81
CA SER B 625 5.24 34.57 -12.70
C SER B 625 4.64 34.54 -11.30
N LEU B 626 5.30 33.86 -10.37
CA LEU B 626 4.74 33.69 -9.04
C LEU B 626 4.86 34.93 -8.13
N GLN B 627 4.05 35.94 -8.43
CA GLN B 627 4.04 37.21 -7.70
C GLN B 627 3.82 37.03 -6.21
N SER B 628 2.82 36.23 -5.87
CA SER B 628 2.40 36.08 -4.49
C SER B 628 3.18 35.02 -3.72
N LEU B 629 4.16 34.41 -4.36
CA LEU B 629 4.92 33.36 -3.69
C LEU B 629 5.66 33.88 -2.47
N GLN B 630 5.36 33.29 -1.32
CA GLN B 630 6.01 33.67 -0.08
C GLN B 630 6.95 32.56 0.40
N VAL B 631 6.51 31.32 0.24
CA VAL B 631 7.30 30.18 0.68
C VAL B 631 7.69 29.33 -0.51
N PHE B 632 8.99 29.16 -0.70
CA PHE B 632 9.50 28.40 -1.83
C PHE B 632 10.49 27.43 -1.24
N SER B 633 10.17 26.14 -1.26
CA SER B 633 11.09 25.15 -0.71
C SER B 633 11.61 24.15 -1.71
N LEU B 634 12.93 24.04 -1.78
CA LEU B 634 13.61 23.10 -2.66
C LEU B 634 14.50 22.21 -1.82
N ARG B 635 14.09 22.10 -0.56
CA ARG B 635 14.74 21.28 0.44
C ARG B 635 14.98 19.87 -0.08
N PHE B 636 16.17 19.35 0.18
CA PHE B 636 16.51 17.98 -0.19
C PHE B 636 16.43 17.68 -1.70
N ASN B 637 17.16 18.46 -2.49
CA ASN B 637 17.39 18.12 -3.89
C ASN B 637 18.90 18.08 -4.14
N ASN B 638 19.30 18.05 -5.41
CA ASN B 638 20.71 18.00 -5.77
C ASN B 638 21.17 19.27 -6.49
N LEU B 639 20.57 20.41 -6.14
CA LEU B 639 20.92 21.68 -6.76
C LEU B 639 22.35 22.12 -6.42
N LYS B 640 23.10 22.52 -7.45
CA LYS B 640 24.50 22.92 -7.31
C LYS B 640 24.67 24.42 -7.34
N VAL B 641 23.75 25.09 -8.03
CA VAL B 641 23.82 26.52 -8.22
C VAL B 641 22.44 27.13 -8.09
N ILE B 642 22.37 28.25 -7.39
CA ILE B 642 21.19 29.06 -7.48
C ILE B 642 21.68 30.46 -7.75
N ASN B 643 20.93 31.23 -8.52
CA ASN B 643 21.37 32.55 -8.93
C ASN B 643 20.21 33.49 -9.26
N GLN B 644 20.52 34.71 -9.71
CA GLN B 644 19.49 35.74 -9.93
C GLN B 644 18.35 35.27 -10.85
N SER B 645 18.68 34.40 -11.78
CA SER B 645 17.73 33.85 -12.74
C SER B 645 16.54 33.18 -12.06
N HIS B 646 16.85 32.31 -11.10
CA HIS B 646 15.84 31.50 -10.43
C HIS B 646 14.85 32.31 -9.59
N LEU B 647 15.36 33.36 -8.96
CA LEU B 647 14.55 34.14 -8.02
C LEU B 647 13.94 35.37 -8.67
N LYS B 648 14.11 35.47 -9.98
CA LYS B 648 13.55 36.57 -10.76
C LYS B 648 12.07 36.80 -10.50
N ASN B 649 11.74 38.05 -10.21
CA ASN B 649 10.35 38.52 -10.03
C ASN B 649 9.63 38.00 -8.79
N LEU B 650 10.35 37.29 -7.93
CA LEU B 650 9.73 36.78 -6.71
C LEU B 650 9.57 37.89 -5.65
N LYS B 651 8.65 38.82 -5.93
CA LYS B 651 8.44 40.02 -5.12
C LYS B 651 7.94 39.79 -3.69
N SER B 652 7.15 38.75 -3.48
CA SER B 652 6.55 38.54 -2.16
C SER B 652 7.32 37.52 -1.35
N LEU B 653 8.41 37.02 -1.91
CA LEU B 653 9.16 35.96 -1.27
C LEU B 653 9.57 36.36 0.15
N MET B 654 9.46 35.41 1.08
CA MET B 654 9.99 35.66 2.42
C MET B 654 10.62 34.42 3.06
N PHE B 655 10.60 33.31 2.33
CA PHE B 655 11.16 32.06 2.82
C PHE B 655 11.60 31.25 1.61
N PHE B 656 12.90 30.95 1.53
CA PHE B 656 13.43 30.24 0.38
C PHE B 656 14.37 29.18 0.91
N ASP B 657 13.98 27.93 0.72
CA ASP B 657 14.62 26.83 1.43
C ASP B 657 15.42 25.99 0.47
N VAL B 658 16.72 25.98 0.65
CA VAL B 658 17.52 25.18 -0.25
C VAL B 658 18.52 24.36 0.57
N TYR B 659 18.12 24.14 1.82
CA TYR B 659 18.81 23.25 2.76
C TYR B 659 18.86 21.85 2.17
N GLY B 660 19.88 21.09 2.54
CA GLY B 660 20.03 19.73 2.06
C GLY B 660 20.34 19.60 0.57
N ASN B 661 20.83 20.66 -0.06
CA ASN B 661 21.22 20.57 -1.46
C ASN B 661 22.72 20.33 -1.64
N LYS B 662 23.27 20.65 -2.81
CA LYS B 662 24.70 20.43 -3.11
C LYS B 662 25.34 21.72 -3.63
N LEU B 663 25.08 22.83 -2.94
CA LEU B 663 25.54 24.14 -3.39
C LEU B 663 27.06 24.27 -3.42
N GLN B 664 27.60 24.66 -4.57
CA GLN B 664 29.07 24.68 -4.73
C GLN B 664 29.72 25.98 -4.27
N CYS B 665 30.85 25.85 -3.57
CA CYS B 665 31.67 26.99 -3.18
C CYS B 665 32.53 27.39 -4.38
N THR B 666 31.90 28.04 -5.35
CA THR B 666 32.55 28.53 -6.55
C THR B 666 31.99 29.91 -6.83
N CYS B 667 32.39 30.52 -7.94
CA CYS B 667 31.95 31.85 -8.30
C CYS B 667 30.50 31.89 -8.77
N ASP B 668 29.99 30.74 -9.18
CA ASP B 668 28.60 30.64 -9.63
C ASP B 668 27.62 30.99 -8.52
N ASN B 669 28.05 30.77 -7.27
CA ASN B 669 27.18 31.04 -6.14
C ASN B 669 27.50 32.35 -5.43
N LEU B 670 28.33 33.18 -6.06
CA LEU B 670 28.67 34.46 -5.48
C LEU B 670 27.45 35.34 -5.28
N TRP B 671 26.60 35.45 -6.31
CA TRP B 671 25.41 36.26 -6.17
C TRP B 671 24.51 35.73 -5.04
N PHE B 672 24.33 34.42 -5.00
CA PHE B 672 23.48 33.81 -3.99
C PHE B 672 24.00 34.03 -2.57
N LYS B 673 25.30 33.80 -2.38
CA LYS B 673 25.92 34.00 -1.08
C LYS B 673 25.74 35.44 -0.58
N ASN B 674 25.99 36.41 -1.44
CA ASN B 674 25.85 37.79 -1.01
C ASN B 674 24.40 38.17 -0.76
N TRP B 675 23.51 37.68 -1.62
CA TRP B 675 22.09 37.99 -1.49
C TRP B 675 21.46 37.29 -0.29
N SER B 676 21.79 36.02 -0.09
CA SER B 676 21.19 35.26 1.00
C SER B 676 21.61 35.74 2.38
N MET B 677 22.86 36.17 2.50
CA MET B 677 23.34 36.66 3.79
C MET B 677 22.80 38.05 4.12
N ASN B 678 22.54 38.85 3.10
CA ASN B 678 22.21 40.25 3.30
C ASN B 678 20.75 40.62 3.25
N THR B 679 19.95 39.90 2.46
CA THR B 679 18.54 40.24 2.36
C THR B 679 17.84 40.12 3.71
N GLU B 680 16.99 41.09 4.05
CA GLU B 680 16.23 41.02 5.29
C GLU B 680 14.77 40.68 5.02
N GLU B 681 14.44 40.56 3.75
CA GLU B 681 13.09 40.28 3.33
C GLU B 681 12.88 38.75 3.30
N VAL B 682 13.96 38.00 3.05
CA VAL B 682 13.84 36.56 2.86
C VAL B 682 14.67 35.72 3.82
N HIS B 683 14.04 34.81 4.54
CA HIS B 683 14.76 33.89 5.40
C HIS B 683 15.22 32.63 4.67
N ILE B 684 16.41 32.15 4.98
CA ILE B 684 16.97 30.98 4.30
C ILE B 684 17.48 29.97 5.32
N PRO B 685 16.68 28.92 5.57
CA PRO B 685 16.87 27.92 6.62
C PRO B 685 18.26 27.33 6.65
N PHE B 686 18.96 27.47 7.78
CA PHE B 686 20.25 26.81 8.04
C PHE B 686 21.36 27.29 7.11
N LEU B 687 21.13 28.43 6.46
CA LEU B 687 22.06 29.03 5.53
C LEU B 687 23.51 28.97 6.00
N ARG B 688 23.77 29.40 7.25
CA ARG B 688 25.13 29.47 7.78
C ARG B 688 25.71 28.09 8.08
N SER B 689 24.99 27.03 7.77
CA SER B 689 25.52 25.68 7.99
C SER B 689 25.92 25.02 6.68
N TYR B 690 25.50 25.61 5.56
CA TYR B 690 25.70 24.99 4.24
C TYR B 690 27.19 24.74 3.97
N PRO B 691 27.56 23.46 3.80
CA PRO B 691 28.95 23.05 3.63
C PRO B 691 29.42 23.04 2.18
N CYS B 692 30.74 23.12 2.00
CA CYS B 692 31.37 23.01 0.71
C CYS B 692 31.39 21.56 0.23
N GLN B 693 31.24 21.37 -1.07
CA GLN B 693 31.06 20.02 -1.63
C GLN B 693 32.31 19.16 -1.66
N GLN B 694 33.47 19.78 -1.42
CA GLN B 694 34.74 19.05 -1.36
C GLN B 694 34.64 17.95 -0.32
N PRO B 695 34.92 16.69 -0.72
CA PRO B 695 34.79 15.51 0.15
C PRO B 695 35.42 15.67 1.54
N GLY B 696 36.48 16.46 1.66
CA GLY B 696 37.08 16.76 2.95
C GLY B 696 36.20 17.61 3.84
N SER B 697 35.29 18.37 3.23
CA SER B 697 34.38 19.28 3.93
C SER B 697 35.11 20.29 4.81
N GLN B 698 34.67 20.39 6.06
CA GLN B 698 35.28 21.28 7.05
C GLN B 698 35.34 22.75 6.62
N SER B 699 34.38 23.17 5.80
CA SER B 699 34.35 24.53 5.27
C SER B 699 32.91 24.92 4.87
N LEU B 700 32.58 26.21 4.95
CA LEU B 700 31.21 26.66 4.73
C LEU B 700 31.07 27.60 3.57
N LEU B 701 29.96 27.47 2.85
CA LEU B 701 29.59 28.38 1.78
C LEU B 701 29.59 29.81 2.29
N ILE B 702 29.29 29.96 3.58
CA ILE B 702 29.11 31.26 4.18
C ILE B 702 30.44 32.04 4.20
N ASP B 703 31.53 31.28 4.26
CA ASP B 703 32.87 31.85 4.31
C ASP B 703 33.60 31.53 3.03
N PHE B 704 33.12 32.07 1.91
CA PHE B 704 33.70 31.74 0.61
C PHE B 704 34.48 32.88 -0.05
N ASP B 705 35.75 32.61 -0.33
CA ASP B 705 36.68 33.48 -1.07
C ASP B 705 36.22 34.88 -1.45
N ASP B 706 35.62 34.97 -2.64
CA ASP B 706 35.18 36.21 -3.31
C ASP B 706 36.31 36.79 -4.16
N ALA B 707 37.56 36.53 -3.76
CA ALA B 707 38.71 37.21 -4.34
C ALA B 707 38.96 36.97 -5.85
N MET B 708 38.73 35.75 -6.32
CA MET B 708 39.02 35.40 -7.72
C MET B 708 37.86 35.73 -8.65
N CYS B 709 36.74 36.15 -8.08
CA CYS B 709 35.50 36.33 -8.84
C CYS B 709 35.28 37.78 -9.22
C1 NAG E . 13.07 -9.94 -26.26
C2 NAG E . 12.03 -10.10 -25.12
C3 NAG E . 12.46 -11.18 -24.14
C4 NAG E . 12.72 -12.47 -24.89
C5 NAG E . 13.84 -12.16 -25.87
C6 NAG E . 14.34 -13.41 -26.58
C7 NAG E . 10.91 -8.00 -24.60
C8 NAG E . 10.78 -6.85 -23.62
N2 NAG E . 11.83 -8.91 -24.32
O3 NAG E . 11.51 -11.33 -23.13
O4 NAG E . 13.10 -13.51 -24.01
O5 NAG E . 13.34 -11.21 -26.80
O6 NAG E . 15.07 -13.03 -27.73
O7 NAG E . 10.24 -8.05 -25.63
C1 NAG E . 12.21 -14.38 -23.24
C2 NAG E . 12.73 -15.79 -23.08
C3 NAG E . 11.88 -16.57 -22.07
C4 NAG E . 11.75 -15.83 -20.73
C5 NAG E . 11.22 -14.43 -21.03
C6 NAG E . 11.22 -13.54 -19.80
C7 NAG E . 13.91 -16.68 -25.07
C8 NAG E . 13.76 -17.27 -26.46
N2 NAG E . 12.77 -16.44 -24.39
O3 NAG E . 12.49 -17.82 -21.86
O4 NAG E . 10.97 -16.51 -19.73
O5 NAG E . 12.01 -13.74 -21.99
O6 NAG E . 10.87 -12.25 -20.26
O7 NAG E . 15.04 -16.43 -24.61
C1 NAG F . -13.26 -21.39 -29.02
C2 NAG F . -12.52 -21.87 -27.78
C3 NAG F . -12.59 -20.85 -26.65
C4 NAG F . -12.21 -19.48 -27.17
C5 NAG F . -13.20 -19.18 -28.29
C6 NAG F . -13.16 -17.75 -28.80
C7 NAG F . -12.32 -24.18 -27.22
C8 NAG F . -12.91 -25.44 -26.67
N2 NAG F . -13.11 -23.12 -27.35
O3 NAG F . -11.75 -21.23 -25.58
O4 NAG F . -12.23 -18.53 -26.14
O5 NAG F . -12.90 -20.06 -29.33
O6 NAG F . -11.81 -17.37 -28.86
O7 NAG F . -11.13 -24.10 -27.53
C1 NAG F . -11.04 -18.00 -25.46
C2 NAG F . -11.19 -16.64 -24.79
C3 NAG F . -10.00 -16.28 -23.90
C4 NAG F . -9.71 -17.44 -22.96
C5 NAG F . -9.48 -18.70 -23.81
C6 NAG F . -9.08 -19.90 -22.97
C7 NAG F . -12.65 -15.12 -25.98
C8 NAG F . -12.80 -14.06 -27.03
N2 NAG F . -11.43 -15.62 -25.80
O3 NAG F . -10.28 -15.11 -23.14
O4 NAG F . -8.61 -17.14 -22.11
O5 NAG F . -10.65 -19.00 -24.53
O6 NAG F . -10.22 -20.44 -22.34
O7 NAG F . -13.63 -15.50 -25.33
C1 NAG G . -14.48 -43.82 -13.81
C2 NAG G . -15.15 -44.52 -15.00
C3 NAG G . -14.58 -45.93 -15.22
C4 NAG G . -13.05 -45.92 -15.19
C5 NAG G . -12.51 -45.18 -13.97
C6 NAG G . -10.97 -45.13 -13.82
C7 NAG G . -17.46 -44.07 -15.75
C8 NAG G . -18.90 -43.97 -15.36
N2 NAG G . -16.61 -44.56 -14.85
O3 NAG G . -15.03 -46.47 -16.44
O4 NAG G . -12.59 -47.26 -15.22
O5 NAG G . -13.07 -43.87 -13.94
O6 NAG G . -10.24 -44.42 -14.80
O7 NAG G . -17.14 -43.71 -16.88
C1 NAG G . -11.63 -47.57 -16.27
C2 NAG G . -11.04 -48.90 -15.78
C3 NAG G . -9.97 -49.42 -16.72
C4 NAG G . -10.47 -49.45 -18.15
C5 NAG G . -11.08 -48.09 -18.55
C6 NAG G . -11.83 -48.15 -19.87
C7 NAG G . -11.03 -49.41 -13.38
C8 NAG G . -10.43 -49.06 -12.04
N2 NAG G . -10.50 -48.80 -14.44
O3 NAG G . -9.70 -50.73 -16.27
O4 NAG G . -9.46 -49.96 -19.04
O5 NAG G . -12.07 -47.67 -17.61
O6 NAG G . -12.99 -48.92 -19.70
O7 NAG G . -11.98 -50.18 -13.46
C1 NAG H . 8.53 23.21 18.74
C2 NAG H . 7.59 22.06 18.31
C3 NAG H . 6.30 22.57 17.65
C4 NAG H . 5.65 23.69 18.47
C5 NAG H . 6.73 24.75 18.74
C6 NAG H . 6.20 25.94 19.53
C7 NAG H . 8.66 19.90 17.83
C8 NAG H . 9.07 18.91 16.76
N2 NAG H . 8.25 21.11 17.43
O3 NAG H . 5.42 21.48 17.44
O4 NAG H . 4.56 24.27 17.79
O5 NAG H . 7.82 24.19 19.45
O6 NAG H . 7.27 26.83 19.72
O7 NAG H . 8.72 19.57 19.02
C1 NAG H . 3.18 23.72 17.74
C2 NAG H . 2.14 24.82 17.92
C3 NAG H . 0.70 24.34 17.66
C4 NAG H . 0.56 23.49 16.38
C5 NAG H . 1.64 22.40 16.44
C6 NAG H . 1.72 21.53 15.18
C7 NAG H . 2.68 26.74 19.35
C8 NAG H . 2.71 27.33 20.74
N2 NAG H . 2.29 25.46 19.24
O3 NAG H . -0.02 25.53 17.54
O4 NAG H . -0.77 22.98 16.11
O5 NAG H . 2.93 23.00 16.55
O6 NAG H . 2.84 20.66 15.24
O7 NAG H . 2.98 27.42 18.36
C1 NAG I . 2.65 6.71 34.06
C2 NAG I . 2.45 7.43 32.72
C3 NAG I . 1.56 6.60 31.79
C4 NAG I . 2.11 5.19 31.69
C5 NAG I . 2.14 4.62 33.10
C6 NAG I . 2.49 3.14 33.10
C7 NAG I . 2.36 9.86 32.78
C8 NAG I . 1.46 11.05 32.71
N2 NAG I . 1.77 8.68 32.91
O3 NAG I . 1.47 7.26 30.55
O4 NAG I . 1.29 4.39 30.87
O5 NAG I . 3.07 5.37 33.86
O6 NAG I . 3.77 2.97 32.56
O7 NAG I . 3.58 9.97 32.74
C1 NAG I . 1.47 3.68 29.61
C2 NAG I . 0.70 2.54 28.95
C3 NAG I . 1.44 1.91 27.77
C4 NAG I . 2.16 2.93 26.90
C5 NAG I . 2.92 3.90 27.79
C6 NAG I . 3.79 4.89 27.01
C7 NAG I . -0.58 1.69 30.84
C8 NAG I . -0.46 0.80 32.04
N2 NAG I . 0.41 1.53 29.95
O3 NAG I . 0.52 1.20 26.96
O4 NAG I . 3.04 2.27 26.01
O5 NAG I . 1.98 4.57 28.64
O6 NAG I . 3.02 5.54 26.02
O7 NAG I . -1.52 2.49 30.71
C1 NAG J . -8.82 8.08 36.54
C2 NAG J . -9.48 8.69 35.31
C3 NAG J . -9.17 7.85 34.05
C4 NAG J . -7.67 7.49 33.95
C5 NAG J . -7.44 6.70 35.22
C6 NAG J . -6.20 5.80 35.25
C7 NAG J . -11.63 9.91 35.45
C8 NAG J . -13.05 9.87 35.95
N2 NAG J . -10.91 8.78 35.58
O3 NAG J . -9.64 8.50 32.88
O4 NAG J . -7.36 6.66 32.83
O5 NAG J . -7.50 7.62 36.27
O6 NAG J . -5.05 6.55 35.44
O7 NAG J . -11.19 10.95 34.95
C1 NAG J . -6.73 7.11 31.60
C2 NAG J . -5.96 6.15 30.71
C3 NAG J . -5.77 6.64 29.27
C4 NAG J . -7.01 7.32 28.71
C5 NAG J . -7.58 8.32 29.73
C6 NAG J . -8.87 8.95 29.24
C7 NAG J . -4.47 4.82 32.01
C8 NAG J . -3.07 4.57 32.50
N2 NAG J . -4.67 5.91 31.29
O3 NAG J . -5.49 5.53 28.47
O4 NAG J . -6.71 7.97 27.49
O5 NAG J . -7.85 7.66 30.96
O6 NAG J . -9.80 7.92 29.03
O7 NAG J . -5.40 4.04 32.28
C1 NAG K . 30.63 -6.76 -41.64
C2 NAG K . 30.51 -5.24 -41.86
C3 NAG K . 31.73 -4.66 -42.57
C4 NAG K . 32.95 -4.99 -41.74
C5 NAG K . 33.07 -6.52 -41.61
C6 NAG K . 34.30 -6.88 -40.78
C7 NAG K . 28.37 -4.11 -42.00
C8 NAG K . 27.41 -3.42 -42.95
N2 NAG K . 29.28 -4.91 -42.55
O3 NAG K . 31.63 -3.26 -42.75
O4 NAG K . 34.12 -4.43 -42.32
O5 NAG K . 31.88 -7.11 -41.06
O6 NAG K . 34.32 -6.12 -39.58
O7 NAG K . 28.27 -3.93 -40.78
C1 NAG L . 5.36 -4.54 -51.23
C2 NAG L . 5.68 -3.63 -50.03
C3 NAG L . 4.86 -2.35 -50.00
C4 NAG L . 4.74 -1.69 -51.37
C5 NAG L . 4.43 -2.72 -52.46
C6 NAG L . 4.44 -2.11 -53.86
C7 NAG L . 6.49 -4.57 -47.94
C8 NAG L . 6.11 -4.80 -46.51
N2 NAG L . 5.50 -4.35 -48.79
O3 NAG L . 5.46 -1.45 -49.10
O4 NAG L . 3.70 -0.75 -51.33
O5 NAG L . 5.39 -3.77 -52.42
O6 NAG L . 5.76 -1.91 -54.32
O7 NAG L . 7.67 -4.61 -48.26
C1 NAG M . -9.60 -10.73 -31.81
C2 NAG M . -8.44 -10.68 -30.82
C3 NAG M . -8.96 -10.65 -29.38
C4 NAG M . -9.88 -9.45 -29.23
C5 NAG M . -11.01 -9.51 -30.27
C6 NAG M . -11.80 -8.21 -30.21
C7 NAG M . -6.38 -11.71 -31.66
C8 NAG M . -5.52 -12.94 -31.73
N2 NAG M . -7.55 -11.81 -31.02
O3 NAG M . -7.91 -10.56 -28.46
O4 NAG M . -10.38 -9.35 -27.90
O5 NAG M . -10.53 -9.69 -31.61
O6 NAG M . -10.88 -7.14 -30.04
O7 NAG M . -5.99 -10.67 -32.22
C1 NAG N . -7.11 -28.81 -30.51
C2 NAG N . -6.73 -27.88 -29.35
C3 NAG N . -6.37 -28.65 -28.09
C4 NAG N . -7.48 -29.60 -27.72
C5 NAG N . -7.76 -30.52 -28.90
C6 NAG N . -8.89 -31.47 -28.51
C7 NAG N . -5.75 -25.75 -29.95
C8 NAG N . -4.50 -24.92 -29.94
N2 NAG N . -5.60 -27.04 -29.68
O3 NAG N . -6.10 -27.73 -27.07
O4 NAG N . -7.12 -30.40 -26.60
O5 NAG N . -8.06 -29.79 -30.08
O6 NAG N . -9.11 -32.42 -29.53
O7 NAG N . -6.85 -25.26 -30.21
C1 NAG O . -32.25 -16.28 -20.92
C2 NAG O . -32.11 -14.80 -21.18
C3 NAG O . -33.53 -14.27 -21.19
C4 NAG O . -34.32 -15.00 -22.28
C5 NAG O . -33.97 -16.50 -22.43
C6 NAG O . -34.26 -17.05 -23.83
C7 NAG O . -30.36 -13.25 -20.45
C8 NAG O . -29.40 -12.89 -19.36
N2 NAG O . -31.24 -14.21 -20.17
O3 NAG O . -33.49 -12.87 -21.38
O4 NAG O . -35.71 -14.88 -22.02
O5 NAG O . -32.61 -16.80 -22.17
O6 NAG O . -33.83 -18.40 -23.87
O7 NAG O . -30.34 -12.64 -21.52
C1 NAG P . -34.54 -26.92 -4.88
C2 NAG P . -35.61 -27.81 -4.22
C3 NAG P . -37.00 -27.15 -4.25
C4 NAG P . -36.94 -25.72 -3.72
C5 NAG P . -35.89 -24.92 -4.48
C6 NAG P . -35.73 -23.50 -3.89
C7 NAG P . -35.49 -30.28 -4.33
C8 NAG P . -36.09 -31.45 -5.06
N2 NAG P . -35.65 -29.08 -4.92
O3 NAG P . -37.93 -27.87 -3.47
O4 NAG P . -38.23 -25.13 -3.84
O5 NAG P . -34.62 -25.56 -4.48
O6 NAG P . -35.11 -23.50 -2.62
O7 NAG P . -34.90 -30.47 -3.27
C1 NAG Q . -26.76 -35.14 1.20
C2 NAG Q . -25.94 -36.13 2.02
C3 NAG Q . -26.61 -36.48 3.36
C4 NAG Q . -27.06 -35.20 4.07
C5 NAG Q . -27.95 -34.42 3.10
C6 NAG Q . -28.64 -33.21 3.72
C7 NAG Q . -24.46 -37.81 0.94
C8 NAG Q . -24.42 -39.22 0.41
N2 NAG Q . -25.68 -37.34 1.25
O3 NAG Q . -25.72 -37.22 4.18
O4 NAG Q . -27.75 -35.50 5.27
O5 NAG Q . -27.13 -34.03 2.01
O6 NAG Q . -27.75 -32.13 3.90
O7 NAG Q . -23.41 -37.16 1.07
C1 NAG R . 25.54 -25.75 0.41
C2 NAG R . 24.93 -25.99 1.79
C3 NAG R . 25.32 -27.34 2.34
C4 NAG R . 25.20 -28.48 1.32
C5 NAG R . 25.73 -28.08 -0.06
C6 NAG R . 25.36 -29.15 -1.09
C7 NAG R . 24.71 -24.61 3.81
C8 NAG R . 25.48 -23.89 4.86
N2 NAG R . 25.38 -24.96 2.71
O3 NAG R . 24.49 -27.62 3.44
O4 NAG R . 25.94 -29.60 1.76
O5 NAG R . 25.22 -26.81 -0.46
O6 NAG R . 25.97 -30.38 -0.78
O7 NAG R . 23.51 -24.84 3.98
C1 NAG S . 21.03 4.45 -41.86
C2 NAG S . 20.44 4.96 -43.19
C3 NAG S . 21.45 4.94 -44.34
C4 NAG S . 22.83 5.43 -43.93
C5 NAG S . 23.28 4.76 -42.63
C6 NAG S . 24.66 5.23 -42.19
C7 NAG S . 18.03 4.73 -43.50
C8 NAG S . 16.88 3.78 -43.26
N2 NAG S . 19.26 4.20 -43.54
O3 NAG S . 20.95 5.76 -45.39
O4 NAG S . 23.76 5.18 -44.96
O5 NAG S . 22.33 4.99 -41.61
O6 NAG S . 24.76 6.64 -42.13
O7 NAG S . 17.80 5.93 -43.65
C1 NAG T . 24.25 39.78 22.69
C2 NAG T . 25.59 39.04 22.64
C3 NAG T . 26.84 39.92 22.50
C4 NAG T . 26.60 41.09 21.55
C5 NAG T . 25.31 41.79 21.98
C6 NAG T . 25.04 43.07 21.19
C7 NAG T . 25.79 36.87 23.68
C8 NAG T . 26.25 36.09 24.88
N2 NAG T . 25.75 38.19 23.81
O3 NAG T . 27.93 39.13 22.05
O4 NAG T . 27.69 41.99 21.55
O5 NAG T . 24.23 40.88 21.81
O6 NAG T . 24.75 42.76 19.85
O7 NAG T . 25.48 36.29 22.64
C1 NAG U . 6.71 41.56 27.45
C2 NAG U . 7.38 42.52 26.46
C3 NAG U . 6.59 43.81 26.29
C4 NAG U . 5.17 43.47 25.89
C5 NAG U . 4.57 42.61 27.00
C6 NAG U . 3.09 42.29 26.75
C7 NAG U . 9.81 42.24 26.41
C8 NAG U . 10.87 41.91 27.41
N2 NAG U . 8.73 42.85 26.88
O3 NAG U . 7.20 44.61 25.31
O4 NAG U . 4.43 44.65 25.68
O5 NAG U . 5.33 41.41 27.16
O6 NAG U . 2.81 42.22 25.37
O7 NAG U . 9.95 41.95 25.22
C1 NAG V . 21.86 20.96 41.78
C2 NAG V . 22.18 20.44 40.36
C3 NAG V . 23.03 19.17 40.33
C4 NAG V . 24.03 19.07 41.49
C5 NAG V . 23.37 19.47 42.80
C6 NAG V . 24.34 19.38 44.00
C7 NAG V . 20.61 20.98 38.62
C8 NAG V . 19.49 20.51 37.75
N2 NAG V . 20.92 20.21 39.67
O3 NAG V . 23.73 19.14 39.10
O4 NAG V . 24.51 17.75 41.60
O5 NAG V . 22.93 20.80 42.66
O6 NAG V . 25.36 20.35 43.85
O7 NAG V . 21.22 22.01 38.35
C1 NAG W . -4.38 10.85 60.09
C2 NAG W . -5.05 9.91 61.09
C3 NAG W . -5.01 10.38 62.55
C4 NAG W . -3.65 10.94 62.91
C5 NAG W . -3.27 11.99 61.89
C6 NAG W . -1.92 12.62 62.17
C7 NAG W . -6.90 8.51 60.51
C8 NAG W . -8.32 8.38 60.03
N2 NAG W . -6.44 9.73 60.70
O3 NAG W . -5.33 9.34 63.44
O4 NAG W . -3.72 11.47 64.21
O5 NAG W . -3.19 11.43 60.59
O6 NAG W . -1.61 13.44 61.06
O7 NAG W . -6.21 7.52 60.74
C1 NAG X . -11.68 17.46 37.10
C2 NAG X . -11.30 16.95 35.71
C3 NAG X . -12.36 17.18 34.63
C4 NAG X . -13.74 16.71 35.08
C5 NAG X . -14.02 17.25 36.48
C6 NAG X . -15.34 16.67 36.98
C7 NAG X . -9.01 16.67 35.14
C8 NAG X . -7.72 17.22 34.62
N2 NAG X . -10.05 17.50 35.21
O3 NAG X . -11.99 16.44 33.49
O4 NAG X . -14.72 17.18 34.17
O5 NAG X . -12.97 16.95 37.40
O6 NAG X . -15.70 17.26 38.21
O7 NAG X . -9.10 15.50 35.50
C1 NAG Y . -14.29 -11.48 37.03
C2 NAG Y . -13.18 -12.45 36.62
C3 NAG Y . -13.52 -13.90 36.96
C4 NAG Y . -14.05 -14.06 38.38
C5 NAG Y . -15.08 -12.97 38.69
C6 NAG Y . -15.47 -13.02 40.16
C7 NAG Y . -11.59 -12.34 34.82
C8 NAG Y . -11.31 -12.23 33.35
N2 NAG Y . -12.85 -12.37 35.21
O3 NAG Y . -12.31 -14.61 36.84
O4 NAG Y . -14.67 -15.32 38.54
O5 NAG Y . -14.55 -11.69 38.40
O6 NAG Y . -16.02 -11.77 40.48
O7 NAG Y . -10.67 -12.40 35.64
C1 NAG Z . -31.41 -13.34 27.35
C2 NAG Z . -32.56 -14.23 27.81
C3 NAG Z . -32.07 -15.61 28.20
C4 NAG Z . -31.25 -16.23 27.10
C5 NAG Z . -30.09 -15.29 26.78
C6 NAG Z . -29.14 -15.85 25.72
C7 NAG Z . -34.37 -12.89 28.80
C8 NAG Z . -34.81 -12.13 30.01
N2 NAG Z . -33.27 -13.62 28.93
O3 NAG Z . -33.18 -16.43 28.48
O4 NAG Z . -30.76 -17.48 27.51
O5 NAG Z . -30.63 -14.04 26.38
O6 NAG Z . -29.71 -15.88 24.43
O7 NAG Z . -35.01 -12.80 27.74
C1 NAG AA . -38.40 -4.77 20.89
C2 NAG AA . -39.53 -4.00 20.21
C3 NAG AA . -40.62 -4.95 19.71
C4 NAG AA . -40.03 -6.15 18.96
C5 NAG AA . -38.89 -6.76 19.78
C6 NAG AA . -38.24 -7.94 19.05
C7 NAG AA . -39.86 -1.73 21.15
C8 NAG AA . -40.81 -0.88 21.95
N2 NAG AA . -40.12 -3.04 21.13
O3 NAG AA . -41.45 -4.22 18.85
O4 NAG AA . -41.04 -7.10 18.70
O5 NAG AA . -37.90 -5.79 20.03
O6 NAG AA . -37.58 -7.39 17.94
O7 NAG AA . -38.90 -1.21 20.59
C1 NAG BA . -34.60 13.85 30.85
C2 NAG BA . -34.99 13.99 32.33
C3 NAG BA . -35.80 15.26 32.62
C4 NAG BA . -35.21 16.49 31.94
C5 NAG BA . -35.02 16.15 30.45
C6 NAG BA . -34.52 17.30 29.58
C7 NAG BA . -35.04 12.09 33.78
C8 NAG BA . -35.70 10.89 34.37
N2 NAG BA . -35.66 12.80 32.84
O3 NAG BA . -35.82 15.48 34.02
O4 NAG BA . -35.99 17.65 32.22
O5 NAG BA . -34.11 15.08 30.33
O6 NAG BA . -33.25 17.75 30.00
O7 NAG BA . -33.92 12.40 34.18
C1 NAG CA . -11.47 32.73 -6.10
C2 NAG CA . -12.96 32.47 -6.37
C3 NAG CA . -13.89 33.66 -6.15
C4 NAG CA . -13.41 34.58 -5.04
C5 NAG CA . -11.97 34.96 -5.34
C6 NAG CA . -11.43 36.03 -4.38
C7 NAG CA . -13.53 30.86 -8.09
C8 NAG CA . -13.18 30.39 -9.47
N2 NAG CA . -13.07 32.07 -7.76
O3 NAG CA . -15.19 33.21 -5.83
O4 NAG CA . -14.23 35.74 -4.98
O5 NAG CA . -11.16 33.80 -5.25
O6 NAG CA . -11.06 35.44 -3.16
O7 NAG CA . -14.20 30.18 -7.32
C1 NAG DA . 30.19 27.00 24.25
C2 NAG DA . 30.84 26.85 25.62
C3 NAG DA . 31.41 28.15 26.19
C4 NAG DA . 32.23 28.87 25.14
C5 NAG DA . 31.36 29.10 23.91
C6 NAG DA . 32.07 29.96 22.87
C7 NAG DA . 29.93 25.15 27.10
C8 NAG DA . 28.81 24.78 28.03
N2 NAG DA . 29.83 26.34 26.52
O3 NAG DA . 32.20 27.98 27.37
O4 NAG DA . 32.66 30.10 25.69
O5 NAG DA . 30.93 27.85 23.37
O6 NAG DA . 32.61 29.18 21.81
O7 NAG DA . 30.87 24.38 26.90
#